data_2BWQ
# 
_entry.id   2BWQ 
# 
_audit_conform.dict_name       mmcif_pdbx.dic 
_audit_conform.dict_version    5.382 
_audit_conform.dict_location   http://mmcif.pdb.org/dictionaries/ascii/mmcif_pdbx.dic 
# 
loop_
_database_2.database_id 
_database_2.database_code 
_database_2.pdbx_database_accession 
_database_2.pdbx_DOI 
PDB   2BWQ         pdb_00002bwq 10.2210/pdb2bwq/pdb 
PDBE  EBI-21737    ?            ?                   
WWPDB D_1290021737 ?            ?                   
# 
_pdbx_database_status.status_code                     REL 
_pdbx_database_status.entry_id                        2BWQ 
_pdbx_database_status.deposit_site                    PDBE 
_pdbx_database_status.process_site                    PDBE 
_pdbx_database_status.SG_entry                        . 
_pdbx_database_status.recvd_initial_deposition_date   2005-07-15 
_pdbx_database_status.pdb_format_compatible           Y 
_pdbx_database_status.status_code_sf                  REL 
_pdbx_database_status.status_code_mr                  ? 
_pdbx_database_status.status_code_cs                  ? 
_pdbx_database_status.methods_development_category    ? 
_pdbx_database_status.status_code_nmr_data            ? 
# 
loop_
_audit_author.name 
_audit_author.pdbx_ordinal 
'Dai, H.'        1 
'Tomchick, D.R.' 2 
'Garcia, J.'     3 
'Sudhof, T.C.'   4 
'Machius, M.'    5 
'Rizo, J.'       6 
# 
_citation.id                        primary 
_citation.title                     'Crystal Structure of the Rim2 C(2)A-Domain at 1.4 A Resolution.' 
_citation.journal_abbrev            Biochemistry 
_citation.journal_volume            44 
_citation.page_first                13533 
_citation.page_last                 ? 
_citation.year                      2005 
_citation.journal_id_ASTM           BICHAW 
_citation.country                   US 
_citation.journal_id_ISSN           0006-2960 
_citation.journal_id_CSD            0033 
_citation.book_publisher            ? 
_citation.pdbx_database_id_PubMed   16216076 
_citation.pdbx_database_id_DOI      10.1021/BI0513608 
# 
loop_
_citation_author.citation_id 
_citation_author.name 
_citation_author.ordinal 
_citation_author.identifier_ORCID 
primary 'Dai, H.'        1 ? 
primary 'Tomchick, D.R.' 2 ? 
primary 'Garcia, J.'     3 ? 
primary 'Sudhof, T.C.'   4 ? 
primary 'Machius, M.'    5 ? 
primary 'Rizo, J.'       6 ? 
# 
_cell.entry_id           2BWQ 
_cell.length_a           25.455 
_cell.length_b           44.807 
_cell.length_c           55.756 
_cell.angle_alpha        90.00 
_cell.angle_beta         103.86 
_cell.angle_gamma        90.00 
_cell.Z_PDB              2 
_cell.pdbx_unique_axis   ? 
# 
_symmetry.entry_id                         2BWQ 
_symmetry.space_group_name_H-M             'P 1 21 1' 
_symmetry.pdbx_full_space_group_name_H-M   ? 
_symmetry.cell_setting                     ? 
_symmetry.Int_Tables_number                4 
# 
loop_
_entity.id 
_entity.type 
_entity.src_method 
_entity.pdbx_description 
_entity.formula_weight 
_entity.pdbx_number_of_molecules 
_entity.pdbx_ec 
_entity.pdbx_mutation 
_entity.pdbx_fragment 
_entity.details 
1 polymer     man 'REGULATING SYNAPTIC MEMBRANE EXOCYTOSIS PROTEIN 2' 15580.859 1   ? ? 'C2 DOMAIN, RESIDUES 725-853' ? 
2 non-polymer syn 'SULFATE ION'                                       96.063    2   ? ? ?                             ? 
3 water       nat water                                               18.015    110 ? ? ?                             ? 
# 
_entity_name_com.entity_id   1 
_entity_name_com.name        'RAB3-INTERACTING MOLECULE, 2RIM2 C2A DOMAIN' 
# 
_entity_poly.entity_id                      1 
_entity_poly.type                           'polypeptide(L)' 
_entity_poly.nstd_linkage                   no 
_entity_poly.nstd_monomer                   no 
_entity_poly.pdbx_seq_one_letter_code       
;QFLSGQLSIKLWFDKVGHQLIVTILGAKDLPSREDGRPRNPYVKIYFLPDRSDKNKRRTKTVKKTLEPKWNQTFIYSPVH
RREFRERMLEITLWDQARVREEESEFLGEILIELETALLDDEPHWYKLQ
;
_entity_poly.pdbx_seq_one_letter_code_can   
;QFLSGQLSIKLWFDKVGHQLIVTILGAKDLPSREDGRPRNPYVKIYFLPDRSDKNKRRTKTVKKTLEPKWNQTFIYSPVH
RREFRERMLEITLWDQARVREEESEFLGEILIELETALLDDEPHWYKLQ
;
_entity_poly.pdbx_strand_id                 A 
_entity_poly.pdbx_target_identifier         ? 
# 
loop_
_entity_poly_seq.entity_id 
_entity_poly_seq.num 
_entity_poly_seq.mon_id 
_entity_poly_seq.hetero 
1 1   GLN n 
1 2   PHE n 
1 3   LEU n 
1 4   SER n 
1 5   GLY n 
1 6   GLN n 
1 7   LEU n 
1 8   SER n 
1 9   ILE n 
1 10  LYS n 
1 11  LEU n 
1 12  TRP n 
1 13  PHE n 
1 14  ASP n 
1 15  LYS n 
1 16  VAL n 
1 17  GLY n 
1 18  HIS n 
1 19  GLN n 
1 20  LEU n 
1 21  ILE n 
1 22  VAL n 
1 23  THR n 
1 24  ILE n 
1 25  LEU n 
1 26  GLY n 
1 27  ALA n 
1 28  LYS n 
1 29  ASP n 
1 30  LEU n 
1 31  PRO n 
1 32  SER n 
1 33  ARG n 
1 34  GLU n 
1 35  ASP n 
1 36  GLY n 
1 37  ARG n 
1 38  PRO n 
1 39  ARG n 
1 40  ASN n 
1 41  PRO n 
1 42  TYR n 
1 43  VAL n 
1 44  LYS n 
1 45  ILE n 
1 46  TYR n 
1 47  PHE n 
1 48  LEU n 
1 49  PRO n 
1 50  ASP n 
1 51  ARG n 
1 52  SER n 
1 53  ASP n 
1 54  LYS n 
1 55  ASN n 
1 56  LYS n 
1 57  ARG n 
1 58  ARG n 
1 59  THR n 
1 60  LYS n 
1 61  THR n 
1 62  VAL n 
1 63  LYS n 
1 64  LYS n 
1 65  THR n 
1 66  LEU n 
1 67  GLU n 
1 68  PRO n 
1 69  LYS n 
1 70  TRP n 
1 71  ASN n 
1 72  GLN n 
1 73  THR n 
1 74  PHE n 
1 75  ILE n 
1 76  TYR n 
1 77  SER n 
1 78  PRO n 
1 79  VAL n 
1 80  HIS n 
1 81  ARG n 
1 82  ARG n 
1 83  GLU n 
1 84  PHE n 
1 85  ARG n 
1 86  GLU n 
1 87  ARG n 
1 88  MET n 
1 89  LEU n 
1 90  GLU n 
1 91  ILE n 
1 92  THR n 
1 93  LEU n 
1 94  TRP n 
1 95  ASP n 
1 96  GLN n 
1 97  ALA n 
1 98  ARG n 
1 99  VAL n 
1 100 ARG n 
1 101 GLU n 
1 102 GLU n 
1 103 GLU n 
1 104 SER n 
1 105 GLU n 
1 106 PHE n 
1 107 LEU n 
1 108 GLY n 
1 109 GLU n 
1 110 ILE n 
1 111 LEU n 
1 112 ILE n 
1 113 GLU n 
1 114 LEU n 
1 115 GLU n 
1 116 THR n 
1 117 ALA n 
1 118 LEU n 
1 119 LEU n 
1 120 ASP n 
1 121 ASP n 
1 122 GLU n 
1 123 PRO n 
1 124 HIS n 
1 125 TRP n 
1 126 TYR n 
1 127 LYS n 
1 128 LEU n 
1 129 GLN n 
# 
_entity_src_gen.entity_id                          1 
_entity_src_gen.pdbx_src_id                        1 
_entity_src_gen.pdbx_alt_source_flag               sample 
_entity_src_gen.pdbx_seq_type                      ? 
_entity_src_gen.pdbx_beg_seq_num                   ? 
_entity_src_gen.pdbx_end_seq_num                   ? 
_entity_src_gen.gene_src_common_name               RAT 
_entity_src_gen.gene_src_genus                     ? 
_entity_src_gen.pdbx_gene_src_gene                 ? 
_entity_src_gen.gene_src_species                   ? 
_entity_src_gen.gene_src_strain                    ? 
_entity_src_gen.gene_src_tissue                    ? 
_entity_src_gen.gene_src_tissue_fraction           ? 
_entity_src_gen.gene_src_details                   ? 
_entity_src_gen.pdbx_gene_src_fragment             ? 
_entity_src_gen.pdbx_gene_src_scientific_name      'RATTUS NORVEGICUS' 
_entity_src_gen.pdbx_gene_src_ncbi_taxonomy_id     10116 
_entity_src_gen.pdbx_gene_src_variant              ? 
_entity_src_gen.pdbx_gene_src_cell_line            ? 
_entity_src_gen.pdbx_gene_src_atcc                 ? 
_entity_src_gen.pdbx_gene_src_organ                ? 
_entity_src_gen.pdbx_gene_src_organelle            ? 
_entity_src_gen.pdbx_gene_src_cell                 ? 
_entity_src_gen.pdbx_gene_src_cellular_location    ? 
_entity_src_gen.host_org_common_name               ? 
_entity_src_gen.pdbx_host_org_scientific_name      'ESCHERICHIA COLI' 
_entity_src_gen.pdbx_host_org_ncbi_taxonomy_id     511693 
_entity_src_gen.host_org_genus                     ? 
_entity_src_gen.pdbx_host_org_gene                 ? 
_entity_src_gen.pdbx_host_org_organ                ? 
_entity_src_gen.host_org_species                   ? 
_entity_src_gen.pdbx_host_org_tissue               ? 
_entity_src_gen.pdbx_host_org_tissue_fraction      ? 
_entity_src_gen.pdbx_host_org_strain               BL21 
_entity_src_gen.pdbx_host_org_variant              ? 
_entity_src_gen.pdbx_host_org_cell_line            ? 
_entity_src_gen.pdbx_host_org_atcc                 ? 
_entity_src_gen.pdbx_host_org_culture_collection   ? 
_entity_src_gen.pdbx_host_org_cell                 ? 
_entity_src_gen.pdbx_host_org_organelle            ? 
_entity_src_gen.pdbx_host_org_cellular_location    ? 
_entity_src_gen.pdbx_host_org_vector_type          ? 
_entity_src_gen.pdbx_host_org_vector               ? 
_entity_src_gen.host_org_details                   ? 
_entity_src_gen.expression_system_id               ? 
_entity_src_gen.plasmid_name                       PGEX-KG 
_entity_src_gen.plasmid_details                    ? 
_entity_src_gen.pdbx_description                   ? 
# 
_struct_ref.id                         1 
_struct_ref.db_name                    UNP 
_struct_ref.db_code                    RIMS2_RAT 
_struct_ref.entity_id                  1 
_struct_ref.pdbx_seq_one_letter_code   ? 
_struct_ref.pdbx_align_begin           ? 
_struct_ref.pdbx_db_accession          Q9JIS1 
_struct_ref.pdbx_db_isoform            ? 
# 
_struct_ref_seq.align_id                      1 
_struct_ref_seq.ref_id                        1 
_struct_ref_seq.pdbx_PDB_id_code              2BWQ 
_struct_ref_seq.pdbx_strand_id                A 
_struct_ref_seq.seq_align_beg                 1 
_struct_ref_seq.pdbx_seq_align_beg_ins_code   ? 
_struct_ref_seq.seq_align_end                 129 
_struct_ref_seq.pdbx_seq_align_end_ins_code   ? 
_struct_ref_seq.pdbx_db_accession             Q9JIS1 
_struct_ref_seq.db_align_beg                  725 
_struct_ref_seq.pdbx_db_align_beg_ins_code    ? 
_struct_ref_seq.db_align_end                  853 
_struct_ref_seq.pdbx_db_align_end_ins_code    ? 
_struct_ref_seq.pdbx_auth_seq_align_beg       725 
_struct_ref_seq.pdbx_auth_seq_align_end       853 
# 
loop_
_chem_comp.id 
_chem_comp.type 
_chem_comp.mon_nstd_flag 
_chem_comp.name 
_chem_comp.pdbx_synonyms 
_chem_comp.formula 
_chem_comp.formula_weight 
ALA 'L-peptide linking' y ALANINE         ? 'C3 H7 N O2'     89.093  
ARG 'L-peptide linking' y ARGININE        ? 'C6 H15 N4 O2 1' 175.209 
ASN 'L-peptide linking' y ASPARAGINE      ? 'C4 H8 N2 O3'    132.118 
ASP 'L-peptide linking' y 'ASPARTIC ACID' ? 'C4 H7 N O4'     133.103 
GLN 'L-peptide linking' y GLUTAMINE       ? 'C5 H10 N2 O3'   146.144 
GLU 'L-peptide linking' y 'GLUTAMIC ACID' ? 'C5 H9 N O4'     147.129 
GLY 'peptide linking'   y GLYCINE         ? 'C2 H5 N O2'     75.067  
HIS 'L-peptide linking' y HISTIDINE       ? 'C6 H10 N3 O2 1' 156.162 
HOH non-polymer         . WATER           ? 'H2 O'           18.015  
ILE 'L-peptide linking' y ISOLEUCINE      ? 'C6 H13 N O2'    131.173 
LEU 'L-peptide linking' y LEUCINE         ? 'C6 H13 N O2'    131.173 
LYS 'L-peptide linking' y LYSINE          ? 'C6 H15 N2 O2 1' 147.195 
MET 'L-peptide linking' y METHIONINE      ? 'C5 H11 N O2 S'  149.211 
PHE 'L-peptide linking' y PHENYLALANINE   ? 'C9 H11 N O2'    165.189 
PRO 'L-peptide linking' y PROLINE         ? 'C5 H9 N O2'     115.130 
SER 'L-peptide linking' y SERINE          ? 'C3 H7 N O3'     105.093 
SO4 non-polymer         . 'SULFATE ION'   ? 'O4 S -2'        96.063  
THR 'L-peptide linking' y THREONINE       ? 'C4 H9 N O3'     119.119 
TRP 'L-peptide linking' y TRYPTOPHAN      ? 'C11 H12 N2 O2'  204.225 
TYR 'L-peptide linking' y TYROSINE        ? 'C9 H11 N O3'    181.189 
VAL 'L-peptide linking' y VALINE          ? 'C5 H11 N O2'    117.146 
# 
_exptl.entry_id          2BWQ 
_exptl.method            'X-RAY DIFFRACTION' 
_exptl.crystals_number   1 
# 
_exptl_crystal.id                    1 
_exptl_crystal.density_meas          ? 
_exptl_crystal.density_Matthews      1.8 
_exptl_crystal.density_percent_sol   29.7 
_exptl_crystal.description           ? 
# 
_exptl_crystal_grow.crystal_id      1 
_exptl_crystal_grow.method          'VAPOR DIFFUSION, HANGING DROP' 
_exptl_crystal_grow.temp            293 
_exptl_crystal_grow.temp_details    ? 
_exptl_crystal_grow.pH              4.50 
_exptl_crystal_grow.pdbx_pH_range   ? 
_exptl_crystal_grow.pdbx_details    
;RAT RIM2 C2A-DOMAIN (RESIDUES 722-859) DISSOLVED IN 20 MM MES (PH 6.0), 150 MM NACL AND 1 MM EDTA WAS CONCENTRATED TO 25 MG/ML AND CRYSTALLIZED IN 17.5% (W/V) PEG 4000, 0.2 M (NH4)2SO4, 0.1M SODIUM ACETATE (PH 4.5) AT 20 DEGREES C USING THE HANGING-DROP VAPOR-DIFFUSION METHOD. CRYSTALS APPEARED OVERNIGHT AND GREW TO A FINAL SIZE OF 0.05 X 0.05 X 0.1 MM WITHIN TWO DAYS. PRIOR TO DATA COLLECTION, CRYSTALS WERE TRANSFERRED INTO A SOLUTION OF 20% (W/V) PEG 4000, 0.15M NACL, 0.2 M (NH4)2SO4, 0.1M SODIUM ACETATE (PH 4.5) AND 15% (V/V) ETHYLENE GLYCOL, AND THEN FLASH-COOLED IN LIQUID PROPANE.
;
# 
_diffrn.id                     1 
_diffrn.ambient_temp           100.0 
_diffrn.ambient_temp_details   ? 
_diffrn.crystal_id             1 
# 
_diffrn_detector.diffrn_id              1 
_diffrn_detector.detector               CCD 
_diffrn_detector.type                   CUSTOM 
_diffrn_detector.pdbx_collection_date   2004-08-13 
_diffrn_detector.details                ? 
# 
_diffrn_radiation.diffrn_id                        1 
_diffrn_radiation.wavelength_id                    1 
_diffrn_radiation.pdbx_monochromatic_or_laue_m_l   M 
_diffrn_radiation.monochromator                    ? 
_diffrn_radiation.pdbx_diffrn_protocol             'SINGLE WAVELENGTH' 
_diffrn_radiation.pdbx_scattering_type             x-ray 
# 
_diffrn_radiation_wavelength.id           1 
_diffrn_radiation_wavelength.wavelength   1.00691 
_diffrn_radiation_wavelength.wt           1.0 
# 
_diffrn_source.diffrn_id                   1 
_diffrn_source.source                      SYNCHROTRON 
_diffrn_source.type                        'APS BEAMLINE 19-ID' 
_diffrn_source.pdbx_synchrotron_site       APS 
_diffrn_source.pdbx_synchrotron_beamline   19-ID 
_diffrn_source.pdbx_wavelength             1.00691 
_diffrn_source.pdbx_wavelength_list        ? 
# 
_reflns.pdbx_diffrn_id               1 
_reflns.pdbx_ordinal                 1 
_reflns.entry_id                     2BWQ 
_reflns.observed_criterion_sigma_I   -3.000 
_reflns.observed_criterion_sigma_F   ? 
_reflns.d_resolution_low             20.910 
_reflns.d_resolution_high            1.410 
_reflns.number_obs                   23283 
_reflns.number_all                   ? 
_reflns.percent_possible_obs         98.5 
_reflns.pdbx_Rmerge_I_obs            0.02000 
_reflns.pdbx_Rsym_value              ? 
_reflns.pdbx_netI_over_sigmaI        52.9000 
_reflns.B_iso_Wilson_estimate        ? 
_reflns.pdbx_redundancy              4.000 
# 
_reflns_shell.pdbx_diffrn_id         1 
_reflns_shell.pdbx_ordinal           1 
_reflns_shell.d_res_high             1.41 
_reflns_shell.d_res_low              1.43 
_reflns_shell.percent_possible_all   82.0 
_reflns_shell.Rmerge_I_obs           0.18000 
_reflns_shell.pdbx_Rsym_value        ? 
_reflns_shell.meanI_over_sigI_obs    5.200 
_reflns_shell.pdbx_redundancy        2.80 
# 
_refine.pdbx_refine_id                           'X-RAY DIFFRACTION' 
_refine.entry_id                                 2BWQ 
_refine.pdbx_diffrn_id                           1 
_refine.pdbx_TLS_residual_ADP_flag               'LIKELY RESIDUAL' 
_refine.ls_number_reflns_obs                     21884 
_refine.ls_number_reflns_all                     ? 
_refine.pdbx_ls_sigma_I                          ? 
_refine.pdbx_ls_sigma_F                          ? 
_refine.pdbx_data_cutoff_high_absF               ? 
_refine.pdbx_data_cutoff_low_absF                ? 
_refine.pdbx_data_cutoff_high_rms_absF           ? 
_refine.ls_d_res_low                             20.00 
_refine.ls_d_res_high                            1.41 
_refine.ls_percent_reflns_obs                    99.2 
_refine.ls_R_factor_obs                          0.183 
_refine.ls_R_factor_all                          ? 
_refine.ls_R_factor_R_work                       0.181 
_refine.ls_R_factor_R_free                       0.213 
_refine.ls_R_factor_R_free_error                 ? 
_refine.ls_R_factor_R_free_error_details         ? 
_refine.ls_percent_reflns_R_free                 5.900 
_refine.ls_number_reflns_R_free                  1383 
_refine.ls_number_parameters                     ? 
_refine.ls_number_restraints                     ? 
_refine.occupancy_min                            ? 
_refine.occupancy_max                            ? 
_refine.correlation_coeff_Fo_to_Fc               0.961 
_refine.correlation_coeff_Fo_to_Fc_free          0.949 
_refine.B_iso_mean                               17.71 
_refine.aniso_B[1][1]                            0.41000 
_refine.aniso_B[2][2]                            0.41000 
_refine.aniso_B[3][3]                            -0.75000 
_refine.aniso_B[1][2]                            0.00000 
_refine.aniso_B[1][3]                            0.12000 
_refine.aniso_B[2][3]                            0.00000 
_refine.solvent_model_details                    MASK 
_refine.solvent_model_param_ksol                 ? 
_refine.solvent_model_param_bsol                 ? 
_refine.pdbx_solvent_vdw_probe_radii             1.20 
_refine.pdbx_solvent_ion_probe_radii             0.80 
_refine.pdbx_solvent_shrinkage_radii             0.80 
_refine.pdbx_ls_cross_valid_method               THROUGHOUT 
_refine.details                                  'HYDROGENS HAVE BEEN ADDED IN THE RIDING POSITIONS.' 
_refine.pdbx_starting_model                      'PDB ENTRY 1V27' 
_refine.pdbx_method_to_determine_struct          'MOLECULAR REPLACEMENT' 
_refine.pdbx_isotropic_thermal_model             ? 
_refine.pdbx_stereochemistry_target_values       'MAXIMUM LIKELIHOOD' 
_refine.pdbx_stereochem_target_val_spec_case     ? 
_refine.pdbx_R_Free_selection_details            RANDOM 
_refine.pdbx_overall_ESU_R                       0.071 
_refine.pdbx_overall_ESU_R_Free                  0.073 
_refine.overall_SU_ML                            0.041 
_refine.pdbx_overall_phase_error                 ? 
_refine.overall_SU_B                             2.046 
_refine.overall_SU_R_Cruickshank_DPI             ? 
_refine.pdbx_overall_SU_R_free_Cruickshank_DPI   ? 
_refine.pdbx_overall_SU_R_Blow_DPI               ? 
_refine.pdbx_overall_SU_R_free_Blow_DPI          ? 
# 
_refine_hist.pdbx_refine_id                   'X-RAY DIFFRACTION' 
_refine_hist.cycle_id                         LAST 
_refine_hist.pdbx_number_atoms_protein        1041 
_refine_hist.pdbx_number_atoms_nucleic_acid   0 
_refine_hist.pdbx_number_atoms_ligand         10 
_refine_hist.number_atoms_solvent             110 
_refine_hist.number_atoms_total               1161 
_refine_hist.d_res_high                       1.41 
_refine_hist.d_res_low                        20.00 
# 
loop_
_refine_ls_restr.type 
_refine_ls_restr.dev_ideal 
_refine_ls_restr.dev_ideal_target 
_refine_ls_restr.weight 
_refine_ls_restr.number 
_refine_ls_restr.pdbx_refine_id 
_refine_ls_restr.pdbx_restraint_function 
r_bond_refined_d             0.019  0.022  ? 1161 'X-RAY DIFFRACTION' ? 
r_bond_other_d               ?      ?      ? ?    'X-RAY DIFFRACTION' ? 
r_angle_refined_deg          1.914  1.962  ? 1581 'X-RAY DIFFRACTION' ? 
r_angle_other_deg            ?      ?      ? ?    'X-RAY DIFFRACTION' ? 
r_dihedral_angle_1_deg       6.838  5.000  ? 136  'X-RAY DIFFRACTION' ? 
r_dihedral_angle_2_deg       34.433 23.158 ? 57   'X-RAY DIFFRACTION' ? 
r_dihedral_angle_3_deg       12.820 15.000 ? 218  'X-RAY DIFFRACTION' ? 
r_dihedral_angle_4_deg       23.439 15.000 ? 10   'X-RAY DIFFRACTION' ? 
r_chiral_restr               0.132  0.200  ? 167  'X-RAY DIFFRACTION' ? 
r_gen_planes_refined         0.011  0.020  ? 884  'X-RAY DIFFRACTION' ? 
r_gen_planes_other           ?      ?      ? ?    'X-RAY DIFFRACTION' ? 
r_nbd_refined                0.244  0.200  ? 473  'X-RAY DIFFRACTION' ? 
r_nbd_other                  ?      ?      ? ?    'X-RAY DIFFRACTION' ? 
r_nbtor_refined              0.321  0.200  ? 765  'X-RAY DIFFRACTION' ? 
r_nbtor_other                ?      ?      ? ?    'X-RAY DIFFRACTION' ? 
r_xyhbond_nbd_refined        0.157  0.200  ? 80   'X-RAY DIFFRACTION' ? 
r_xyhbond_nbd_other          ?      ?      ? ?    'X-RAY DIFFRACTION' ? 
r_metal_ion_refined          ?      ?      ? ?    'X-RAY DIFFRACTION' ? 
r_metal_ion_other            ?      ?      ? ?    'X-RAY DIFFRACTION' ? 
r_symmetry_vdw_refined       0.216  0.200  ? 51   'X-RAY DIFFRACTION' ? 
r_symmetry_vdw_other         ?      ?      ? ?    'X-RAY DIFFRACTION' ? 
r_symmetry_hbond_refined     0.161  0.200  ? 14   'X-RAY DIFFRACTION' ? 
r_symmetry_hbond_other       ?      ?      ? ?    'X-RAY DIFFRACTION' ? 
r_symmetry_metal_ion_refined ?      ?      ? ?    'X-RAY DIFFRACTION' ? 
r_symmetry_metal_ion_other   ?      ?      ? ?    'X-RAY DIFFRACTION' ? 
r_mcbond_it                  1.440  1.500  ? 679  'X-RAY DIFFRACTION' ? 
r_mcbond_other               ?      ?      ? ?    'X-RAY DIFFRACTION' ? 
r_mcangle_it                 2.147  2.000  ? 1090 'X-RAY DIFFRACTION' ? 
r_mcangle_other              ?      ?      ? ?    'X-RAY DIFFRACTION' ? 
r_scbond_it                  3.279  3.000  ? 550  'X-RAY DIFFRACTION' ? 
r_scbond_other               ?      ?      ? ?    'X-RAY DIFFRACTION' ? 
r_scangle_it                 4.907  4.500  ? 491  'X-RAY DIFFRACTION' ? 
r_scangle_other              ?      ?      ? ?    'X-RAY DIFFRACTION' ? 
r_long_range_B_refined       ?      ?      ? ?    'X-RAY DIFFRACTION' ? 
r_long_range_B_other         ?      ?      ? ?    'X-RAY DIFFRACTION' ? 
r_rigid_bond_restr           ?      ?      ? ?    'X-RAY DIFFRACTION' ? 
r_sphericity_free            ?      ?      ? ?    'X-RAY DIFFRACTION' ? 
r_sphericity_bonded          ?      ?      ? ?    'X-RAY DIFFRACTION' ? 
# 
_refine_ls_shell.pdbx_refine_id                   'X-RAY DIFFRACTION' 
_refine_ls_shell.pdbx_total_number_of_bins_used   20 
_refine_ls_shell.d_res_high                       1.41 
_refine_ls_shell.d_res_low                        1.45 
_refine_ls_shell.number_reflns_R_work             1529 
_refine_ls_shell.R_factor_R_work                  0.2250 
_refine_ls_shell.percent_reflns_obs               ? 
_refine_ls_shell.R_factor_R_free                  0.2860 
_refine_ls_shell.R_factor_R_free_error            ? 
_refine_ls_shell.percent_reflns_R_free            ? 
_refine_ls_shell.number_reflns_R_free             91 
_refine_ls_shell.number_reflns_all                ? 
_refine_ls_shell.R_factor_all                     ? 
# 
_struct.entry_id                  2BWQ 
_struct.title                     'Crystal Structure of the RIM2 C2A-domain at 1.4 angstrom Resolution' 
_struct.pdbx_model_details        ? 
_struct.pdbx_CASP_flag            ? 
_struct.pdbx_model_type_details   ? 
# 
_struct_keywords.entry_id        2BWQ 
_struct_keywords.pdbx_keywords   'TRANSPORT PROTEIN' 
_struct_keywords.text            'C2 DOMAIN, NEUROTRANSMITTER RELEASE, TRANSPORT PROTEIN' 
# 
loop_
_struct_asym.id 
_struct_asym.pdbx_blank_PDB_chainid_flag 
_struct_asym.pdbx_modified 
_struct_asym.entity_id 
_struct_asym.details 
A N N 1 ? 
B N N 2 ? 
C N N 2 ? 
D N N 3 ? 
# 
_struct_biol.id   1 
# 
loop_
_struct_conf.conf_type_id 
_struct_conf.id 
_struct_conf.pdbx_PDB_helix_id 
_struct_conf.beg_label_comp_id 
_struct_conf.beg_label_asym_id 
_struct_conf.beg_label_seq_id 
_struct_conf.pdbx_beg_PDB_ins_code 
_struct_conf.end_label_comp_id 
_struct_conf.end_label_asym_id 
_struct_conf.end_label_seq_id 
_struct_conf.pdbx_end_PDB_ins_code 
_struct_conf.beg_auth_comp_id 
_struct_conf.beg_auth_asym_id 
_struct_conf.beg_auth_seq_id 
_struct_conf.end_auth_comp_id 
_struct_conf.end_auth_asym_id 
_struct_conf.end_auth_seq_id 
_struct_conf.pdbx_PDB_helix_class 
_struct_conf.details 
_struct_conf.pdbx_PDB_helix_length 
HELX_P HELX_P1 1 SER A 52  ? LYS A 54  ? SER A 776 LYS A 778 5 ? 3 
HELX_P HELX_P2 2 HIS A 80  ? GLU A 86  ? HIS A 804 GLU A 810 5 ? 7 
HELX_P HELX_P3 3 GLU A 115 ? ALA A 117 ? GLU A 839 ALA A 841 5 ? 3 
# 
_struct_conf_type.id          HELX_P 
_struct_conf_type.criteria    ? 
_struct_conf_type.reference   ? 
# 
loop_
_struct_mon_prot_cis.pdbx_id 
_struct_mon_prot_cis.label_comp_id 
_struct_mon_prot_cis.label_seq_id 
_struct_mon_prot_cis.label_asym_id 
_struct_mon_prot_cis.label_alt_id 
_struct_mon_prot_cis.pdbx_PDB_ins_code 
_struct_mon_prot_cis.auth_comp_id 
_struct_mon_prot_cis.auth_seq_id 
_struct_mon_prot_cis.auth_asym_id 
_struct_mon_prot_cis.pdbx_label_comp_id_2 
_struct_mon_prot_cis.pdbx_label_seq_id_2 
_struct_mon_prot_cis.pdbx_label_asym_id_2 
_struct_mon_prot_cis.pdbx_PDB_ins_code_2 
_struct_mon_prot_cis.pdbx_auth_comp_id_2 
_struct_mon_prot_cis.pdbx_auth_seq_id_2 
_struct_mon_prot_cis.pdbx_auth_asym_id_2 
_struct_mon_prot_cis.pdbx_PDB_model_num 
_struct_mon_prot_cis.pdbx_omega_angle 
1 LEU 48 A . ? LEU 772 A PRO 49 A ? PRO 773 A 1 -2.69 
2 SER 77 A . ? SER 801 A PRO 78 A ? PRO 802 A 1 -0.85 
# 
loop_
_struct_sheet.id 
_struct_sheet.type 
_struct_sheet.number_strands 
_struct_sheet.details 
AA ? 4 ? 
AB ? 4 ? 
# 
loop_
_struct_sheet_order.sheet_id 
_struct_sheet_order.range_id_1 
_struct_sheet_order.range_id_2 
_struct_sheet_order.offset 
_struct_sheet_order.sense 
AA 1 2 ? anti-parallel 
AA 2 3 ? anti-parallel 
AA 3 4 ? anti-parallel 
AB 1 2 ? anti-parallel 
AB 2 3 ? anti-parallel 
AB 3 4 ? anti-parallel 
# 
loop_
_struct_sheet_range.sheet_id 
_struct_sheet_range.id 
_struct_sheet_range.beg_label_comp_id 
_struct_sheet_range.beg_label_asym_id 
_struct_sheet_range.beg_label_seq_id 
_struct_sheet_range.pdbx_beg_PDB_ins_code 
_struct_sheet_range.end_label_comp_id 
_struct_sheet_range.end_label_asym_id 
_struct_sheet_range.end_label_seq_id 
_struct_sheet_range.pdbx_end_PDB_ins_code 
_struct_sheet_range.beg_auth_comp_id 
_struct_sheet_range.beg_auth_asym_id 
_struct_sheet_range.beg_auth_seq_id 
_struct_sheet_range.end_auth_comp_id 
_struct_sheet_range.end_auth_asym_id 
_struct_sheet_range.end_auth_seq_id 
AA 1 LYS A 69  ? TYR A 76  ? LYS A 793 TYR A 800 
AA 2 GLN A 19  ? LYS A 28  ? GLN A 743 LYS A 752 
AA 3 GLN A 6   ? ASP A 14  ? GLN A 730 ASP A 738 
AA 4 PRO A 123 ? LYS A 127 ? PRO A 847 LYS A 851 
AB 1 LYS A 56  ? ARG A 58  ? LYS A 780 ARG A 782 
AB 2 PRO A 41  ? LEU A 48  ? PRO A 765 LEU A 772 
AB 3 MET A 88  ? ASP A 95  ? MET A 812 ASP A 819 
AB 4 GLU A 105 ? GLU A 113 ? GLU A 829 GLU A 837 
# 
loop_
_pdbx_struct_sheet_hbond.sheet_id 
_pdbx_struct_sheet_hbond.range_id_1 
_pdbx_struct_sheet_hbond.range_id_2 
_pdbx_struct_sheet_hbond.range_1_label_atom_id 
_pdbx_struct_sheet_hbond.range_1_label_comp_id 
_pdbx_struct_sheet_hbond.range_1_label_asym_id 
_pdbx_struct_sheet_hbond.range_1_label_seq_id 
_pdbx_struct_sheet_hbond.range_1_PDB_ins_code 
_pdbx_struct_sheet_hbond.range_1_auth_atom_id 
_pdbx_struct_sheet_hbond.range_1_auth_comp_id 
_pdbx_struct_sheet_hbond.range_1_auth_asym_id 
_pdbx_struct_sheet_hbond.range_1_auth_seq_id 
_pdbx_struct_sheet_hbond.range_2_label_atom_id 
_pdbx_struct_sheet_hbond.range_2_label_comp_id 
_pdbx_struct_sheet_hbond.range_2_label_asym_id 
_pdbx_struct_sheet_hbond.range_2_label_seq_id 
_pdbx_struct_sheet_hbond.range_2_PDB_ins_code 
_pdbx_struct_sheet_hbond.range_2_auth_atom_id 
_pdbx_struct_sheet_hbond.range_2_auth_comp_id 
_pdbx_struct_sheet_hbond.range_2_auth_asym_id 
_pdbx_struct_sheet_hbond.range_2_auth_seq_id 
AA 1 2 N TYR A 76 ? N TYR A 800 O LEU A 20  ? O LEU A 744 
AA 2 3 N LYS A 28 ? N LYS A 752 O GLN A 6   ? O GLN A 730 
AA 3 4 N ILE A 9  ? N ILE A 733 O HIS A 124 ? O HIS A 848 
AB 1 2 N ARG A 57 ? N ARG A 781 O ILE A 45  ? O ILE A 769 
AB 2 3 N LEU A 48 ? N LEU A 772 O MET A 88  ? O MET A 812 
AB 3 4 N ASP A 95 ? N ASP A 819 O GLU A 105 ? O GLU A 829 
# 
loop_
_struct_site.id 
_struct_site.pdbx_evidence_code 
_struct_site.pdbx_auth_asym_id 
_struct_site.pdbx_auth_comp_id 
_struct_site.pdbx_auth_seq_id 
_struct_site.pdbx_auth_ins_code 
_struct_site.pdbx_num_residues 
_struct_site.details 
AC1 Software A SO4 901 ? 6 'BINDING SITE FOR RESIDUE SO4 A 901' 
AC2 Software A SO4 902 ? 2 'BINDING SITE FOR RESIDUE SO4 A 902' 
# 
loop_
_struct_site_gen.id 
_struct_site_gen.site_id 
_struct_site_gen.pdbx_num_res 
_struct_site_gen.label_comp_id 
_struct_site_gen.label_asym_id 
_struct_site_gen.label_seq_id 
_struct_site_gen.pdbx_auth_ins_code 
_struct_site_gen.auth_comp_id 
_struct_site_gen.auth_asym_id 
_struct_site_gen.auth_seq_id 
_struct_site_gen.label_atom_id 
_struct_site_gen.label_alt_id 
_struct_site_gen.symmetry 
_struct_site_gen.details 
1 AC1 6 HIS A 18 ? HIS A 742  . ? 1_555 ? 
2 AC1 6 HIS A 80 ? HIS A 804  . ? 1_555 ? 
3 AC1 6 ARG A 81 ? ARG A 805  . ? 1_555 ? 
4 AC1 6 ARG A 82 ? ARG A 806  . ? 1_555 ? 
5 AC1 6 HOH D .  ? HOH A 2024 . ? 1_555 ? 
6 AC1 6 HOH D .  ? HOH A 2110 . ? 1_555 ? 
7 AC2 2 ARG A 82 ? ARG A 806  . ? 1_555 ? 
8 AC2 2 HOH D .  ? HOH A 2111 . ? 1_555 ? 
# 
_atom_sites.entry_id                    2BWQ 
_atom_sites.fract_transf_matrix[1][1]   0.00732174 
_atom_sites.fract_transf_matrix[1][2]   0.03947001 
_atom_sites.fract_transf_matrix[1][3]   0.00507699 
_atom_sites.fract_transf_matrix[2][1]   -0.02194886 
_atom_sites.fract_transf_matrix[2][2]   0.00398203 
_atom_sites.fract_transf_matrix[2][3]   0.00069593 
_atom_sites.fract_transf_matrix[3][1]   0.00094476 
_atom_sites.fract_transf_matrix[3][2]   0.00200229 
_atom_sites.fract_transf_matrix[3][3]   0.01833985 
_atom_sites.fract_transf_vector[1]      0.508771 
_atom_sites.fract_transf_vector[2]      0.005629 
_atom_sites.fract_transf_vector[3]      0.226555 
# 
loop_
_atom_type.symbol 
C 
N 
O 
S 
# 
loop_
_atom_site.group_PDB 
_atom_site.id 
_atom_site.type_symbol 
_atom_site.label_atom_id 
_atom_site.label_alt_id 
_atom_site.label_comp_id 
_atom_site.label_asym_id 
_atom_site.label_entity_id 
_atom_site.label_seq_id 
_atom_site.pdbx_PDB_ins_code 
_atom_site.Cartn_x 
_atom_site.Cartn_y 
_atom_site.Cartn_z 
_atom_site.occupancy 
_atom_site.B_iso_or_equiv 
_atom_site.pdbx_formal_charge 
_atom_site.auth_seq_id 
_atom_site.auth_comp_id 
_atom_site.auth_asym_id 
_atom_site.auth_atom_id 
_atom_site.pdbx_PDB_model_num 
ATOM   1    N N   . GLN A 1 1   ? -17.631 13.341  -4.987  1.00 28.61 ? 725  GLN A N   1 
ATOM   2    C CA  . GLN A 1 1   ? -18.206 13.420  -6.382  1.00 28.01 ? 725  GLN A CA  1 
ATOM   3    C C   . GLN A 1 1   ? -18.021 12.141  -7.206  1.00 25.56 ? 725  GLN A C   1 
ATOM   4    O O   . GLN A 1 1   ? -19.002 11.517  -7.597  1.00 26.13 ? 725  GLN A O   1 
ATOM   5    C CB  . GLN A 1 1   ? -17.705 14.656  -7.128  1.00 30.63 ? 725  GLN A CB  1 
ATOM   6    C CG  . GLN A 1 1   ? -18.445 15.968  -6.699  1.00 33.85 ? 725  GLN A CG  1 
ATOM   7    C CD  . GLN A 1 1   ? -19.481 16.459  -7.723  1.00 41.04 ? 725  GLN A CD  1 
ATOM   8    O OE1 . GLN A 1 1   ? -19.120 17.054  -8.764  1.00 43.52 ? 725  GLN A OE1 1 
ATOM   9    N NE2 . GLN A 1 1   ? -20.766 16.234  -7.425  1.00 42.76 ? 725  GLN A NE2 1 
ATOM   10   N N   . PHE A 1 2   ? -16.771 11.782  -7.482  1.00 23.18 ? 726  PHE A N   1 
ATOM   11   C CA  . PHE A 1 2   ? -16.445 10.581  -8.224  1.00 22.30 ? 726  PHE A CA  1 
ATOM   12   C C   . PHE A 1 2   ? -15.898 9.559   -7.259  1.00 21.35 ? 726  PHE A C   1 
ATOM   13   O O   . PHE A 1 2   ? -15.251 9.950   -6.239  1.00 21.42 ? 726  PHE A O   1 
ATOM   14   C CB  . PHE A 1 2   ? -15.390 10.920  -9.294  1.00 22.62 ? 726  PHE A CB  1 
ATOM   15   C CG  . PHE A 1 2   ? -15.911 11.813  -10.387 1.00 25.11 ? 726  PHE A CG  1 
ATOM   16   C CD1 . PHE A 1 2   ? -16.936 11.385  -11.222 1.00 23.30 ? 726  PHE A CD1 1 
ATOM   17   C CD2 . PHE A 1 2   ? -15.367 13.094  -10.598 1.00 25.86 ? 726  PHE A CD2 1 
ATOM   18   C CE1 . PHE A 1 2   ? -17.435 12.220  -12.233 1.00 23.29 ? 726  PHE A CE1 1 
ATOM   19   C CE2 . PHE A 1 2   ? -15.864 13.931  -11.610 1.00 26.48 ? 726  PHE A CE2 1 
ATOM   20   C CZ  . PHE A 1 2   ? -16.898 13.489  -12.415 1.00 25.32 ? 726  PHE A CZ  1 
ATOM   21   N N   . LEU A 1 3   ? -16.085 8.252   -7.534  1.00 19.73 ? 727  LEU A N   1 
ATOM   22   C CA  . LEU A 1 3   ? -15.428 7.193   -6.737  1.00 21.47 ? 727  LEU A CA  1 
ATOM   23   C C   . LEU A 1 3   ? -13.907 7.222   -7.011  1.00 20.03 ? 727  LEU A C   1 
ATOM   24   O O   . LEU A 1 3   ? -13.444 7.501   -8.137  1.00 20.20 ? 727  LEU A O   1 
ATOM   25   C CB  . LEU A 1 3   ? -15.992 5.793   -7.087  1.00 20.89 ? 727  LEU A CB  1 
ATOM   26   C CG  . LEU A 1 3   ? -17.461 5.435   -6.781  1.00 23.52 ? 727  LEU A CG  1 
ATOM   27   C CD1 . LEU A 1 3   ? -17.744 3.952   -7.135  1.00 28.59 ? 727  LEU A CD1 1 
ATOM   28   C CD2 . LEU A 1 3   ? -17.746 5.657   -5.327  1.00 25.95 ? 727  LEU A CD2 1 
ATOM   29   N N   . SER A 1 4   ? -13.119 6.932   -5.989  1.00 20.27 ? 728  SER A N   1 
ATOM   30   C CA  . SER A 1 4   ? -11.656 6.924   -6.108  1.00 20.25 ? 728  SER A CA  1 
ATOM   31   C C   . SER A 1 4   ? -11.084 5.509   -6.107  1.00 19.07 ? 728  SER A C   1 
ATOM   32   O O   . SER A 1 4   ? -9.935  5.303   -6.507  1.00 19.69 ? 728  SER A O   1 
ATOM   33   C CB  . SER A 1 4   ? -11.006 7.742   -4.986  1.00 22.63 ? 728  SER A CB  1 
ATOM   34   O OG  . SER A 1 4   ? -11.286 9.136   -5.121  1.00 23.93 ? 728  SER A OG  1 
ATOM   35   N N   . GLY A 1 5   ? -11.866 4.536   -5.664  1.00 17.13 ? 729  GLY A N   1 
ATOM   36   C CA  . GLY A 1 5   ? -11.353 3.162   -5.651  1.00 17.11 ? 729  GLY A CA  1 
ATOM   37   C C   . GLY A 1 5   ? -10.782 2.780   -4.298  1.00 16.27 ? 729  GLY A C   1 
ATOM   38   O O   . GLY A 1 5   ? -10.672 3.568   -3.332  1.00 16.35 ? 729  GLY A O   1 
ATOM   39   N N   . GLN A 1 6   ? -10.393 1.518   -4.274  1.00 14.17 ? 730  GLN A N   1 
ATOM   40   C CA  . GLN A 1 6   ? -9.957  0.910   -2.996  1.00 13.15 ? 730  GLN A CA  1 
ATOM   41   C C   . GLN A 1 6   ? -8.790  -0.012  -3.256  1.00 13.74 ? 730  GLN A C   1 
ATOM   42   O O   . GLN A 1 6   ? -8.673  -0.591  -4.345  1.00 13.50 ? 730  GLN A O   1 
ATOM   43   C CB  . GLN A 1 6   ? -11.081 0.129   -2.349  1.00 15.17 ? 730  GLN A CB  1 
ATOM   44   C CG  . GLN A 1 6   ? -12.344 0.952   -2.061  1.00 18.66 ? 730  GLN A CG  1 
ATOM   45   C CD  . GLN A 1 6   ? -13.377 0.214   -1.275  1.00 23.12 ? 730  GLN A CD  1 
ATOM   46   O OE1 . GLN A 1 6   ? -13.071 -0.671  -0.466  1.00 26.34 ? 730  GLN A OE1 1 
ATOM   47   N NE2 . GLN A 1 6   ? -14.649 0.592   -1.484  1.00 24.46 ? 730  GLN A NE2 1 
ATOM   48   N N   A LEU A 1 7   ? -8.016  -0.251  -2.196  0.50 12.64 ? 731  LEU A N   1 
ATOM   49   N N   B LEU A 1 7   ? -7.904  -0.139  -2.255  0.50 12.89 ? 731  LEU A N   1 
ATOM   50   C CA  A LEU A 1 7   ? -6.825  -1.093  -2.263  0.50 11.31 ? 731  LEU A CA  1 
ATOM   51   C CA  B LEU A 1 7   ? -6.807  -1.120  -2.314  0.50 11.54 ? 731  LEU A CA  1 
ATOM   52   C C   A LEU A 1 7   ? -6.882  -2.208  -1.232  0.50 11.16 ? 731  LEU A C   1 
ATOM   53   C C   B LEU A 1 7   ? -7.009  -2.236  -1.287  0.50 11.40 ? 731  LEU A C   1 
ATOM   54   O O   A LEU A 1 7   ? -7.164  -1.931  -0.049  0.50 11.76 ? 731  LEU A O   1 
ATOM   55   O O   B LEU A 1 7   ? -7.548  -2.002  -0.194  0.50 11.89 ? 731  LEU A O   1 
ATOM   56   C CB  A LEU A 1 7   ? -5.593  -0.251  -1.952  0.50 12.36 ? 731  LEU A CB  1 
ATOM   57   C CB  B LEU A 1 7   ? -5.443  -0.469  -2.046  0.50 12.39 ? 731  LEU A CB  1 
ATOM   58   C CG  A LEU A 1 7   ? -4.279  -0.990  -2.176  0.50 11.38 ? 731  LEU A CG  1 
ATOM   59   C CG  B LEU A 1 7   ? -4.902  0.747   -2.804  0.50 12.64 ? 731  LEU A CG  1 
ATOM   60   C CD1 A LEU A 1 7   ? -4.049  -1.475  -3.637  0.50 13.63 ? 731  LEU A CD1 1 
ATOM   61   C CD1 B LEU A 1 7   ? -3.435  0.972   -2.333  0.50 15.33 ? 731  LEU A CD1 1 
ATOM   62   C CD2 A LEU A 1 7   ? -3.112  -0.112  -1.765  0.50 14.06 ? 731  LEU A CD2 1 
ATOM   63   C CD2 B LEU A 1 7   ? -4.890  0.588   -4.284  0.50 14.45 ? 731  LEU A CD2 1 
ATOM   64   N N   . SER A 1 8   ? -6.626  -3.448  -1.644  1.00 10.80 ? 732  SER A N   1 
ATOM   65   C CA  . SER A 1 8   ? -6.640  -4.599  -0.748  1.00 11.54 ? 732  SER A CA  1 
ATOM   66   C C   . SER A 1 8   ? -5.251  -4.877  -0.277  1.00 11.99 ? 732  SER A C   1 
ATOM   67   O O   . SER A 1 8   ? -4.338  -5.089  -1.060  1.00 13.16 ? 732  SER A O   1 
ATOM   68   C CB  . SER A 1 8   ? -7.208  -5.783  -1.483  1.00 13.15 ? 732  SER A CB  1 
ATOM   69   O OG  . SER A 1 8   ? -7.145  -6.941  -0.641  1.00 15.50 ? 732  SER A OG  1 
ATOM   70   N N   . ILE A 1 9   ? -5.079  -4.824  1.060   1.00 12.92 ? 733  ILE A N   1 
ATOM   71   C CA  . ILE A 1 9   ? -3.746  -4.895  1.706   1.00 13.70 ? 733  ILE A CA  1 
ATOM   72   C C   . ILE A 1 9   ? -3.866  -5.872  2.869   1.00 12.72 ? 733  ILE A C   1 
ATOM   73   O O   . ILE A 1 9   ? -4.884  -5.870  3.584   1.00 12.43 ? 733  ILE A O   1 
ATOM   74   C CB  . ILE A 1 9   ? -3.421  -3.500  2.307   1.00 14.58 ? 733  ILE A CB  1 
ATOM   75   C CG1 . ILE A 1 9   ? -3.333  -2.443  1.204   1.00 16.16 ? 733  ILE A CG1 1 
ATOM   76   C CG2 . ILE A 1 9   ? -2.048  -3.535  3.022   1.00 14.42 ? 733  ILE A CG2 1 
ATOM   77   C CD1 . ILE A 1 9   ? -3.269  -0.990  1.724   1.00 18.34 ? 733  ILE A CD1 1 
ATOM   78   N N   . LYS A 1 10  ? -2.855  -6.712  3.048   1.00 12.03 ? 734  LYS A N   1 
ATOM   79   C CA  . LYS A 1 10  ? -2.774  -7.647  4.180   1.00 12.20 ? 734  LYS A CA  1 
ATOM   80   C C   . LYS A 1 10  ? -1.547  -7.313  4.985   1.00 12.36 ? 734  LYS A C   1 
ATOM   81   O O   . LYS A 1 10  ? -0.417  -7.155  4.426   1.00 14.95 ? 734  LYS A O   1 
ATOM   82   C CB  . LYS A 1 10  ? -2.690  -9.080  3.623   1.00 12.67 ? 734  LYS A CB  1 
ATOM   83   C CG  . LYS A 1 10  ? -2.504  -10.201 4.683   1.00 14.36 ? 734  LYS A CG  1 
ATOM   84   C CD  . LYS A 1 10  ? -2.678  -11.554 3.999   1.00 19.68 ? 734  LYS A CD  1 
ATOM   85   C CE  . LYS A 1 10  ? -1.483  -12.168 3.357   1.00 26.54 ? 734  LYS A CE  1 
ATOM   86   N NZ  . LYS A 1 10  ? -0.419  -12.557 4.286   1.00 17.15 ? 734  LYS A NZ  1 
ATOM   87   N N   . LEU A 1 11  ? -1.694  -7.189  6.299   1.00 11.00 ? 735  LEU A N   1 
ATOM   88   C CA  . LEU A 1 11  ? -0.588  -6.795  7.198   1.00 11.26 ? 735  LEU A CA  1 
ATOM   89   C C   . LEU A 1 11  ? -0.370  -7.854  8.256   1.00 10.16 ? 735  LEU A C   1 
ATOM   90   O O   . LEU A 1 11  ? -1.344  -8.349  8.831   1.00 11.30 ? 735  LEU A O   1 
ATOM   91   C CB  . LEU A 1 11  ? -0.959  -5.485  7.896   1.00 12.12 ? 735  LEU A CB  1 
ATOM   92   C CG  . LEU A 1 11  ? -1.276  -4.282  7.022   1.00 10.73 ? 735  LEU A CG  1 
ATOM   93   C CD1 . LEU A 1 11  ? -1.714  -3.095  7.850   1.00 14.05 ? 735  LEU A CD1 1 
ATOM   94   C CD2 . LEU A 1 11  ? -0.021  -3.864  6.191   1.00 14.50 ? 735  LEU A CD2 1 
ATOM   95   N N   . TRP A 1 12  ? 0.890   -8.081  8.597   1.00 10.55 ? 736  TRP A N   1 
ATOM   96   C CA  . TRP A 1 12  ? 1.161   -8.946  9.714   1.00 11.59 ? 736  TRP A CA  1 
ATOM   97   C C   . TRP A 1 12  ? 2.530   -8.586  10.293  1.00 11.42 ? 736  TRP A C   1 
ATOM   98   O O   . TRP A 1 12  ? 3.479   -8.419  9.538   1.00 11.92 ? 736  TRP A O   1 
ATOM   99   C CB  . TRP A 1 12  ? 1.153   -10.410 9.237   1.00 13.84 ? 736  TRP A CB  1 
ATOM   100  C CG  . TRP A 1 12  ? 1.443   -11.397 10.339  1.00 15.13 ? 736  TRP A CG  1 
ATOM   101  C CD1 . TRP A 1 12  ? 0.673   -11.653 11.483  1.00 16.70 ? 736  TRP A CD1 1 
ATOM   102  C CD2 . TRP A 1 12  ? 2.561   -12.204 10.382  1.00 16.18 ? 736  TRP A CD2 1 
ATOM   103  N NE1 . TRP A 1 12  ? 1.361   -12.587 12.249  1.00 17.89 ? 736  TRP A NE1 1 
ATOM   104  C CE2 . TRP A 1 12  ? 2.514   -12.934 11.606  1.00 15.93 ? 736  TRP A CE2 1 
ATOM   105  C CE3 . TRP A 1 12  ? 3.635   -12.382 9.530   1.00 17.22 ? 736  TRP A CE3 1 
ATOM   106  C CZ2 . TRP A 1 12  ? 3.518   -13.837 11.953  1.00 18.02 ? 736  TRP A CZ2 1 
ATOM   107  C CZ3 . TRP A 1 12  ? 4.646   -13.258 9.886   1.00 19.46 ? 736  TRP A CZ3 1 
ATOM   108  C CH2 . TRP A 1 12  ? 4.579   -13.954 11.078  1.00 19.18 ? 736  TRP A CH2 1 
ATOM   109  N N   . PHE A 1 13  ? 2.596   -8.626  11.603  1.00 11.47 ? 737  PHE A N   1 
ATOM   110  C CA  . PHE A 1 13  ? 3.880   -8.436  12.297  1.00 11.11 ? 737  PHE A CA  1 
ATOM   111  C C   . PHE A 1 13  ? 4.378   -9.740  12.899  1.00 12.29 ? 737  PHE A C   1 
ATOM   112  O O   . PHE A 1 13  ? 3.628   -10.399 13.609  1.00 13.10 ? 737  PHE A O   1 
ATOM   113  C CB  . PHE A 1 13  ? 3.708   -7.359  13.363  1.00 12.23 ? 737  PHE A CB  1 
ATOM   114  C CG  . PHE A 1 13  ? 4.953   -7.148  14.198  1.00 12.29 ? 737  PHE A CG  1 
ATOM   115  C CD1 . PHE A 1 13  ? 6.145   -6.703  13.612  1.00 12.35 ? 737  PHE A CD1 1 
ATOM   116  C CD2 . PHE A 1 13  ? 4.947   -7.399  15.583  1.00 15.67 ? 737  PHE A CD2 1 
ATOM   117  C CE1 . PHE A 1 13  ? 7.304   -6.548  14.339  1.00 14.49 ? 737  PHE A CE1 1 
ATOM   118  C CE2 . PHE A 1 13  ? 6.125   -7.225  16.345  1.00 17.31 ? 737  PHE A CE2 1 
ATOM   119  C CZ  . PHE A 1 13  ? 7.282   -6.770  15.692  1.00 16.50 ? 737  PHE A CZ  1 
ATOM   120  N N   . ASP A 1 14  ? 5.605   -10.098 12.570  1.00 12.41 ? 738  ASP A N   1 
ATOM   121  C CA  . ASP A 1 14  ? 6.209   -11.264 13.121  1.00 13.53 ? 738  ASP A CA  1 
ATOM   122  C C   . ASP A 1 14  ? 7.023   -10.835 14.369  1.00 14.33 ? 738  ASP A C   1 
ATOM   123  O O   . ASP A 1 14  ? 8.154   -10.263 14.223  1.00 14.71 ? 738  ASP A O   1 
ATOM   124  C CB  . ASP A 1 14  ? 7.111   -11.889 12.089  1.00 14.39 ? 738  ASP A CB  1 
ATOM   125  C CG  . ASP A 1 14  ? 7.852   -13.134 12.611  1.00 17.53 ? 738  ASP A CG  1 
ATOM   126  O OD1 . ASP A 1 14  ? 7.817   -13.410 13.822  1.00 17.50 ? 738  ASP A OD1 1 
ATOM   127  O OD2 . ASP A 1 14  ? 8.547   -13.740 11.824  1.00 27.23 ? 738  ASP A OD2 1 
ATOM   128  N N   . LYS A 1 15  ? 6.461   -10.979 15.579  1.00 18.18 ? 739  LYS A N   1 
ATOM   129  C CA  . LYS A 1 15  ? 7.049   -10.390 16.803  1.00 23.29 ? 739  LYS A CA  1 
ATOM   130  C C   . LYS A 1 15  ? 8.330   -11.035 17.273  1.00 24.99 ? 739  LYS A C   1 
ATOM   131  O O   . LYS A 1 15  ? 9.114   -10.384 17.970  1.00 25.55 ? 739  LYS A O   1 
ATOM   132  C CB  . LYS A 1 15  ? 6.030   -10.365 17.955  1.00 23.81 ? 739  LYS A CB  1 
ATOM   133  C CG  . LYS A 1 15  ? 5.737   -11.735 18.593  1.00 26.79 ? 739  LYS A CG  1 
ATOM   134  C CD  . LYS A 1 15  ? 4.577   -11.648 19.605  1.00 26.92 ? 739  LYS A CD  1 
ATOM   135  C CE  . LYS A 1 15  ? 3.614   -10.495 19.288  1.00 34.64 ? 739  LYS A CE  1 
ATOM   136  N NZ  . LYS A 1 15  ? 2.228   -10.728 19.812  1.00 40.68 ? 739  LYS A NZ  1 
ATOM   137  N N   . VAL A 1 16  ? 8.570   -12.274 16.863  1.00 23.93 ? 740  VAL A N   1 
ATOM   138  C CA  . VAL A 1 16  ? 9.792   -12.985 17.248  1.00 24.46 ? 740  VAL A CA  1 
ATOM   139  C C   . VAL A 1 16  ? 10.898  -12.664 16.237  1.00 23.44 ? 740  VAL A C   1 
ATOM   140  O O   . VAL A 1 16  ? 12.055  -12.537 16.630  1.00 24.14 ? 740  VAL A O   1 
ATOM   141  C CB  . VAL A 1 16  ? 9.548   -14.513 17.254  1.00 25.15 ? 740  VAL A CB  1 
ATOM   142  C CG1 . VAL A 1 16  ? 10.768  -15.292 17.746  1.00 25.82 ? 740  VAL A CG1 1 
ATOM   143  C CG2 . VAL A 1 16  ? 8.325   -14.908 18.139  1.00 27.06 ? 740  VAL A CG2 1 
ATOM   144  N N   . GLY A 1 17  ? 10.536  -12.559 14.956  1.00 21.23 ? 741  GLY A N   1 
ATOM   145  C CA  . GLY A 1 17  ? 11.445  -12.332 13.813  1.00 18.46 ? 741  GLY A CA  1 
ATOM   146  C C   . GLY A 1 17  ? 11.706  -10.835 13.513  1.00 16.64 ? 741  GLY A C   1 
ATOM   147  O O   . GLY A 1 17  ? 12.600  -10.484 12.705  1.00 16.23 ? 741  GLY A O   1 
ATOM   148  N N   . HIS A 1 18  ? 10.944  -10.019 14.214  1.00 16.31 ? 742  HIS A N   1 
ATOM   149  C CA  . HIS A 1 18  ? 11.050  -8.555  14.111  1.00 12.96 ? 742  HIS A CA  1 
ATOM   150  C C   . HIS A 1 18  ? 10.916  -8.068  12.672  1.00 13.17 ? 742  HIS A C   1 
ATOM   151  O O   . HIS A 1 18  ? 11.781  -7.325  12.179  1.00 13.35 ? 742  HIS A O   1 
ATOM   152  C CB  . HIS A 1 18  ? 12.361  -8.123  14.798  1.00 13.68 ? 742  HIS A CB  1 
ATOM   153  C CG  . HIS A 1 18  ? 12.364  -8.431  16.263  1.00 15.06 ? 742  HIS A CG  1 
ATOM   154  N ND1 . HIS A 1 18  ? 13.080  -9.487  16.788  1.00 18.96 ? 742  HIS A ND1 1 
ATOM   155  C CD2 . HIS A 1 18  ? 11.696  -7.877  17.308  1.00 14.72 ? 742  HIS A CD2 1 
ATOM   156  C CE1 . HIS A 1 18  ? 12.878  -9.542  18.098  1.00 21.07 ? 742  HIS A CE1 1 
ATOM   157  N NE2 . HIS A 1 18  ? 12.041  -8.576  18.435  1.00 19.25 ? 742  HIS A NE2 1 
ATOM   158  N N   . GLN A 1 19  ? 9.847   -8.514  11.999  1.00 12.02 ? 743  GLN A N   1 
ATOM   159  C CA  . GLN A 1 19  ? 9.590   -8.107  10.621  1.00 13.30 ? 743  GLN A CA  1 
ATOM   160  C C   . GLN A 1 19  ? 8.140   -7.768  10.426  1.00 11.82 ? 743  GLN A C   1 
ATOM   161  O O   . GLN A 1 19  ? 7.262   -8.427  11.010  1.00 12.18 ? 743  GLN A O   1 
ATOM   162  C CB  . GLN A 1 19  ? 9.870   -9.262  9.632   1.00 17.93 ? 743  GLN A CB  1 
ATOM   163  C CG  . GLN A 1 19  ? 11.218  -9.946  9.657   1.00 21.28 ? 743  GLN A CG  1 
ATOM   164  C CD  . GLN A 1 19  ? 11.302  -11.073 8.578   1.00 20.58 ? 743  GLN A CD  1 
ATOM   165  O OE1 . GLN A 1 19  ? 12.366  -11.242 7.994   1.00 34.24 ? 743  GLN A OE1 1 
ATOM   166  N NE2 . GLN A 1 19  ? 10.182  -11.792 8.300   1.00 23.84 ? 743  GLN A NE2 1 
ATOM   167  N N   A LEU A 1 20  ? 7.884   -6.724  9.641   0.50 10.27 ? 744  LEU A N   1 
ATOM   168  N N   B LEU A 1 20  ? 7.910   -6.738  9.629   0.50 10.78 ? 744  LEU A N   1 
ATOM   169  C CA  A LEU A 1 20  ? 6.509   -6.365  9.273   0.50 9.68  ? 744  LEU A CA  1 
ATOM   170  C CA  B LEU A 1 20  ? 6.570   -6.376  9.243   0.50 10.63 ? 744  LEU A CA  1 
ATOM   171  C C   A LEU A 1 20  ? 6.268   -6.735  7.808   0.50 10.68 ? 744  LEU A C   1 
ATOM   172  C C   B LEU A 1 20  ? 6.363   -6.869  7.808   0.50 11.27 ? 744  LEU A C   1 
ATOM   173  O O   A LEU A 1 20  ? 6.990   -6.251  6.915   0.50 10.86 ? 744  LEU A O   1 
ATOM   174  O O   B LEU A 1 20  ? 7.208   -6.622  6.932   0.50 11.17 ? 744  LEU A O   1 
ATOM   175  C CB  A LEU A 1 20  ? 6.307   -4.860  9.483   0.50 10.49 ? 744  LEU A CB  1 
ATOM   176  C CB  B LEU A 1 20  ? 6.469   -4.853  9.347   0.50 11.70 ? 744  LEU A CB  1 
ATOM   177  C CG  A LEU A 1 20  ? 5.028   -4.296  8.889   0.50 9.31  ? 744  LEU A CG  1 
ATOM   178  C CG  B LEU A 1 20  ? 5.090   -4.271  9.179   0.50 11.96 ? 744  LEU A CG  1 
ATOM   179  C CD1 A LEU A 1 20  ? 3.756   -4.722  9.669   0.50 13.17 ? 744  LEU A CD1 1 
ATOM   180  C CD1 B LEU A 1 20  ? 4.782   -4.551  7.772   0.50 21.31 ? 744  LEU A CD1 1 
ATOM   181  C CD2 A LEU A 1 20  ? 5.071   -2.829  8.880   0.50 8.40  ? 744  LEU A CD2 1 
ATOM   182  C CD2 B LEU A 1 20  ? 4.009   -4.882  10.138  0.50 12.77 ? 744  LEU A CD2 1 
ATOM   183  N N   . ILE A 1 21  ? 5.245   -7.566  7.574   1.00 11.44 ? 745  ILE A N   1 
ATOM   184  C CA  . ILE A 1 21  ? 4.924   -8.111  6.271   1.00 12.20 ? 745  ILE A CA  1 
ATOM   185  C C   . ILE A 1 21  ? 3.740   -7.384  5.697   1.00 11.24 ? 745  ILE A C   1 
ATOM   186  O O   . ILE A 1 21  ? 2.680   -7.273  6.343   1.00 12.63 ? 745  ILE A O   1 
ATOM   187  C CB  . ILE A 1 21  ? 4.624   -9.636  6.406   1.00 12.23 ? 745  ILE A CB  1 
ATOM   188  C CG1 . ILE A 1 21  ? 5.686   -10.353 7.264   1.00 16.44 ? 745  ILE A CG1 1 
ATOM   189  C CG2 . ILE A 1 21  ? 4.518   -10.273 4.978   1.00 14.97 ? 745  ILE A CG2 1 
ATOM   190  C CD1 . ILE A 1 21  ? 7.025   -10.394 6.739   1.00 19.62 ? 745  ILE A CD1 1 
ATOM   191  N N   . VAL A 1 22  ? 3.916   -6.759  4.533   1.00 11.60 ? 746  VAL A N   1 
ATOM   192  C CA  . VAL A 1 22  ? 2.883   -5.982  3.908   1.00 11.54 ? 746  VAL A CA  1 
ATOM   193  C C   . VAL A 1 22  ? 2.594   -6.557  2.554   1.00 13.43 ? 746  VAL A C   1 
ATOM   194  O O   . VAL A 1 22  ? 3.485   -6.470  1.668   1.00 14.37 ? 746  VAL A O   1 
ATOM   195  C CB  . VAL A 1 22  ? 3.378   -4.530  3.802   1.00 12.17 ? 746  VAL A CB  1 
ATOM   196  C CG1 . VAL A 1 22  ? 2.359   -3.596  3.126   1.00 13.88 ? 746  VAL A CG1 1 
ATOM   197  C CG2 . VAL A 1 22  ? 3.752   -3.962  5.161   1.00 13.24 ? 746  VAL A CG2 1 
ATOM   198  N N   . THR A 1 23  ? 1.394   -7.043  2.303   1.00 12.54 ? 747  THR A N   1 
ATOM   199  C CA  . THR A 1 23  ? 1.099   -7.639  1.009   1.00 12.92 ? 747  THR A CA  1 
ATOM   200  C C   . THR A 1 23  ? 0.102   -6.741  0.323   1.00 13.12 ? 747  THR A C   1 
ATOM   201  O O   . THR A 1 23  ? -0.956  -6.467  0.891   1.00 12.83 ? 747  THR A O   1 
ATOM   202  C CB  . THR A 1 23  ? 0.502   -9.041  1.179   1.00 13.61 ? 747  THR A CB  1 
ATOM   203  O OG1 . THR A 1 23  ? 1.457   -9.919  1.817   1.00 14.87 ? 747  THR A OG1 1 
ATOM   204  C CG2 . THR A 1 23  ? 0.202   -9.654  -0.223  1.00 15.52 ? 747  THR A CG2 1 
ATOM   205  N N   A ILE A 1 24  ? 0.458   -6.155  -0.830  0.50 12.90 ? 748  ILE A N   1 
ATOM   206  N N   B ILE A 1 24  ? 0.443   -6.341  -0.905  0.50 12.89 ? 748  ILE A N   1 
ATOM   207  C CA  A ILE A 1 24  ? -0.477  -5.301  -1.596  0.50 12.28 ? 748  ILE A CA  1 
ATOM   208  C CA  B ILE A 1 24  ? -0.467  -5.595  -1.734  0.50 11.87 ? 748  ILE A CA  1 
ATOM   209  C C   A ILE A 1 24  ? -1.048  -6.193  -2.691  0.50 11.75 ? 748  ILE A C   1 
ATOM   210  C C   B ILE A 1 24  ? -1.084  -6.599  -2.704  0.50 11.20 ? 748  ILE A C   1 
ATOM   211  O O   A ILE A 1 24  ? -0.323  -6.600  -3.621  0.50 11.13 ? 748  ILE A O   1 
ATOM   212  O O   B ILE A 1 24  ? -0.374  -7.232  -3.524  0.50 11.26 ? 748  ILE A O   1 
ATOM   213  C CB  A ILE A 1 24  ? 0.289   -4.036  -2.142  0.50 13.37 ? 748  ILE A CB  1 
ATOM   214  C CB  B ILE A 1 24  ? 0.268   -4.481  -2.469  0.50 13.18 ? 748  ILE A CB  1 
ATOM   215  C CG1 A ILE A 1 24  ? -0.513  -3.253  -3.171  0.50 14.05 ? 748  ILE A CG1 1 
ATOM   216  C CG1 B ILE A 1 24  ? 1.036   -3.531  -1.484  0.50 13.56 ? 748  ILE A CG1 1 
ATOM   217  C CG2 A ILE A 1 24  ? 1.586   -4.456  -2.787  0.50 15.65 ? 748  ILE A CG2 1 
ATOM   218  C CG2 B ILE A 1 24  ? -0.740  -3.747  -3.308  0.50 13.00 ? 748  ILE A CG2 1 
ATOM   219  C CD1 A ILE A 1 24  ? -1.813  -2.663  -2.627  0.50 16.41 ? 748  ILE A CD1 1 
ATOM   220  C CD1 B ILE A 1 24  ? 0.262   -2.803  -0.380  0.50 13.17 ? 748  ILE A CD1 1 
ATOM   221  N N   A LEU A 1 25  ? -2.336  -6.526  -2.538  0.50 12.48 ? 749  LEU A N   1 
ATOM   222  N N   B LEU A 1 25  ? -2.404  -6.750  -2.634  0.50 11.58 ? 749  LEU A N   1 
ATOM   223  C CA  A LEU A 1 25  ? -2.985  -7.525  -3.374  0.50 13.30 ? 749  LEU A CA  1 
ATOM   224  C CA  B LEU A 1 25  ? -3.062  -7.746  -3.465  0.50 12.06 ? 749  LEU A CA  1 
ATOM   225  C C   A LEU A 1 25  ? -3.322  -6.838  -4.697  0.50 12.90 ? 749  LEU A C   1 
ATOM   226  C C   B LEU A 1 25  ? -3.517  -7.043  -4.780  0.50 12.48 ? 749  LEU A C   1 
ATOM   227  O O   A LEU A 1 25  ? -2.687  -7.072  -5.679  0.50 13.22 ? 749  LEU A O   1 
ATOM   228  O O   B LEU A 1 25  ? -3.082  -7.445  -5.882  0.50 12.23 ? 749  LEU A O   1 
ATOM   229  C CB  A LEU A 1 25  ? -4.261  -8.099  -2.716  0.50 13.33 ? 749  LEU A CB  1 
ATOM   230  C CB  B LEU A 1 25  ? -4.205  -8.434  -2.696  0.50 11.35 ? 749  LEU A CB  1 
ATOM   231  C CG  A LEU A 1 25  ? -3.920  -9.096  -1.610  0.50 14.05 ? 749  LEU A CG  1 
ATOM   232  C CG  B LEU A 1 25  ? -3.672  -9.210  -1.484  0.50 12.21 ? 749  LEU A CG  1 
ATOM   233  C CD1 A LEU A 1 25  ? -3.633  -8.444  -0.275  0.50 15.23 ? 749  LEU A CD1 1 
ATOM   234  C CD1 B LEU A 1 25  ? -4.790  -9.541  -0.487  0.50 14.35 ? 749  LEU A CD1 1 
ATOM   235  C CD2 A LEU A 1 25  ? -5.050  -10.083 -1.467  0.50 16.25 ? 749  LEU A CD2 1 
ATOM   236  C CD2 B LEU A 1 25  ? -3.046  -10.511 -1.980  0.50 12.67 ? 749  LEU A CD2 1 
ATOM   237  N N   . GLY A 1 26  ? -4.308  -5.968  -4.670  1.00 14.20 ? 750  GLY A N   1 
ATOM   238  C CA  . GLY A 1 26  ? -4.892  -5.362  -5.880  1.00 14.41 ? 750  GLY A CA  1 
ATOM   239  C C   . GLY A 1 26  ? -5.740  -4.198  -5.523  1.00 15.14 ? 750  GLY A C   1 
ATOM   240  O O   . GLY A 1 26  ? -5.889  -3.874  -4.339  1.00 16.80 ? 750  GLY A O   1 
ATOM   241  N N   . ALA A 1 27  ? -6.268  -3.539  -6.542  1.00 13.66 ? 751  ALA A N   1 
ATOM   242  C CA  . ALA A 1 27  ? -7.172  -2.409  -6.344  1.00 12.47 ? 751  ALA A CA  1 
ATOM   243  C C   . ALA A 1 27  ? -8.423  -2.631  -7.176  1.00 13.05 ? 751  ALA A C   1 
ATOM   244  O O   . ALA A 1 27  ? -8.377  -3.416  -8.134  1.00 14.13 ? 751  ALA A O   1 
ATOM   245  C CB  . ALA A 1 27  ? -6.477  -1.121  -6.805  1.00 13.64 ? 751  ALA A CB  1 
ATOM   246  N N   . LYS A 1 28  ? -9.496  -2.024  -6.745  1.00 13.23 ? 752  LYS A N   1 
ATOM   247  C CA  . LYS A 1 28  ? -10.719 -2.066  -7.556  1.00 14.79 ? 752  LYS A CA  1 
ATOM   248  C C   . LYS A 1 28  ? -11.270 -0.681  -7.653  1.00 13.86 ? 752  LYS A C   1 
ATOM   249  O O   . LYS A 1 28  ? -10.952 0.240   -6.876  1.00 13.61 ? 752  LYS A O   1 
ATOM   250  C CB  . LYS A 1 28  ? -11.751 -2.978  -6.897  1.00 15.38 ? 752  LYS A CB  1 
ATOM   251  C CG  . LYS A 1 28  ? -12.241 -2.502  -5.554  1.00 20.78 ? 752  LYS A CG  1 
ATOM   252  C CD  . LYS A 1 28  ? -13.325 -3.410  -4.965  1.00 19.72 ? 752  LYS A CD  1 
ATOM   253  C CE  . LYS A 1 28  ? -13.774 -2.964  -3.582  1.00 21.77 ? 752  LYS A CE  1 
ATOM   254  N NZ  . LYS A 1 28  ? -14.803 -3.914  -3.068  1.00 26.90 ? 752  LYS A NZ  1 
ATOM   255  N N   . ASP A 1 29  ? -12.175 -0.576  -8.659  1.00 14.39 ? 753  ASP A N   1 
ATOM   256  C CA  . ASP A 1 29  ? -12.974 0.644   -8.897  1.00 16.83 ? 753  ASP A CA  1 
ATOM   257  C C   . ASP A 1 29  ? -12.112 1.914   -9.116  1.00 14.12 ? 753  ASP A C   1 
ATOM   258  O O   . ASP A 1 29  ? -12.479 3.013   -8.699  1.00 16.16 ? 753  ASP A O   1 
ATOM   259  C CB  . ASP A 1 29  ? -13.995 0.859   -7.750  1.00 17.01 ? 753  ASP A CB  1 
ATOM   260  C CG  . ASP A 1 29  ? -14.986 -0.288  -7.593  1.00 23.27 ? 753  ASP A CG  1 
ATOM   261  O OD1 . ASP A 1 29  ? -15.286 -1.034  -8.574  1.00 24.73 ? 753  ASP A OD1 1 
ATOM   262  O OD2 . ASP A 1 29  ? -15.540 -0.495  -6.480  1.00 30.30 ? 753  ASP A OD2 1 
ATOM   263  N N   . LEU A 1 30  ? -10.921 1.756   -9.728  1.00 14.92 ? 754  LEU A N   1 
ATOM   264  C CA  . LEU A 1 30  ? -10.084 2.955   -10.030 1.00 13.17 ? 754  LEU A CA  1 
ATOM   265  C C   . LEU A 1 30  ? -10.825 3.842   -11.029 1.00 13.20 ? 754  LEU A C   1 
ATOM   266  O O   . LEU A 1 30  ? -11.518 3.303   -11.900 1.00 14.07 ? 754  LEU A O   1 
ATOM   267  C CB  . LEU A 1 30  ? -8.718  2.588   -10.611 1.00 13.38 ? 754  LEU A CB  1 
ATOM   268  C CG  . LEU A 1 30  ? -7.808  1.749   -9.671  1.00 15.41 ? 754  LEU A CG  1 
ATOM   269  C CD1 . LEU A 1 30  ? -6.368  1.565   -10.233 1.00 16.18 ? 754  LEU A CD1 1 
ATOM   270  C CD2 . LEU A 1 30  ? -7.845  2.338   -8.184  1.00 16.61 ? 754  LEU A CD2 1 
ATOM   271  N N   . PRO A 1 31  ? -10.728 5.152   -10.914 1.00 13.43 ? 755  PRO A N   1 
ATOM   272  C CA  . PRO A 1 31  ? -11.347 6.051   -11.885 1.00 12.94 ? 755  PRO A CA  1 
ATOM   273  C C   . PRO A 1 31  ? -10.580 5.984   -13.218 1.00 12.15 ? 755  PRO A C   1 
ATOM   274  O O   . PRO A 1 31  ? -9.333  6.032   -13.251 1.00 13.43 ? 755  PRO A O   1 
ATOM   275  C CB  . PRO A 1 31  ? -11.169 7.444   -11.233 1.00 13.24 ? 755  PRO A CB  1 
ATOM   276  C CG  . PRO A 1 31  ? -10.017 7.333   -10.330 1.00 14.51 ? 755  PRO A CG  1 
ATOM   277  C CD  . PRO A 1 31  ? -10.065 5.885   -9.826  1.00 13.65 ? 755  PRO A CD  1 
ATOM   278  N N   A SER A 1 32  ? -11.312 5.881   -14.327 0.50 11.29 ? 756  SER A N   1 
ATOM   279  N N   B SER A 1 32  ? -11.315 5.929   -14.325 0.50 12.13 ? 756  SER A N   1 
ATOM   280  C CA  A SER A 1 32  ? -10.707 6.091   -15.655 0.50 10.58 ? 756  SER A CA  1 
ATOM   281  C CA  B SER A 1 32  ? -10.706 6.142   -15.645 0.50 12.18 ? 756  SER A CA  1 
ATOM   282  C C   A SER A 1 32  ? -10.076 7.485   -15.739 0.50 11.37 ? 756  SER A C   1 
ATOM   283  C C   B SER A 1 32  ? -10.180 7.566   -15.823 0.50 12.29 ? 756  SER A C   1 
ATOM   284  O O   A SER A 1 32  ? -10.273 8.320   -14.866 0.50 11.19 ? 756  SER A O   1 
ATOM   285  O O   B SER A 1 32  ? -10.594 8.531   -15.147 0.50 12.81 ? 756  SER A O   1 
ATOM   286  C CB  A SER A 1 32  ? -11.783 5.884   -16.742 0.50 10.81 ? 756  SER A CB  1 
ATOM   287  C CB  B SER A 1 32  ? -11.755 5.888   -16.720 0.50 12.74 ? 756  SER A CB  1 
ATOM   288  O OG  A SER A 1 32  ? -12.351 4.585   -16.608 0.50 9.84  ? 756  SER A OG  1 
ATOM   289  O OG  B SER A 1 32  ? -12.817 6.756   -16.459 0.50 16.38 ? 756  SER A OG  1 
ATOM   290  N N   . ARG A 1 33  ? -9.250  7.701   -16.757 1.00 10.87 ? 757  ARG A N   1 
ATOM   291  C CA  . ARG A 1 33  ? -8.745  9.028   -17.105 1.00 11.52 ? 757  ARG A CA  1 
ATOM   292  C C   . ARG A 1 33  ? -9.825  9.880   -17.664 1.00 11.70 ? 757  ARG A C   1 
ATOM   293  O O   . ARG A 1 33  ? -10.859 9.391   -18.120 1.00 11.71 ? 757  ARG A O   1 
ATOM   294  C CB  . ARG A 1 33  ? -7.611  8.921   -18.138 1.00 11.17 ? 757  ARG A CB  1 
ATOM   295  C CG  . ARG A 1 33  ? -6.392  8.158   -17.589 1.00 12.09 ? 757  ARG A CG  1 
ATOM   296  C CD  . ARG A 1 33  ? -5.416  7.895   -18.610 1.00 12.05 ? 757  ARG A CD  1 
ATOM   297  N NE  . ARG A 1 33  ? -4.241  7.271   -18.038 1.00 14.01 ? 757  ARG A NE  1 
ATOM   298  C CZ  . ARG A 1 33  ? -3.324  6.693   -18.779 1.00 12.89 ? 757  ARG A CZ  1 
ATOM   299  N NH1 . ARG A 1 33  ? -3.467  6.676   -20.117 1.00 15.20 ? 757  ARG A NH1 1 
ATOM   300  N NH2 . ARG A 1 33  ? -2.268  6.120   -18.214 1.00 15.52 ? 757  ARG A NH2 1 
ATOM   301  N N   . GLU A 1 34  ? -9.566  11.185  -17.746 1.00 11.39 ? 758  GLU A N   1 
ATOM   302  C CA  . GLU A 1 34  ? -10.576 12.061  -18.266 1.00 13.30 ? 758  GLU A CA  1 
ATOM   303  C C   . GLU A 1 34  ? -11.000 11.686  -19.689 1.00 10.59 ? 758  GLU A C   1 
ATOM   304  O O   . GLU A 1 34  ? -12.153 11.876  -20.083 1.00 11.18 ? 758  GLU A O   1 
ATOM   305  C CB  . GLU A 1 34  ? -10.124 13.515  -18.187 1.00 16.23 ? 758  GLU A CB  1 
ATOM   306  C CG  . GLU A 1 34  ? -10.471 14.068  -16.802 1.00 21.82 ? 758  GLU A CG  1 
ATOM   307  C CD  . GLU A 1 34  ? -11.999 14.275  -16.708 1.00 26.05 ? 758  GLU A CD  1 
ATOM   308  O OE1 . GLU A 1 34  ? -12.567 14.962  -17.604 1.00 33.27 ? 758  GLU A OE1 1 
ATOM   309  O OE2 . GLU A 1 34  ? -12.634 13.712  -15.782 1.00 33.35 ? 758  GLU A OE2 1 
ATOM   310  N N   . ASP A 1 35  ? -10.037 11.184  -20.460 1.00 9.98  ? 759  ASP A N   1 
ATOM   311  C CA  . ASP A 1 35  ? -10.270 10.789  -21.856 1.00 9.55  ? 759  ASP A CA  1 
ATOM   312  C C   . ASP A 1 35  ? -10.860 9.369   -21.974 1.00 8.75  ? 759  ASP A C   1 
ATOM   313  O O   . ASP A 1 35  ? -11.011 8.871   -23.072 1.00 7.99  ? 759  ASP A O   1 
ATOM   314  C CB  . ASP A 1 35  ? -8.984  10.897  -22.661 1.00 9.82  ? 759  ASP A CB  1 
ATOM   315  C CG  . ASP A 1 35  ? -7.946  9.873   -22.269 1.00 9.91  ? 759  ASP A CG  1 
ATOM   316  O OD1 . ASP A 1 35  ? -8.148  8.923   -21.467 1.00 10.58 ? 759  ASP A OD1 1 
ATOM   317  O OD2 . ASP A 1 35  ? -6.845  9.952   -22.870 1.00 16.08 ? 759  ASP A OD2 1 
ATOM   318  N N   . GLY A 1 36  ? -11.258 8.803   -20.856 1.00 9.30  ? 760  GLY A N   1 
ATOM   319  C CA  . GLY A 1 36  ? -11.927 7.504   -20.932 1.00 9.35  ? 760  GLY A CA  1 
ATOM   320  C C   . GLY A 1 36  ? -11.043 6.280   -20.911 1.00 9.64  ? 760  GLY A C   1 
ATOM   321  O O   . GLY A 1 36  ? -11.567 5.154   -20.867 1.00 9.90  ? 760  GLY A O   1 
ATOM   322  N N   . ARG A 1 37  ? -9.720  6.446   -20.973 1.00 9.11  ? 761  ARG A N   1 
ATOM   323  C CA  . ARG A 1 37  ? -8.831  5.301   -21.042 1.00 9.90  ? 761  ARG A CA  1 
ATOM   324  C C   . ARG A 1 37  ? -8.495  4.845   -19.633 1.00 10.23 ? 761  ARG A C   1 
ATOM   325  O O   . ARG A 1 37  ? -8.651  5.590   -18.665 1.00 10.13 ? 761  ARG A O   1 
ATOM   326  C CB  . ARG A 1 37  ? -7.540  5.725   -21.769 1.00 12.03 ? 761  ARG A CB  1 
ATOM   327  C CG  . ARG A 1 37  ? -7.770  6.078   -23.217 1.00 12.11 ? 761  ARG A CG  1 
ATOM   328  C CD  . ARG A 1 37  ? -6.451  6.383   -23.918 1.00 19.22 ? 761  ARG A CD  1 
ATOM   329  N NE  . ARG A 1 37  ? -6.610  6.720   -25.333 1.00 23.40 ? 761  ARG A NE  1 
ATOM   330  C CZ  . ARG A 1 37  ? -6.649  5.837   -26.325 1.00 25.86 ? 761  ARG A CZ  1 
ATOM   331  N NH1 . ARG A 1 37  ? -6.606  4.533   -26.071 1.00 29.25 ? 761  ARG A NH1 1 
ATOM   332  N NH2 . ARG A 1 37  ? -6.736  6.261   -27.586 1.00 23.00 ? 761  ARG A NH2 1 
ATOM   333  N N   . PRO A 1 38  ? -8.041  3.620   -19.497 1.00 10.79 ? 762  PRO A N   1 
ATOM   334  C CA  . PRO A 1 38  ? -7.681  3.083   -18.203 1.00 12.84 ? 762  PRO A CA  1 
ATOM   335  C C   . PRO A 1 38  ? -6.293  3.576   -17.737 1.00 12.09 ? 762  PRO A C   1 
ATOM   336  O O   . PRO A 1 38  ? -5.634  4.365   -18.412 1.00 12.41 ? 762  PRO A O   1 
ATOM   337  C CB  . PRO A 1 38  ? -7.676  1.574   -18.457 1.00 13.36 ? 762  PRO A CB  1 
ATOM   338  C CG  . PRO A 1 38  ? -7.272  1.460   -19.915 1.00 13.86 ? 762  PRO A CG  1 
ATOM   339  C CD  . PRO A 1 38  ? -7.890  2.652   -20.601 1.00 11.46 ? 762  PRO A CD  1 
ATOM   340  N N   . ARG A 1 39  ? -5.915  3.127   -16.546 1.00 12.41 ? 763  ARG A N   1 
ATOM   341  C CA  . ARG A 1 39  ? -4.710  3.561   -15.861 1.00 12.41 ? 763  ARG A CA  1 
ATOM   342  C C   . ARG A 1 39  ? -3.554  2.568   -16.097 1.00 12.71 ? 763  ARG A C   1 
ATOM   343  O O   . ARG A 1 39  ? -3.780  1.437   -16.490 1.00 12.82 ? 763  ARG A O   1 
ATOM   344  C CB  . ARG A 1 39  ? -5.062  3.576   -14.348 1.00 12.97 ? 763  ARG A CB  1 
ATOM   345  C CG  . ARG A 1 39  ? -6.189  4.558   -13.944 1.00 14.35 ? 763  ARG A CG  1 
ATOM   346  C CD  . ARG A 1 39  ? -5.809  5.974   -14.257 1.00 13.94 ? 763  ARG A CD  1 
ATOM   347  N NE  . ARG A 1 39  ? -6.879  6.912   -13.895 1.00 14.05 ? 763  ARG A NE  1 
ATOM   348  C CZ  . ARG A 1 39  ? -6.726  8.232   -13.775 1.00 12.80 ? 763  ARG A CZ  1 
ATOM   349  N NH1 . ARG A 1 39  ? -5.549  8.819   -14.038 1.00 12.73 ? 763  ARG A NH1 1 
ATOM   350  N NH2 . ARG A 1 39  ? -7.792  8.945   -13.424 1.00 14.47 ? 763  ARG A NH2 1 
ATOM   351  N N   . ASN A 1 40  ? -2.353  2.994   -15.740 1.00 12.33 ? 764  ASN A N   1 
ATOM   352  C CA  . ASN A 1 40  ? -1.190  2.130   -15.590 1.00 12.36 ? 764  ASN A CA  1 
ATOM   353  C C   . ASN A 1 40  ? -0.750  2.223   -14.155 1.00 12.02 ? 764  ASN A C   1 
ATOM   354  O O   . ASN A 1 40  ? 0.143   3.012   -13.817 1.00 12.54 ? 764  ASN A O   1 
ATOM   355  C CB  . ASN A 1 40  ? -0.015  2.566   -16.479 1.00 12.96 ? 764  ASN A CB  1 
ATOM   356  C CG  . ASN A 1 40  ? -0.383  2.610   -17.943 1.00 14.51 ? 764  ASN A CG  1 
ATOM   357  O OD1 . ASN A 1 40  ? -1.048  1.693   -18.501 1.00 15.54 ? 764  ASN A OD1 1 
ATOM   358  N ND2 . ASN A 1 40  ? 0.064   3.690   -18.607 1.00 14.80 ? 764  ASN A ND2 1 
ATOM   359  N N   . PRO A 1 41  ? -1.444  1.507   -13.275 1.00 12.47 ? 765  PRO A N   1 
ATOM   360  C CA  . PRO A 1 41  ? -1.251  1.780   -11.830 1.00 12.07 ? 765  PRO A CA  1 
ATOM   361  C C   . PRO A 1 41  ? -0.079  1.055   -11.153 1.00 12.75 ? 765  PRO A C   1 
ATOM   362  O O   . PRO A 1 41  ? 0.229   -0.114  -11.477 1.00 12.24 ? 765  PRO A O   1 
ATOM   363  C CB  . PRO A 1 41  ? -2.614  1.396   -11.222 1.00 14.25 ? 765  PRO A CB  1 
ATOM   364  C CG  . PRO A 1 41  ? -3.115  0.297   -12.151 1.00 15.11 ? 765  PRO A CG  1 
ATOM   365  C CD  . PRO A 1 41  ? -2.541  0.560   -13.519 1.00 13.31 ? 765  PRO A CD  1 
ATOM   366  N N   . TYR A 1 42  ? 0.520   1.758   -10.181 1.00 12.09 ? 766  TYR A N   1 
ATOM   367  C CA  . TYR A 1 42  ? 1.471   1.137   -9.242  1.00 12.33 ? 766  TYR A CA  1 
ATOM   368  C C   . TYR A 1 42  ? 1.240   1.725   -7.886  1.00 11.96 ? 766  TYR A C   1 
ATOM   369  O O   . TYR A 1 42  ? 0.715   2.803   -7.749  1.00 12.32 ? 766  TYR A O   1 
ATOM   370  C CB  . TYR A 1 42  ? 2.933   1.248   -9.694  1.00 11.27 ? 766  TYR A CB  1 
ATOM   371  C CG  . TYR A 1 42  ? 3.467   2.668   -9.662  1.00 13.98 ? 766  TYR A CG  1 
ATOM   372  C CD1 . TYR A 1 42  ? 4.127   3.160   -8.497  1.00 14.66 ? 766  TYR A CD1 1 
ATOM   373  C CD2 . TYR A 1 42  ? 3.439   3.465   -10.823 1.00 13.79 ? 766  TYR A CD2 1 
ATOM   374  C CE1 . TYR A 1 42  ? 4.674   4.440   -8.475  1.00 16.90 ? 766  TYR A CE1 1 
ATOM   375  C CE2 . TYR A 1 42  ? 3.961   4.775   -10.780 1.00 17.33 ? 766  TYR A CE2 1 
ATOM   376  C CZ  . TYR A 1 42  ? 4.607   5.202   -9.606  1.00 16.19 ? 766  TYR A CZ  1 
ATOM   377  O OH  . TYR A 1 42  ? 5.187   6.468   -9.595  1.00 20.04 ? 766  TYR A OH  1 
ATOM   378  N N   . VAL A 1 43  ? 1.716   0.975   -6.889  1.00 12.92 ? 767  VAL A N   1 
ATOM   379  C CA  . VAL A 1 43  ? 1.672   1.410   -5.497  1.00 12.27 ? 767  VAL A CA  1 
ATOM   380  C C   . VAL A 1 43  ? 3.068   1.614   -4.965  1.00 12.53 ? 767  VAL A C   1 
ATOM   381  O O   . VAL A 1 43  ? 3.948   0.834   -5.250  1.00 13.09 ? 767  VAL A O   1 
ATOM   382  C CB  . VAL A 1 43  ? 0.966   0.349   -4.634  1.00 12.73 ? 767  VAL A CB  1 
ATOM   383  C CG1 . VAL A 1 43  ? 0.980   0.745   -3.162  1.00 15.30 ? 767  VAL A CG1 1 
ATOM   384  C CG2 . VAL A 1 43  ? -0.512  0.253   -5.023  1.00 17.39 ? 767  VAL A CG2 1 
ATOM   385  N N   . LYS A 1 44  ? 3.266   2.711   -4.245  1.00 11.11 ? 768  LYS A N   1 
ATOM   386  C CA  . LYS A 1 44  ? 4.504   3.020   -3.504  1.00 11.10 ? 768  LYS A CA  1 
ATOM   387  C C   . LYS A 1 44  ? 4.199   2.991   -2.026  1.00 11.47 ? 768  LYS A C   1 
ATOM   388  O O   . LYS A 1 44  ? 3.126   3.455   -1.593  1.00 12.46 ? 768  LYS A O   1 
ATOM   389  C CB  . LYS A 1 44  ? 4.986   4.419   -3.897  1.00 14.37 ? 768  LYS A CB  1 
ATOM   390  C CG  . LYS A 1 44  ? 6.291   4.792   -3.262  1.00 17.11 ? 768  LYS A CG  1 
ATOM   391  C CD  . LYS A 1 44  ? 6.914   6.019   -3.989  1.00 22.17 ? 768  LYS A CD  1 
ATOM   392  C CE  . LYS A 1 44  ? 6.051   7.269   -3.817  1.00 26.71 ? 768  LYS A CE  1 
ATOM   393  N NZ  . LYS A 1 44  ? 6.645   8.460   -4.512  1.00 31.77 ? 768  LYS A NZ  1 
ATOM   394  N N   . ILE A 1 45  ? 5.124   2.396   -1.277  1.00 13.09 ? 769  ILE A N   1 
ATOM   395  C CA  . ILE A 1 45  ? 4.965   2.379   0.172   1.00 15.40 ? 769  ILE A CA  1 
ATOM   396  C C   . ILE A 1 45  ? 6.206   2.900   0.834   1.00 16.30 ? 769  ILE A C   1 
ATOM   397  O O   . ILE A 1 45  ? 7.325   2.452   0.493   1.00 17.41 ? 769  ILE A O   1 
ATOM   398  C CB  . ILE A 1 45  ? 4.627   1.015   0.699   1.00 15.60 ? 769  ILE A CB  1 
ATOM   399  C CG1 . ILE A 1 45  ? 3.362   0.495   0.001   1.00 16.81 ? 769  ILE A CG1 1 
ATOM   400  C CG2 . ILE A 1 45  ? 4.408   1.087   2.230   1.00 17.56 ? 769  ILE A CG2 1 
ATOM   401  C CD1 . ILE A 1 45  ? 2.570   -0.788  0.567   1.00 19.47 ? 769  ILE A CD1 1 
ATOM   402  N N   . TYR A 1 46  ? 6.060   3.837   1.748   1.00 14.64 ? 770  TYR A N   1 
ATOM   403  C CA  . TYR A 1 46  ? 7.115   4.246   2.685   1.00 12.90 ? 770  TYR A CA  1 
ATOM   404  C C   . TYR A 1 46  ? 6.700   3.854   4.071   1.00 13.59 ? 770  TYR A C   1 
ATOM   405  O O   . TYR A 1 46  ? 5.573   4.085   4.557   1.00 14.61 ? 770  TYR A O   1 
ATOM   406  C CB  . TYR A 1 46  ? 7.353   5.742   2.678   1.00 14.83 ? 770  TYR A CB  1 
ATOM   407  C CG  . TYR A 1 46  ? 8.245   6.270   1.603   1.00 16.13 ? 770  TYR A CG  1 
ATOM   408  C CD1 . TYR A 1 46  ? 9.609   6.091   1.689   1.00 19.07 ? 770  TYR A CD1 1 
ATOM   409  C CD2 . TYR A 1 46  ? 7.743   6.963   0.498   1.00 16.32 ? 770  TYR A CD2 1 
ATOM   410  C CE1 . TYR A 1 46  ? 10.450  6.591   0.726   1.00 18.47 ? 770  TYR A CE1 1 
ATOM   411  C CE2 . TYR A 1 46  ? 8.611   7.468   -0.484  1.00 16.80 ? 770  TYR A CE2 1 
ATOM   412  C CZ  . TYR A 1 46  ? 9.934   7.258   -0.345  1.00 18.45 ? 770  TYR A CZ  1 
ATOM   413  O OH  . TYR A 1 46  ? 10.787  7.785   -1.328  1.00 21.13 ? 770  TYR A OH  1 
ATOM   414  N N   . PHE A 1 47  ? 7.626   3.206   4.776   1.00 14.25 ? 771  PHE A N   1 
ATOM   415  C CA  . PHE A 1 47  ? 7.499   2.921   6.196   1.00 13.42 ? 771  PHE A CA  1 
ATOM   416  C C   . PHE A 1 47  ? 8.209   4.044   6.899   1.00 13.37 ? 771  PHE A C   1 
ATOM   417  O O   . PHE A 1 47  ? 9.445   4.113   6.864   1.00 15.12 ? 771  PHE A O   1 
ATOM   418  C CB  . PHE A 1 47  ? 8.186   1.565   6.502   1.00 13.77 ? 771  PHE A CB  1 
ATOM   419  C CG  . PHE A 1 47  ? 8.015   1.108   7.870   1.00 14.70 ? 771  PHE A CG  1 
ATOM   420  C CD1 . PHE A 1 47  ? 6.749   1.097   8.470   1.00 16.94 ? 771  PHE A CD1 1 
ATOM   421  C CD2 . PHE A 1 47  ? 9.132   0.617   8.572   1.00 21.30 ? 771  PHE A CD2 1 
ATOM   422  C CE1 . PHE A 1 47  ? 6.567   0.613   9.712   1.00 18.69 ? 771  PHE A CE1 1 
ATOM   423  C CE2 . PHE A 1 47  ? 8.977   0.116   9.865   1.00 23.02 ? 771  PHE A CE2 1 
ATOM   424  C CZ  . PHE A 1 47  ? 7.667   0.117   10.425  1.00 18.85 ? 771  PHE A CZ  1 
ATOM   425  N N   . LEU A 1 48  ? 7.435   4.922   7.476   1.00 12.86 ? 772  LEU A N   1 
ATOM   426  C CA  . LEU A 1 48  ? 7.991   6.193   8.060   1.00 13.59 ? 772  LEU A CA  1 
ATOM   427  C C   . LEU A 1 48  ? 8.060   6.118   9.558   1.00 15.45 ? 772  LEU A C   1 
ATOM   428  O O   . LEU A 1 48  ? 7.345   5.356   10.186  1.00 14.84 ? 772  LEU A O   1 
ATOM   429  C CB  . LEU A 1 48  ? 7.094   7.345   7.664   1.00 13.54 ? 772  LEU A CB  1 
ATOM   430  C CG  . LEU A 1 48  ? 7.017   7.559   6.157   1.00 15.71 ? 772  LEU A CG  1 
ATOM   431  C CD1 . LEU A 1 48  ? 6.003   8.624   5.859   1.00 19.12 ? 772  LEU A CD1 1 
ATOM   432  C CD2 . LEU A 1 48  ? 8.394   7.940   5.565   1.00 18.22 ? 772  LEU A CD2 1 
ATOM   433  N N   . PRO A 1 49  ? 8.934   6.881   10.220  1.00 17.90 ? 773  PRO A N   1 
ATOM   434  C CA  . PRO A 1 49  ? 9.894   7.768   9.631   1.00 22.67 ? 773  PRO A CA  1 
ATOM   435  C C   . PRO A 1 49  ? 11.105  7.144   9.018   1.00 24.56 ? 773  PRO A C   1 
ATOM   436  O O   . PRO A 1 49  ? 11.275  5.893   8.921   1.00 26.99 ? 773  PRO A O   1 
ATOM   437  C CB  . PRO A 1 49  ? 10.341  8.649   10.816  1.00 21.58 ? 773  PRO A CB  1 
ATOM   438  C CG  . PRO A 1 49  ? 10.111  7.888   11.968  1.00 21.42 ? 773  PRO A CG  1 
ATOM   439  C CD  . PRO A 1 49  ? 8.985   6.903   11.692  1.00 19.34 ? 773  PRO A CD  1 
ATOM   440  N N   . ASP A 1 50  ? 11.980  8.101   8.705   1.00 27.94 ? 774  ASP A N   1 
ATOM   441  C CA  . ASP A 1 50  ? 12.944  8.009   7.674   1.00 29.43 ? 774  ASP A CA  1 
ATOM   442  C C   . ASP A 1 50  ? 12.338  7.696   6.325   1.00 29.25 ? 774  ASP A C   1 
ATOM   443  O O   . ASP A 1 50  ? 12.070  6.536   5.972   1.00 27.70 ? 774  ASP A O   1 
ATOM   444  C CB  . ASP A 1 50  ? 14.169  7.198   8.098   1.00 31.82 ? 774  ASP A CB  1 
ATOM   445  C CG  . ASP A 1 50  ? 15.137  8.057   8.903   1.00 36.05 ? 774  ASP A CG  1 
ATOM   446  O OD1 . ASP A 1 50  ? 14.655  9.064   9.512   1.00 39.91 ? 774  ASP A OD1 1 
ATOM   447  O OD2 . ASP A 1 50  ? 16.375  7.832   8.969   1.00 40.90 ? 774  ASP A OD2 1 
ATOM   448  N N   . ARG A 1 51  ? 12.089  8.768   5.577   1.00 27.33 ? 775  ARG A N   1 
ATOM   449  C CA  . ARG A 1 51  ? 11.764  8.677   4.183   1.00 28.79 ? 775  ARG A CA  1 
ATOM   450  C C   . ARG A 1 51  ? 13.090  8.462   3.448   1.00 28.60 ? 775  ARG A C   1 
ATOM   451  O O   . ARG A 1 51  ? 13.714  9.436   2.971   1.00 30.80 ? 775  ARG A O   1 
ATOM   452  C CB  . ARG A 1 51  ? 11.088  9.965   3.721   1.00 28.18 ? 775  ARG A CB  1 
ATOM   453  C CG  . ARG A 1 51  ? 10.663  9.977   2.298   1.00 30.47 ? 775  ARG A CG  1 
ATOM   454  C CD  . ARG A 1 51  ? 11.081  11.222  1.478   1.00 30.59 ? 775  ARG A CD  1 
ATOM   455  N NE  . ARG A 1 51  ? 10.625  11.119  0.086   1.00 32.08 ? 775  ARG A NE  1 
ATOM   456  C CZ  . ARG A 1 51  ? 9.339   10.981  -0.247  1.00 32.08 ? 775  ARG A CZ  1 
ATOM   457  N NH1 . ARG A 1 51  ? 8.425   10.961  0.705   1.00 37.11 ? 775  ARG A NH1 1 
ATOM   458  N NH2 . ARG A 1 51  ? 8.962   10.880  -1.523  1.00 34.16 ? 775  ARG A NH2 1 
ATOM   459  N N   . SER A 1 52  ? 13.556  7.213   3.417   1.00 26.68 ? 776  SER A N   1 
ATOM   460  C CA  . SER A 1 52  ? 14.760  6.826   2.648   1.00 26.91 ? 776  SER A CA  1 
ATOM   461  C C   . SER A 1 52  ? 14.507  5.543   1.888   1.00 26.69 ? 776  SER A C   1 
ATOM   462  O O   . SER A 1 52  ? 13.518  4.868   2.142   1.00 25.51 ? 776  SER A O   1 
ATOM   463  C CB  . SER A 1 52  ? 15.992  6.651   3.545   1.00 27.49 ? 776  SER A CB  1 
ATOM   464  O OG  . SER A 1 52  ? 15.718  5.799   4.634   1.00 30.80 ? 776  SER A OG  1 
ATOM   465  N N   . ASP A 1 53  ? 15.411  5.193   0.979   1.00 25.19 ? 777  ASP A N   1 
ATOM   466  C CA  . ASP A 1 53  ? 15.235  4.065   0.076   1.00 24.52 ? 777  ASP A CA  1 
ATOM   467  C C   . ASP A 1 53  ? 15.023  2.795   0.865   1.00 22.86 ? 777  ASP A C   1 
ATOM   468  O O   . ASP A 1 53  ? 14.263  1.925   0.445   1.00 22.34 ? 777  ASP A O   1 
ATOM   469  C CB  . ASP A 1 53  ? 16.482  3.878   -0.846  1.00 26.03 ? 777  ASP A CB  1 
ATOM   470  C CG  . ASP A 1 53  ? 16.400  2.565   -1.688  1.00 31.14 ? 777  ASP A CG  1 
ATOM   471  O OD1 . ASP A 1 53  ? 15.679  2.556   -2.714  1.00 33.20 ? 777  ASP A OD1 1 
ATOM   472  O OD2 . ASP A 1 53  ? 16.993  1.486   -1.383  1.00 35.91 ? 777  ASP A OD2 1 
ATOM   473  N N   . LYS A 1 54  ? 15.702  2.679   2.005   1.00 20.80 ? 778  LYS A N   1 
ATOM   474  C CA  . LYS A 1 54  ? 15.602  1.487   2.817   1.00 20.03 ? 778  LYS A CA  1 
ATOM   475  C C   . LYS A 1 54  ? 14.143  1.197   3.192   1.00 18.97 ? 778  LYS A C   1 
ATOM   476  O O   . LYS A 1 54  ? 13.752  0.063   3.406   1.00 19.56 ? 778  LYS A O   1 
ATOM   477  C CB  . LYS A 1 54  ? 16.453  1.592   4.083   1.00 21.64 ? 778  LYS A CB  1 
ATOM   478  C CG  . LYS A 1 54  ? 16.596  0.273   4.767   1.00 25.75 ? 778  LYS A CG  1 
ATOM   479  C CD  . LYS A 1 54  ? 15.897  0.098   6.088   1.00 33.31 ? 778  LYS A CD  1 
ATOM   480  C CE  . LYS A 1 54  ? 16.337  -1.235  6.718   1.00 36.93 ? 778  LYS A CE  1 
ATOM   481  N NZ  . LYS A 1 54  ? 15.720  -1.414  8.052   1.00 40.24 ? 778  LYS A NZ  1 
ATOM   482  N N   . ASN A 1 55  ? 13.387  2.277   3.373   1.00 16.94 ? 779  ASN A N   1 
ATOM   483  C CA  . ASN A 1 55  ? 11.995  2.217   3.854   1.00 16.28 ? 779  ASN A CA  1 
ATOM   484  C C   . ASN A 1 55  ? 11.000  2.313   2.690   1.00 15.46 ? 779  ASN A C   1 
ATOM   485  O O   . ASN A 1 55  ? 9.764   2.366   2.903   1.00 14.86 ? 779  ASN A O   1 
ATOM   486  C CB  . ASN A 1 55  ? 11.796  3.307   4.898   1.00 16.25 ? 779  ASN A CB  1 
ATOM   487  C CG  . ASN A 1 55  ? 12.410  2.931   6.236   1.00 17.60 ? 779  ASN A CG  1 
ATOM   488  O OD1 . ASN A 1 55  ? 12.600  1.735   6.499   1.00 21.16 ? 779  ASN A OD1 1 
ATOM   489  N ND2 . ASN A 1 55  ? 12.807  3.933   7.066   1.00 19.42 ? 779  ASN A ND2 1 
ATOM   490  N N   . LYS A 1 56  ? 11.477  2.282   1.464   1.00 14.69 ? 780  LYS A N   1 
ATOM   491  C CA  . LYS A 1 56  ? 10.671  2.474   0.269   1.00 14.87 ? 780  LYS A CA  1 
ATOM   492  C C   . LYS A 1 56  ? 10.470  1.142   -0.454  1.00 14.37 ? 780  LYS A C   1 
ATOM   493  O O   . LYS A 1 56  ? 11.434  0.391   -0.657  1.00 14.02 ? 780  LYS A O   1 
ATOM   494  C CB  . LYS A 1 56  ? 11.315  3.512   -0.675  1.00 15.73 ? 780  LYS A CB  1 
ATOM   495  C CG  . LYS A 1 56  ? 10.476  3.766   -1.900  1.00 19.73 ? 780  LYS A CG  1 
ATOM   496  C CD  . LYS A 1 56  ? 11.022  4.803   -2.817  1.00 28.15 ? 780  LYS A CD  1 
ATOM   497  C CE  . LYS A 1 56  ? 10.291  4.765   -4.128  1.00 32.66 ? 780  LYS A CE  1 
ATOM   498  N NZ  . LYS A 1 56  ? 11.209  4.198   -5.157  1.00 39.29 ? 780  LYS A NZ  1 
ATOM   499  N N   . ARG A 1 57  ? 9.264   0.911   -0.914  1.00 12.20 ? 781  ARG A N   1 
ATOM   500  C CA  . ARG A 1 57  ? 8.957   -0.242  -1.788  1.00 12.14 ? 781  ARG A CA  1 
ATOM   501  C C   . ARG A 1 57  ? 7.968   0.173   -2.847  1.00 12.52 ? 781  ARG A C   1 
ATOM   502  O O   . ARG A 1 57  ? 7.158   1.108   -2.617  1.00 13.10 ? 781  ARG A O   1 
ATOM   503  C CB  . ARG A 1 57  ? 8.273   -1.336  -0.960  1.00 13.16 ? 781  ARG A CB  1 
ATOM   504  C CG  . ARG A 1 57  ? 9.120   -1.946  0.154   1.00 14.53 ? 781  ARG A CG  1 
ATOM   505  C CD  . ARG A 1 57  ? 10.362  -2.733  -0.265  1.00 14.08 ? 781  ARG A CD  1 
ATOM   506  N NE  . ARG A 1 57  ? 10.976  -3.319  0.933   1.00 13.77 ? 781  ARG A NE  1 
ATOM   507  C CZ  . ARG A 1 57  ? 11.744  -2.685  1.756   1.00 12.78 ? 781  ARG A CZ  1 
ATOM   508  N NH1 . ARG A 1 57  ? 12.130  -1.432  1.512   1.00 15.91 ? 781  ARG A NH1 1 
ATOM   509  N NH2 . ARG A 1 57  ? 12.162  -3.328  2.857   1.00 14.95 ? 781  ARG A NH2 1 
ATOM   510  N N   . ARG A 1 58  ? 7.977   -0.526  -3.993  1.00 11.82 ? 782  ARG A N   1 
ATOM   511  C CA  . ARG A 1 58  ? 7.022   -0.207  -5.037  1.00 12.74 ? 782  ARG A CA  1 
ATOM   512  C C   . ARG A 1 58  ? 6.569   -1.490  -5.694  1.00 12.93 ? 782  ARG A C   1 
ATOM   513  O O   . ARG A 1 58  ? 7.392   -2.384  -5.909  1.00 13.84 ? 782  ARG A O   1 
ATOM   514  C CB  . ARG A 1 58  ? 7.769   0.605   -6.122  1.00 16.58 ? 782  ARG A CB  1 
ATOM   515  C CG  . ARG A 1 58  ? 7.843   2.026   -5.858  1.00 23.44 ? 782  ARG A CG  1 
ATOM   516  C CD  . ARG A 1 58  ? 8.498   2.814   -7.008  1.00 26.16 ? 782  ARG A CD  1 
ATOM   517  N NE  . ARG A 1 58  ? 7.903   2.545   -8.321  1.00 25.73 ? 782  ARG A NE  1 
ATOM   518  C CZ  . ARG A 1 58  ? 7.832   3.455   -9.308  1.00 28.08 ? 782  ARG A CZ  1 
ATOM   519  N NH1 . ARG A 1 58  ? 8.285   4.707   -9.114  1.00 24.82 ? 782  ARG A NH1 1 
ATOM   520  N NH2 . ARG A 1 58  ? 7.293   3.133   -10.469 1.00 31.77 ? 782  ARG A NH2 1 
ATOM   521  N N   . THR A 1 59  ? 5.285   -1.562  -6.044  1.00 13.05 ? 783  THR A N   1 
ATOM   522  C CA  . THR A 1 59  ? 4.841   -2.641  -6.946  1.00 12.19 ? 783  THR A CA  1 
ATOM   523  C C   . THR A 1 59  ? 5.322   -2.393  -8.367  1.00 11.36 ? 783  THR A C   1 
ATOM   524  O O   . THR A 1 59  ? 5.699   -1.281  -8.744  1.00 13.37 ? 783  THR A O   1 
ATOM   525  C CB  . THR A 1 59  ? 3.311   -2.782  -6.976  1.00 12.67 ? 783  THR A CB  1 
ATOM   526  O OG1 . THR A 1 59  ? 2.742   -1.626  -7.605  1.00 13.13 ? 783  THR A OG1 1 
ATOM   527  C CG2 . THR A 1 59  ? 2.679   -2.963  -5.575  1.00 15.01 ? 783  THR A CG2 1 
ATOM   528  N N   . LYS A 1 60  ? 5.229   -3.453  -9.158  1.00 12.15 ? 784  LYS A N   1 
ATOM   529  C CA  . LYS A 1 60  ? 5.282   -3.291  -10.615 1.00 11.97 ? 784  LYS A CA  1 
ATOM   530  C C   . LYS A 1 60  ? 4.070   -2.463  -11.099 1.00 11.01 ? 784  LYS A C   1 
ATOM   531  O O   . LYS A 1 60  ? 3.088   -2.231  -10.363 1.00 11.11 ? 784  LYS A O   1 
ATOM   532  C CB  . LYS A 1 60  ? 5.327   -4.643  -11.324 1.00 12.02 ? 784  LYS A CB  1 
ATOM   533  C CG  . LYS A 1 60  ? 6.589   -5.409  -10.980 1.00 15.75 ? 784  LYS A CG  1 
ATOM   534  C CD  . LYS A 1 60  ? 6.583   -6.802  -11.647 1.00 18.34 ? 784  LYS A CD  1 
ATOM   535  C CE  . LYS A 1 60  ? 7.835   -7.621  -11.243 1.00 25.02 ? 784  LYS A CE  1 
ATOM   536  N NZ  . LYS A 1 60  ? 7.723   -9.048  -11.706 1.00 27.90 ? 784  LYS A NZ  1 
ATOM   537  N N   . THR A 1 61  ? 4.164   -1.994  -12.334 1.00 12.60 ? 785  THR A N   1 
ATOM   538  C CA  . THR A 1 61  ? 3.089   -1.174  -12.925 1.00 12.62 ? 785  THR A CA  1 
ATOM   539  C C   . THR A 1 61  ? 2.264   -2.050  -13.856 1.00 12.26 ? 785  THR A C   1 
ATOM   540  O O   . THR A 1 61  ? 2.794   -2.649  -14.768 1.00 13.21 ? 785  THR A O   1 
ATOM   541  C CB  . THR A 1 61  ? 3.678   0.016   -13.717 1.00 11.29 ? 785  THR A CB  1 
ATOM   542  O OG1 . THR A 1 61  ? 4.414   0.881   -12.823 1.00 13.16 ? 785  THR A OG1 1 
ATOM   543  C CG2 . THR A 1 61  ? 2.577   0.906   -14.304 1.00 14.69 ? 785  THR A CG2 1 
ATOM   544  N N   . VAL A 1 62  ? 0.985   -2.191  -13.603 1.00 13.03 ? 786  VAL A N   1 
ATOM   545  C CA  . VAL A 1 62  ? 0.122   -2.969  -14.511 1.00 13.70 ? 786  VAL A CA  1 
ATOM   546  C C   . VAL A 1 62  ? -0.299  -2.083  -15.673 1.00 13.70 ? 786  VAL A C   1 
ATOM   547  O O   . VAL A 1 62  ? -0.563  -0.888  -15.463 1.00 14.38 ? 786  VAL A O   1 
ATOM   548  C CB  . VAL A 1 62  ? -1.126  -3.519  -13.766 1.00 16.06 ? 786  VAL A CB  1 
ATOM   549  C CG1 . VAL A 1 62  ? -2.008  -4.292  -14.718 1.00 15.98 ? 786  VAL A CG1 1 
ATOM   550  C CG2 . VAL A 1 62  ? -0.676  -4.359  -12.590 1.00 17.47 ? 786  VAL A CG2 1 
ATOM   551  N N   . LYS A 1 63  ? -0.316  -2.634  -16.878 1.00 14.74 ? 787  LYS A N   1 
ATOM   552  C CA  . LYS A 1 63  ? -0.708  -1.850  -18.047 1.00 16.48 ? 787  LYS A CA  1 
ATOM   553  C C   . LYS A 1 63  ? -2.227  -1.861  -18.259 1.00 15.20 ? 787  LYS A C   1 
ATOM   554  O O   . LYS A 1 63  ? -2.854  -2.932  -18.231 1.00 15.48 ? 787  LYS A O   1 
ATOM   555  C CB  . LYS A 1 63  ? -0.099  -2.380  -19.364 1.00 17.39 ? 787  LYS A CB  1 
ATOM   556  C CG  . LYS A 1 63  ? 1.285   -2.865  -19.415 1.00 23.68 ? 787  LYS A CG  1 
ATOM   557  C CD  . LYS A 1 63  ? 1.657   -3.145  -20.907 1.00 22.46 ? 787  LYS A CD  1 
ATOM   558  C CE  . LYS A 1 63  ? 2.887   -4.105  -21.027 1.00 31.87 ? 787  LYS A CE  1 
ATOM   559  N NZ  . LYS A 1 63  ? 3.992   -3.671  -21.983 1.00 32.20 ? 787  LYS A NZ  1 
ATOM   560  N N   . LYS A 1 64  ? -2.797  -0.681  -18.441 1.00 13.24 ? 788  LYS A N   1 
ATOM   561  C CA  . LYS A 1 64  ? -4.161  -0.521  -18.996 1.00 13.74 ? 788  LYS A CA  1 
ATOM   562  C C   . LYS A 1 64  ? -5.234  -1.279  -18.219 1.00 13.65 ? 788  LYS A C   1 
ATOM   563  O O   . LYS A 1 64  ? -5.845  -2.263  -18.702 1.00 14.47 ? 788  LYS A O   1 
ATOM   564  C CB  . LYS A 1 64  ? -4.215  -0.892  -20.510 1.00 12.75 ? 788  LYS A CB  1 
ATOM   565  C CG  . LYS A 1 64  ? -3.358  0.039   -21.365 1.00 16.47 ? 788  LYS A CG  1 
ATOM   566  C CD  . LYS A 1 64  ? -3.386  -0.413  -22.880 1.00 15.03 ? 788  LYS A CD  1 
ATOM   567  C CE  . LYS A 1 64  ? -2.571  0.537   -23.741 1.00 18.66 ? 788  LYS A CE  1 
ATOM   568  N NZ  . LYS A 1 64  ? -2.489  0.020   -25.170 1.00 19.95 ? 788  LYS A NZ  1 
ATOM   569  N N   . THR A 1 65  ? -5.456  -0.864  -16.983 1.00 13.22 ? 789  THR A N   1 
ATOM   570  C CA  . THR A 1 65  ? -6.519  -1.496  -16.202 1.00 12.88 ? 789  THR A CA  1 
ATOM   571  C C   . THR A 1 65  ? -7.076  -0.516  -15.168 1.00 13.79 ? 789  THR A C   1 
ATOM   572  O O   . THR A 1 65  ? -6.416  0.456   -14.810 1.00 14.69 ? 789  THR A O   1 
ATOM   573  C CB  . THR A 1 65  ? -5.916  -2.732  -15.489 1.00 14.18 ? 789  THR A CB  1 
ATOM   574  O OG1 . THR A 1 65  ? -6.909  -3.397  -14.718 1.00 14.57 ? 789  THR A OG1 1 
ATOM   575  C CG2 . THR A 1 65  ? -4.829  -2.330  -14.438 1.00 15.56 ? 789  THR A CG2 1 
ATOM   576  N N   . LEU A 1 66  ? -8.257  -0.864  -14.657 1.00 12.87 ? 790  LEU A N   1 
ATOM   577  C CA  . LEU A 1 66  ? -8.899  -0.220  -13.495 1.00 13.09 ? 790  LEU A CA  1 
ATOM   578  C C   . LEU A 1 66  ? -9.026  -1.158  -12.301 1.00 12.90 ? 790  LEU A C   1 
ATOM   579  O O   . LEU A 1 66  ? -9.544  -0.766  -11.250 1.00 13.95 ? 790  LEU A O   1 
ATOM   580  C CB  . LEU A 1 66  ? -10.311 0.244   -13.874 1.00 13.35 ? 790  LEU A CB  1 
ATOM   581  C CG  . LEU A 1 66  ? -10.324 1.144   -15.095 1.00 14.42 ? 790  LEU A CG  1 
ATOM   582  C CD1 . LEU A 1 66  ? -11.789 1.486   -15.399 1.00 17.18 ? 790  LEU A CD1 1 
ATOM   583  C CD2 . LEU A 1 66  ? -9.500  2.415   -14.933 1.00 15.71 ? 790  LEU A CD2 1 
ATOM   584  N N   . GLU A 1 67  ? -8.534  -2.374  -12.466 1.00 14.32 ? 791  GLU A N   1 
ATOM   585  C CA  . GLU A 1 67  ? -8.620  -3.397  -11.432 1.00 14.99 ? 791  GLU A CA  1 
ATOM   586  C C   . GLU A 1 67  ? -7.287  -4.180  -11.362 1.00 13.24 ? 791  GLU A C   1 
ATOM   587  O O   . GLU A 1 67  ? -7.272  -5.389  -11.578 1.00 15.21 ? 791  GLU A O   1 
ATOM   588  C CB  . GLU A 1 67  ? -9.790  -4.350  -11.762 1.00 16.97 ? 791  GLU A CB  1 
ATOM   589  C CG  . GLU A 1 67  ? -10.207 -5.239  -10.620 1.00 25.69 ? 791  GLU A CG  1 
ATOM   590  C CD  . GLU A 1 67  ? -11.661 -5.623  -10.744 1.00 35.02 ? 791  GLU A CD  1 
ATOM   591  O OE1 . GLU A 1 67  ? -12.130 -5.693  -11.916 1.00 39.75 ? 791  GLU A OE1 1 
ATOM   592  O OE2 . GLU A 1 67  ? -12.323 -5.840  -9.694  1.00 38.61 ? 791  GLU A OE2 1 
ATOM   593  N N   . PRO A 1 68  ? -6.191  -3.497  -11.053 1.00 12.38 ? 792  PRO A N   1 
ATOM   594  C CA  . PRO A 1 68  ? -4.853  -4.130  -11.074 1.00 12.81 ? 792  PRO A CA  1 
ATOM   595  C C   . PRO A 1 68  ? -4.722  -5.175  -9.991  1.00 12.76 ? 792  PRO A C   1 
ATOM   596  O O   . PRO A 1 68  ? -5.257  -5.006  -8.887  1.00 13.83 ? 792  PRO A O   1 
ATOM   597  C CB  . PRO A 1 68  ? -3.919  -2.955  -10.762 1.00 12.96 ? 792  PRO A CB  1 
ATOM   598  C CG  . PRO A 1 68  ? -4.793  -2.017  -9.939  1.00 12.96 ? 792  PRO A CG  1 
ATOM   599  C CD  . PRO A 1 68  ? -6.109  -2.062  -10.672 1.00 12.81 ? 792  PRO A CD  1 
ATOM   600  N N   . LYS A 1 69  ? -3.950  -6.196  -10.272 1.00 14.15 ? 793  LYS A N   1 
ATOM   601  C CA  . LYS A 1 69  ? -3.648  -7.266  -9.304  1.00 14.04 ? 793  LYS A CA  1 
ATOM   602  C C   . LYS A 1 69  ? -2.146  -7.373  -9.295  1.00 14.58 ? 793  LYS A C   1 
ATOM   603  O O   . LYS A 1 69  ? -1.513  -7.785  -10.265 1.00 18.06 ? 793  LYS A O   1 
ATOM   604  C CB  . LYS A 1 69  ? -4.280  -8.592  -9.718  1.00 14.96 ? 793  LYS A CB  1 
ATOM   605  C CG  . LYS A 1 69  ? -5.766  -8.420  -9.721  1.00 18.51 ? 793  LYS A CG  1 
ATOM   606  C CD  . LYS A 1 69  ? -6.488  -9.534  -10.402 1.00 24.77 ? 793  LYS A CD  1 
ATOM   607  C CE  . LYS A 1 69  ? -8.007  -9.315  -10.231 1.00 29.51 ? 793  LYS A CE  1 
ATOM   608  N NZ  . LYS A 1 69  ? -8.512  -8.112  -11.002 1.00 30.62 ? 793  LYS A NZ  1 
ATOM   609  N N   . TRP A 1 70  ? -1.547  -6.980  -8.207  1.00 12.87 ? 794  TRP A N   1 
ATOM   610  C CA  . TRP A 1 70  ? -0.104  -7.091  -8.070  1.00 12.81 ? 794  TRP A CA  1 
ATOM   611  C C   . TRP A 1 70  ? 0.332   -8.309  -7.290  1.00 14.14 ? 794  TRP A C   1 
ATOM   612  O O   . TRP A 1 70  ? 1.325   -8.931  -7.644  1.00 13.91 ? 794  TRP A O   1 
ATOM   613  C CB  . TRP A 1 70  ? 0.460   -5.839  -7.353  1.00 13.55 ? 794  TRP A CB  1 
ATOM   614  C CG  . TRP A 1 70  ? 0.201   -4.520  -8.058  1.00 12.70 ? 794  TRP A CG  1 
ATOM   615  C CD1 . TRP A 1 70  ? 0.918   -3.976  -9.124  1.00 14.02 ? 794  TRP A CD1 1 
ATOM   616  C CD2 . TRP A 1 70  ? -0.810  -3.588  -7.729  1.00 11.80 ? 794  TRP A CD2 1 
ATOM   617  N NE1 . TRP A 1 70  ? 0.340   -2.766  -9.466  1.00 13.02 ? 794  TRP A NE1 1 
ATOM   618  C CE2 . TRP A 1 70  ? -0.692  -2.474  -8.598  1.00 12.91 ? 794  TRP A CE2 1 
ATOM   619  C CE3 . TRP A 1 70  ? -1.846  -3.579  -6.763  1.00 13.59 ? 794  TRP A CE3 1 
ATOM   620  C CZ2 . TRP A 1 70  ? -1.562  -1.383  -8.524  1.00 14.64 ? 794  TRP A CZ2 1 
ATOM   621  C CZ3 . TRP A 1 70  ? -2.682  -2.468  -6.664  1.00 14.17 ? 794  TRP A CZ3 1 
ATOM   622  C CH2 . TRP A 1 70  ? -2.519  -1.367  -7.542  1.00 15.30 ? 794  TRP A CH2 1 
ATOM   623  N N   . ASN A 1 71  ? -0.358  -8.588  -6.186  1.00 13.01 ? 795  ASN A N   1 
ATOM   624  C CA  . ASN A 1 71  ? -0.004  -9.743  -5.325  1.00 13.54 ? 795  ASN A CA  1 
ATOM   625  C C   . ASN A 1 71  ? 1.464   -9.779  -4.933  1.00 14.37 ? 795  ASN A C   1 
ATOM   626  O O   . ASN A 1 71  ? 2.121   -10.809 -5.070  1.00 16.27 ? 795  ASN A O   1 
ATOM   627  C CB  . ASN A 1 71  ? -0.446  -11.065 -5.989  1.00 14.63 ? 795  ASN A CB  1 
ATOM   628  C CG  . ASN A 1 71  ? -1.902  -11.057 -6.309  1.00 13.82 ? 795  ASN A CG  1 
ATOM   629  O OD1 . ASN A 1 71  ? -2.678  -10.699 -5.449  1.00 16.89 ? 795  ASN A OD1 1 
ATOM   630  N ND2 . ASN A 1 71  ? -2.254  -11.346 -7.569  1.00 17.97 ? 795  ASN A ND2 1 
ATOM   631  N N   . GLN A 1 72  ? 1.973   -8.656  -4.417  1.00 13.71 ? 796  GLN A N   1 
ATOM   632  C CA  . GLN A 1 72  ? 3.375   -8.533  -4.024  1.00 14.07 ? 796  GLN A CA  1 
ATOM   633  C C   . GLN A 1 72  ? 3.483   -8.394  -2.515  1.00 12.36 ? 796  GLN A C   1 
ATOM   634  O O   . GLN A 1 72  ? 2.691   -7.659  -1.901  1.00 14.84 ? 796  GLN A O   1 
ATOM   635  C CB  . GLN A 1 72  ? 3.994   -7.340  -4.726  1.00 12.57 ? 796  GLN A CB  1 
ATOM   636  C CG  . GLN A 1 72  ? 4.277   -7.639  -6.225  1.00 14.72 ? 796  GLN A CG  1 
ATOM   637  C CD  . GLN A 1 72  ? 4.969   -6.481  -6.923  1.00 14.81 ? 796  GLN A CD  1 
ATOM   638  O OE1 . GLN A 1 72  ? 4.370   -5.813  -7.769  1.00 13.94 ? 796  GLN A OE1 1 
ATOM   639  N NE2 . GLN A 1 72  ? 6.240   -6.285  -6.614  1.00 14.84 ? 796  GLN A NE2 1 
ATOM   640  N N   . THR A 1 73  ? 4.471   -9.061  -1.935  1.00 12.51 ? 797  THR A N   1 
ATOM   641  C CA  . THR A 1 73  ? 4.729   -9.014  -0.498  1.00 12.31 ? 797  THR A CA  1 
ATOM   642  C C   . THR A 1 73  ? 6.033   -8.314  -0.250  1.00 12.42 ? 797  THR A C   1 
ATOM   643  O O   . THR A 1 73  ? 7.091   -8.685  -0.778  1.00 12.60 ? 797  THR A O   1 
ATOM   644  C CB  . THR A 1 73  ? 4.767   -10.387 0.031   1.00 12.88 ? 797  THR A CB  1 
ATOM   645  O OG1 . THR A 1 73  ? 3.448   -10.972 -0.050  1.00 15.57 ? 797  THR A OG1 1 
ATOM   646  C CG2 . THR A 1 73  ? 5.146   -10.429 1.550   1.00 13.93 ? 797  THR A CG2 1 
ATOM   647  N N   . PHE A 1 74  ? 5.915   -7.278  0.552   1.00 12.95 ? 798  PHE A N   1 
ATOM   648  C CA  . PHE A 1 74  ? 7.054   -6.499  0.978   1.00 12.82 ? 798  PHE A CA  1 
ATOM   649  C C   . PHE A 1 74  ? 7.406   -6.885  2.433   1.00 13.23 ? 798  PHE A C   1 
ATOM   650  O O   . PHE A 1 74  ? 6.501   -7.122  3.219   1.00 13.44 ? 798  PHE A O   1 
ATOM   651  C CB  . PHE A 1 74  ? 6.754   -5.019  0.934   1.00 14.40 ? 798  PHE A CB  1 
ATOM   652  C CG  . PHE A 1 74  ? 6.214   -4.483  -0.398  1.00 14.31 ? 798  PHE A CG  1 
ATOM   653  C CD1 . PHE A 1 74  ? 6.519   -5.066  -1.637  1.00 15.44 ? 798  PHE A CD1 1 
ATOM   654  C CD2 . PHE A 1 74  ? 5.468   -3.331  -0.381  1.00 16.78 ? 798  PHE A CD2 1 
ATOM   655  C CE1 . PHE A 1 74  ? 5.993   -4.447  -2.833  1.00 14.61 ? 798  PHE A CE1 1 
ATOM   656  C CE2 . PHE A 1 74  ? 4.977   -2.731  -1.563  1.00 15.26 ? 798  PHE A CE2 1 
ATOM   657  C CZ  . PHE A 1 74  ? 5.263   -3.313  -2.757  1.00 15.50 ? 798  PHE A CZ  1 
ATOM   658  N N   . ILE A 1 75  ? 8.670   -6.842  2.780   1.00 13.64 ? 799  ILE A N   1 
ATOM   659  C CA  . ILE A 1 75  ? 9.117   -7.210  4.119   1.00 14.20 ? 799  ILE A CA  1 
ATOM   660  C C   . ILE A 1 75  ? 9.958   -6.062  4.648   1.00 12.69 ? 799  ILE A C   1 
ATOM   661  O O   . ILE A 1 75  ? 10.965  -5.687  4.009   1.00 14.86 ? 799  ILE A O   1 
ATOM   662  C CB  . ILE A 1 75  ? 9.936   -8.512  4.161   1.00 16.02 ? 799  ILE A CB  1 
ATOM   663  C CG1 . ILE A 1 75  ? 9.069   -9.698  3.692   1.00 18.78 ? 799  ILE A CG1 1 
ATOM   664  C CG2 . ILE A 1 75  ? 10.437  -8.712  5.611   1.00 17.22 ? 799  ILE A CG2 1 
ATOM   665  C CD1 . ILE A 1 75  ? 9.577   -11.031 4.116   1.00 24.61 ? 799  ILE A CD1 1 
ATOM   666  N N   A TYR A 1 76  ? 9.541   -5.511  5.776   0.50 12.48 ? 800  TYR A N   1 
ATOM   667  N N   B TYR A 1 76  ? 9.539   -5.452  5.753   0.50 12.89 ? 800  TYR A N   1 
ATOM   668  C CA  A TYR A 1 76  ? 10.270  -4.434  6.432   0.50 11.99 ? 800  TYR A CA  1 
ATOM   669  C CA  B TYR A 1 76  ? 10.355  -4.394  6.391   0.50 12.36 ? 800  TYR A CA  1 
ATOM   670  C C   A TYR A 1 76  ? 11.016  -5.082  7.597   0.50 12.28 ? 800  TYR A C   1 
ATOM   671  C C   B TYR A 1 76  ? 10.973  -4.951  7.637   0.50 12.56 ? 800  TYR A C   1 
ATOM   672  O O   A TYR A 1 76  ? 10.433  -5.856  8.354   0.50 11.83 ? 800  TYR A O   1 
ATOM   673  O O   B TYR A 1 76  ? 10.215  -5.468  8.515   0.50 10.73 ? 800  TYR A O   1 
ATOM   674  C CB  A TYR A 1 76  ? 9.291   -3.337  6.857   0.50 12.98 ? 800  TYR A CB  1 
ATOM   675  C CB  B TYR A 1 76  ? 9.544   -3.159  6.752   0.50 13.99 ? 800  TYR A CB  1 
ATOM   676  C CG  A TYR A 1 76  ? 8.890   -2.428  5.702   0.50 11.70 ? 800  TYR A CG  1 
ATOM   677  C CG  B TYR A 1 76  ? 8.887   -2.521  5.555   0.50 12.83 ? 800  TYR A CG  1 
ATOM   678  C CD1 A TYR A 1 76  ? 9.838   -1.660  5.054   0.50 13.45 ? 800  TYR A CD1 1 
ATOM   679  C CD1 B TYR A 1 76  ? 9.514   -1.495  4.849   0.50 14.72 ? 800  TYR A CD1 1 
ATOM   680  C CD2 A TYR A 1 76  ? 7.543   -2.297  5.297   0.50 10.95 ? 800  TYR A CD2 1 
ATOM   681  C CD2 B TYR A 1 76  ? 7.618   -2.939  5.133   0.50 13.83 ? 800  TYR A CD2 1 
ATOM   682  C CE1 A TYR A 1 76  ? 9.490   -0.794  4.000   0.50 12.39 ? 800  TYR A CE1 1 
ATOM   683  C CE1 B TYR A 1 76  ? 8.890   -0.882  3.749   0.50 13.60 ? 800  TYR A CE1 1 
ATOM   684  C CE2 A TYR A 1 76  ? 7.171   -1.438  4.255   0.50 12.44 ? 800  TYR A CE2 1 
ATOM   685  C CE2 B TYR A 1 76  ? 7.007   -2.351  4.051   0.50 13.48 ? 800  TYR A CE2 1 
ATOM   686  C CZ  A TYR A 1 76  ? 8.163   -0.670  3.607   0.50 11.61 ? 800  TYR A CZ  1 
ATOM   687  C CZ  B TYR A 1 76  ? 7.640   -1.335  3.365   0.50 15.02 ? 800  TYR A CZ  1 
ATOM   688  O OH  A TYR A 1 76  ? 7.813   0.188   2.570   0.50 11.17 ? 800  TYR A OH  1 
ATOM   689  O OH  B TYR A 1 76  ? 6.985   -0.812  2.299   0.50 17.51 ? 800  TYR A OH  1 
ATOM   690  N N   . SER A 1 77  ? 12.305  -4.808  7.756   1.00 12.38 ? 801  SER A N   1 
ATOM   691  C CA  . SER A 1 77  ? 13.020  -5.347  8.892   1.00 14.24 ? 801  SER A CA  1 
ATOM   692  C C   . SER A 1 77  ? 14.265  -4.508  9.112   1.00 15.18 ? 801  SER A C   1 
ATOM   693  O O   . SER A 1 77  ? 14.822  -4.051  8.110   1.00 15.79 ? 801  SER A O   1 
ATOM   694  C CB  . SER A 1 77  ? 13.512  -6.744  8.538   1.00 15.95 ? 801  SER A CB  1 
ATOM   695  O OG  . SER A 1 77  ? 14.348  -7.320  9.563   1.00 20.61 ? 801  SER A OG  1 
ATOM   696  N N   . PRO A 1 78  ? 14.702  -4.300  10.355  1.00 14.94 ? 802  PRO A N   1 
ATOM   697  C CA  . PRO A 1 78  ? 14.097  -4.786  11.597  1.00 13.70 ? 802  PRO A CA  1 
ATOM   698  C C   . PRO A 1 78  ? 12.942  -3.915  12.010  1.00 14.64 ? 802  PRO A C   1 
ATOM   699  O O   . PRO A 1 78  ? 12.945  -2.683  11.748  1.00 16.59 ? 802  PRO A O   1 
ATOM   700  C CB  . PRO A 1 78  ? 15.207  -4.542  12.626  1.00 14.80 ? 802  PRO A CB  1 
ATOM   701  C CG  . PRO A 1 78  ? 15.987  -3.355  12.084  1.00 19.10 ? 802  PRO A CG  1 
ATOM   702  C CD  . PRO A 1 78  ? 15.968  -3.554  10.591  1.00 15.88 ? 802  PRO A CD  1 
ATOM   703  N N   . VAL A 1 79  ? 11.922  -4.519  12.601  1.00 12.55 ? 803  VAL A N   1 
ATOM   704  C CA  . VAL A 1 79  ? 10.776  -3.787  13.179  1.00 12.87 ? 803  VAL A CA  1 
ATOM   705  C C   . VAL A 1 79  ? 10.475  -4.304  14.567  1.00 12.83 ? 803  VAL A C   1 
ATOM   706  O O   . VAL A 1 79  ? 10.479  -5.528  14.786  1.00 13.97 ? 803  VAL A O   1 
ATOM   707  C CB  . VAL A 1 79  ? 9.478   -3.923  12.294  1.00 12.56 ? 803  VAL A CB  1 
ATOM   708  C CG1 . VAL A 1 79  ? 8.324   -3.123  12.943  1.00 15.40 ? 803  VAL A CG1 1 
ATOM   709  C CG2 . VAL A 1 79  ? 9.806   -3.344  10.928  1.00 15.69 ? 803  VAL A CG2 1 
ATOM   710  N N   A HIS A 1 80  ? 10.201  -3.379  15.483  0.50 13.05 ? 804  HIS A N   1 
ATOM   711  N N   B HIS A 1 80  ? 10.310  -3.404  15.544  0.50 13.11 ? 804  HIS A N   1 
ATOM   712  C CA  A HIS A 1 80  ? 10.040  -3.667  16.888  0.50 13.37 ? 804  HIS A CA  1 
ATOM   713  C CA  B HIS A 1 80  ? 9.969   -3.819  16.900  0.50 13.95 ? 804  HIS A CA  1 
ATOM   714  C C   A HIS A 1 80  ? 8.675   -3.178  17.390  0.50 14.24 ? 804  HIS A C   1 
ATOM   715  C C   B HIS A 1 80  ? 8.609   -3.278  17.280  0.50 14.15 ? 804  HIS A C   1 
ATOM   716  O O   A HIS A 1 80  ? 8.364   -2.006  17.138  0.50 13.42 ? 804  HIS A O   1 
ATOM   717  O O   B HIS A 1 80  ? 8.259   -2.175  16.904  0.50 14.28 ? 804  HIS A O   1 
ATOM   718  C CB  A HIS A 1 80  ? 11.192  -3.008  17.669  0.50 14.05 ? 804  HIS A CB  1 
ATOM   719  C CB  B HIS A 1 80  ? 10.980  -3.354  17.980  0.50 14.06 ? 804  HIS A CB  1 
ATOM   720  C CG  A HIS A 1 80  ? 12.533  -3.582  17.331  0.50 11.40 ? 804  HIS A CG  1 
ATOM   721  C CG  B HIS A 1 80  ? 12.252  -4.142  18.014  0.50 14.50 ? 804  HIS A CG  1 
ATOM   722  N ND1 A HIS A 1 80  ? 13.059  -4.661  17.987  0.50 13.06 ? 804  HIS A ND1 1 
ATOM   723  N ND1 B HIS A 1 80  ? 13.191  -4.061  17.018  0.50 12.70 ? 804  HIS A ND1 1 
ATOM   724  C CD2 A HIS A 1 80  ? 13.433  -3.242  16.382  0.50 10.89 ? 804  HIS A CD2 1 
ATOM   725  C CD2 B HIS A 1 80  ? 12.740  -5.016  18.930  0.50 14.04 ? 804  HIS A CD2 1 
ATOM   726  C CE1 A HIS A 1 80  ? 14.223  -4.979  17.453  0.50 11.66 ? 804  HIS A CE1 1 
ATOM   727  C CE1 B HIS A 1 80  ? 14.202  -4.861  17.303  0.50 10.63 ? 804  HIS A CE1 1 
ATOM   728  N NE2 A HIS A 1 80  ? 14.491  -4.121  16.491  0.50 10.89 ? 804  HIS A NE2 1 
ATOM   729  N NE2 B HIS A 1 80  ? 13.959  -5.451  18.464  0.50 11.34 ? 804  HIS A NE2 1 
ATOM   730  N N   . ARG A 1 81  ? 7.934   -4.044  18.102  1.00 15.48 ? 805  ARG A N   1 
ATOM   731  C CA  . ARG A 1 81  ? 6.603   -3.677  18.640  1.00 16.71 ? 805  ARG A CA  1 
ATOM   732  C C   . ARG A 1 81  ? 6.662   -2.300  19.382  1.00 16.00 ? 805  ARG A C   1 
ATOM   733  O O   . ARG A 1 81  ? 5.752   -1.434  19.275  1.00 15.59 ? 805  ARG A O   1 
ATOM   734  C CB  . ARG A 1 81  ? 6.146   -4.780  19.607  1.00 18.78 ? 805  ARG A CB  1 
ATOM   735  C CG  . ARG A 1 81  ? 4.839   -4.513  20.329  1.00 25.38 ? 805  ARG A CG  1 
ATOM   736  C CD  . ARG A 1 81  ? 3.701   -4.421  19.384  1.00 28.44 ? 805  ARG A CD  1 
ATOM   737  N NE  . ARG A 1 81  ? 2.461   -3.924  19.997  1.00 32.58 ? 805  ARG A NE  1 
ATOM   738  C CZ  . ARG A 1 81  ? 2.259   -2.672  20.434  1.00 35.71 ? 805  ARG A CZ  1 
ATOM   739  N NH1 . ARG A 1 81  ? 3.202   -1.741  20.347  1.00 36.81 ? 805  ARG A NH1 1 
ATOM   740  N NH2 . ARG A 1 81  ? 1.084   -2.350  20.969  1.00 40.88 ? 805  ARG A NH2 1 
ATOM   741  N N   . ARG A 1 82  ? 7.744   -2.092  20.118  1.00 14.63 ? 806  ARG A N   1 
ATOM   742  C CA  . ARG A 1 82  ? 7.814   -0.860  20.908  1.00 15.34 ? 806  ARG A CA  1 
ATOM   743  C C   . ARG A 1 82  ? 7.804   0.424   20.051  1.00 14.49 ? 806  ARG A C   1 
ATOM   744  O O   . ARG A 1 82  ? 7.663   1.543   20.566  1.00 17.30 ? 806  ARG A O   1 
ATOM   745  C CB  . ARG A 1 82  ? 9.039   -0.873  21.814  1.00 14.65 ? 806  ARG A CB  1 
ATOM   746  C CG  . ARG A 1 82  ? 10.314  -0.745  21.060  1.00 13.89 ? 806  ARG A CG  1 
ATOM   747  C CD  . ARG A 1 82  ? 11.571  -0.941  21.890  1.00 13.74 ? 806  ARG A CD  1 
ATOM   748  N NE  . ARG A 1 82  ? 11.659  -2.323  22.367  1.00 17.74 ? 806  ARG A NE  1 
ATOM   749  C CZ  . ARG A 1 82  ? 12.067  -2.654  23.596  1.00 16.78 ? 806  ARG A CZ  1 
ATOM   750  N NH1 . ARG A 1 82  ? 12.253  -1.724  24.486  1.00 14.23 ? 806  ARG A NH1 1 
ATOM   751  N NH2 . ARG A 1 82  ? 12.169  -3.924  23.946  1.00 22.43 ? 806  ARG A NH2 1 
ATOM   752  N N   . GLU A 1 83  ? 8.059   0.260   18.758  1.00 15.38 ? 807  GLU A N   1 
ATOM   753  C CA  . GLU A 1 83  ? 8.214   1.378   17.840  1.00 16.90 ? 807  GLU A CA  1 
ATOM   754  C C   . GLU A 1 83  ? 6.857   1.723   17.215  1.00 16.80 ? 807  GLU A C   1 
ATOM   755  O O   . GLU A 1 83  ? 6.768   2.711   16.496  1.00 17.49 ? 807  GLU A O   1 
ATOM   756  C CB  . GLU A 1 83  ? 9.138   0.961   16.665  1.00 17.96 ? 807  GLU A CB  1 
ATOM   757  C CG  . GLU A 1 83  ? 10.611  0.765   17.069  1.00 19.67 ? 807  GLU A CG  1 
ATOM   758  C CD  . GLU A 1 83  ? 11.457  0.076   15.976  1.00 20.79 ? 807  GLU A CD  1 
ATOM   759  O OE1 . GLU A 1 83  ? 10.935  -0.573  15.005  1.00 23.13 ? 807  GLU A OE1 1 
ATOM   760  O OE2 . GLU A 1 83  ? 12.707  0.219   16.070  1.00 23.82 ? 807  GLU A OE2 1 
ATOM   761  N N   . PHE A 1 84  ? 5.824   0.951   17.468  1.00 15.29 ? 808  PHE A N   1 
ATOM   762  C CA  . PHE A 1 84  ? 4.594   1.126   16.647  1.00 15.27 ? 808  PHE A CA  1 
ATOM   763  C C   . PHE A 1 84  ? 3.960   2.494   16.834  1.00 16.57 ? 808  PHE A C   1 
ATOM   764  O O   . PHE A 1 84  ? 3.412   2.984   15.847  1.00 15.81 ? 808  PHE A O   1 
ATOM   765  C CB  . PHE A 1 84  ? 3.581   0.061   17.011  1.00 16.28 ? 808  PHE A CB  1 
ATOM   766  C CG  . PHE A 1 84  ? 3.835   -1.295  16.378  1.00 19.82 ? 808  PHE A CG  1 
ATOM   767  C CD1 . PHE A 1 84  ? 4.996   -1.574  15.654  1.00 20.25 ? 808  PHE A CD1 1 
ATOM   768  C CD2 . PHE A 1 84  ? 2.902   -2.292  16.577  1.00 22.12 ? 808  PHE A CD2 1 
ATOM   769  C CE1 . PHE A 1 84  ? 5.167   -2.880  15.091  1.00 22.86 ? 808  PHE A CE1 1 
ATOM   770  C CE2 . PHE A 1 84  ? 3.084   -3.605  16.058  1.00 22.88 ? 808  PHE A CE2 1 
ATOM   771  C CZ  . PHE A 1 84  ? 4.210   -3.849  15.322  1.00 19.28 ? 808  PHE A CZ  1 
ATOM   772  N N   . ARG A 1 85  ? 4.037   3.126   18.004  1.00 16.33 ? 809  ARG A N   1 
ATOM   773  C CA  . ARG A 1 85  ? 3.416   4.462   18.179  1.00 19.57 ? 809  ARG A CA  1 
ATOM   774  C C   . ARG A 1 85  ? 4.068   5.529   17.345  1.00 18.31 ? 809  ARG A C   1 
ATOM   775  O O   . ARG A 1 85  ? 3.501   6.597   17.140  1.00 20.53 ? 809  ARG A O   1 
ATOM   776  C CB  . ARG A 1 85  ? 3.402   4.895   19.653  1.00 20.28 ? 809  ARG A CB  1 
ATOM   777  C CG  . ARG A 1 85  ? 2.352   4.184   20.471  1.00 25.52 ? 809  ARG A CG  1 
ATOM   778  C CD  . ARG A 1 85  ? 2.195   4.745   21.903  1.00 26.35 ? 809  ARG A CD  1 
ATOM   779  N NE  . ARG A 1 85  ? 1.482   3.832   22.806  1.00 38.25 ? 809  ARG A NE  1 
ATOM   780  C CZ  . ARG A 1 85  ? 1.991   3.308   23.926  1.00 42.51 ? 809  ARG A CZ  1 
ATOM   781  N NH1 . ARG A 1 85  ? 3.227   3.611   24.331  1.00 45.12 ? 809  ARG A NH1 1 
ATOM   782  N NH2 . ARG A 1 85  ? 1.250   2.486   24.663  1.00 44.54 ? 809  ARG A NH2 1 
ATOM   783  N N   . GLU A 1 86  ? 5.265   5.225   16.859  1.00 15.99 ? 810  GLU A N   1 
ATOM   784  C CA  . GLU A 1 86  ? 6.082   6.141   16.095  1.00 17.71 ? 810  GLU A CA  1 
ATOM   785  C C   . GLU A 1 86  ? 6.310   5.690   14.649  1.00 16.70 ? 810  GLU A C   1 
ATOM   786  O O   . GLU A 1 86  ? 7.303   6.078   14.017  1.00 18.50 ? 810  GLU A O   1 
ATOM   787  C CB  . GLU A 1 86  ? 7.444   6.317   16.788  1.00 20.14 ? 810  GLU A CB  1 
ATOM   788  C CG  . GLU A 1 86  ? 7.391   6.944   18.202  1.00 25.43 ? 810  GLU A CG  1 
ATOM   789  C CD  . GLU A 1 86  ? 6.733   8.331   18.275  1.00 34.77 ? 810  GLU A CD  1 
ATOM   790  O OE1 . GLU A 1 86  ? 6.468   8.987   17.233  1.00 38.13 ? 810  GLU A OE1 1 
ATOM   791  O OE2 . GLU A 1 86  ? 6.462   8.794   19.410  1.00 40.41 ? 810  GLU A OE2 1 
ATOM   792  N N   . ARG A 1 87  ? 5.469   4.782   14.141  1.00 13.56 ? 811  ARG A N   1 
ATOM   793  C CA  . ARG A 1 87  ? 5.665   4.271   12.748  1.00 12.68 ? 811  ARG A CA  1 
ATOM   794  C C   . ARG A 1 87  ? 4.327   4.307   12.037  1.00 11.54 ? 811  ARG A C   1 
ATOM   795  O O   . ARG A 1 87  ? 3.255   4.104   12.658  1.00 12.68 ? 811  ARG A O   1 
ATOM   796  C CB  . ARG A 1 87  ? 6.132   2.786   12.725  1.00 13.31 ? 811  ARG A CB  1 
ATOM   797  C CG  . ARG A 1 87  ? 7.471   2.605   13.411  1.00 17.18 ? 811  ARG A CG  1 
ATOM   798  C CD  . ARG A 1 87  ? 8.526   3.273   12.593  1.00 19.75 ? 811  ARG A CD  1 
ATOM   799  N NE  . ARG A 1 87  ? 9.853   2.850   12.993  1.00 23.03 ? 811  ARG A NE  1 
ATOM   800  C CZ  . ARG A 1 87  ? 10.572  3.561   13.829  1.00 23.87 ? 811  ARG A CZ  1 
ATOM   801  N NH1 . ARG A 1 87  ? 10.084  4.712   14.327  1.00 25.41 ? 811  ARG A NH1 1 
ATOM   802  N NH2 . ARG A 1 87  ? 11.784  3.139   14.189  1.00 25.96 ? 811  ARG A NH2 1 
ATOM   803  N N   . MET A 1 88  ? 4.404   4.556   10.740  1.00 10.65 ? 812  MET A N   1 
ATOM   804  C CA  . MET A 1 88  ? 3.229   4.521   9.880   1.00 12.03 ? 812  MET A CA  1 
ATOM   805  C C   . MET A 1 88  ? 3.588   4.101   8.489   1.00 12.08 ? 812  MET A C   1 
ATOM   806  O O   . MET A 1 88  ? 4.734   4.268   8.057   1.00 12.34 ? 812  MET A O   1 
ATOM   807  C CB  . MET A 1 88  ? 2.515   5.875   9.828   1.00 14.08 ? 812  MET A CB  1 
ATOM   808  C CG  . MET A 1 88  ? 3.310   6.955   9.199   1.00 14.51 ? 812  MET A CG  1 
ATOM   809  S SD  . MET A 1 88  ? 2.549   8.545   9.616   1.00 16.97 ? 812  MET A SD  1 
ATOM   810  C CE  . MET A 1 88  ? 3.601   9.636   8.603   1.00 18.39 ? 812  MET A CE  1 
ATOM   811  N N   . LEU A 1 89  ? 2.631   3.522   7.793   1.00 11.16 ? 813  LEU A N   1 
ATOM   812  C CA  . LEU A 1 89  ? 2.810   3.168   6.398   1.00 11.81 ? 813  LEU A CA  1 
ATOM   813  C C   . LEU A 1 89  ? 2.116   4.156   5.513   1.00 11.30 ? 813  LEU A C   1 
ATOM   814  O O   . LEU A 1 89  ? 0.904   4.363   5.631   1.00 12.13 ? 813  LEU A O   1 
ATOM   815  C CB  . LEU A 1 89  ? 2.175   1.774   6.134   1.00 12.02 ? 813  LEU A CB  1 
ATOM   816  C CG  . LEU A 1 89  ? 2.905   0.615   6.787   1.00 12.13 ? 813  LEU A CG  1 
ATOM   817  C CD1 . LEU A 1 89  ? 1.972   -0.622  6.753   1.00 13.97 ? 813  LEU A CD1 1 
ATOM   818  C CD2 . LEU A 1 89  ? 4.184   0.254   6.039   1.00 14.89 ? 813  LEU A CD2 1 
ATOM   819  N N   . GLU A 1 90  ? 2.882   4.842   4.660   1.00 10.36 ? 814  GLU A N   1 
ATOM   820  C CA  . GLU A 1 90  ? 2.318   5.767   3.669   1.00 11.11 ? 814  GLU A CA  1 
ATOM   821  C C   . GLU A 1 90  ? 2.222   5.038   2.345   1.00 11.04 ? 814  GLU A C   1 
ATOM   822  O O   . GLU A 1 90  ? 3.222   4.682   1.718   1.00 10.46 ? 814  GLU A O   1 
ATOM   823  C CB  . GLU A 1 90  ? 3.238   7.000   3.544   1.00 10.80 ? 814  GLU A CB  1 
ATOM   824  C CG  . GLU A 1 90  ? 2.758   7.987   2.476   1.00 10.23 ? 814  GLU A CG  1 
ATOM   825  C CD  . GLU A 1 90  ? 3.920   8.789   1.955   1.00 12.12 ? 814  GLU A CD  1 
ATOM   826  O OE1 . GLU A 1 90  ? 4.299   9.731   2.621   1.00 12.32 ? 814  GLU A OE1 1 
ATOM   827  O OE2 . GLU A 1 90  ? 4.394   8.502   0.824   1.00 13.94 ? 814  GLU A OE2 1 
ATOM   828  N N   . ILE A 1 91  ? 0.995   4.744   1.962   1.00 10.77 ? 815  ILE A N   1 
ATOM   829  C CA  . ILE A 1 91  ? 0.683   3.930   0.774   1.00 12.25 ? 815  ILE A CA  1 
ATOM   830  C C   . ILE A 1 91  ? 0.034   4.816   -0.258  1.00 11.40 ? 815  ILE A C   1 
ATOM   831  O O   . ILE A 1 91  ? -0.987  5.417   0.013   1.00 12.34 ? 815  ILE A O   1 
ATOM   832  C CB  . ILE A 1 91  ? -0.249  2.767   1.186   1.00 12.72 ? 815  ILE A CB  1 
ATOM   833  C CG1 . ILE A 1 91  ? 0.467   1.941   2.265   1.00 13.82 ? 815  ILE A CG1 1 
ATOM   834  C CG2 . ILE A 1 91  ? -0.629  1.929   -0.059  1.00 13.82 ? 815  ILE A CG2 1 
ATOM   835  C CD1 . ILE A 1 91  ? -0.558  0.997   3.062   1.00 19.58 ? 815  ILE A CD1 1 
ATOM   836  N N   . THR A 1 92  ? 0.667   4.958   -1.411  1.00 11.98 ? 816  THR A N   1 
ATOM   837  C CA  . THR A 1 92  ? 0.160   5.852   -2.464  1.00 12.13 ? 816  THR A CA  1 
ATOM   838  C C   . THR A 1 92  ? 0.019   5.103   -3.745  1.00 12.25 ? 816  THR A C   1 
ATOM   839  O O   . THR A 1 92  ? 0.834   4.233   -4.079  1.00 13.96 ? 816  THR A O   1 
ATOM   840  C CB  . THR A 1 92  ? 1.053   7.115   -2.631  1.00 11.54 ? 816  THR A CB  1 
ATOM   841  O OG1 . THR A 1 92  ? 2.414   6.729   -2.879  1.00 13.06 ? 816  THR A OG1 1 
ATOM   842  C CG2 . THR A 1 92  ? 0.972   7.962   -1.369  1.00 13.44 ? 816  THR A CG2 1 
ATOM   843  N N   . LEU A 1 93  ? -1.032  5.467   -4.514  1.00 12.26 ? 817  LEU A N   1 
ATOM   844  C CA  . LEU A 1 93  ? -1.317  4.835   -5.802  1.00 13.34 ? 817  LEU A CA  1 
ATOM   845  C C   . LEU A 1 93  ? -1.089  5.901   -6.883  1.00 12.63 ? 817  LEU A C   1 
ATOM   846  O O   . LEU A 1 93  ? -1.467  7.055   -6.713  1.00 13.22 ? 817  LEU A O   1 
ATOM   847  C CB  . LEU A 1 93  ? -2.783  4.393   -5.794  1.00 14.60 ? 817  LEU A CB  1 
ATOM   848  C CG  . LEU A 1 93  ? -3.200  3.697   -7.106  1.00 16.04 ? 817  LEU A CG  1 
ATOM   849  C CD1 . LEU A 1 93  ? -2.558  2.324   -7.269  1.00 17.95 ? 817  LEU A CD1 1 
ATOM   850  C CD2 . LEU A 1 93  ? -4.707  3.633   -7.173  1.00 20.39 ? 817  LEU A CD2 1 
ATOM   851  N N   . TRP A 1 94  ? -0.516  5.457   -8.015  1.00 12.56 ? 818  TRP A N   1 
ATOM   852  C CA  . TRP A 1 94  ? -0.051  6.331   -9.093  1.00 12.80 ? 818  TRP A CA  1 
ATOM   853  C C   . TRP A 1 94  ? -0.432  5.747   -10.435 1.00 13.76 ? 818  TRP A C   1 
ATOM   854  O O   . TRP A 1 94  ? -0.435  4.537   -10.603 1.00 14.66 ? 818  TRP A O   1 
ATOM   855  C CB  . TRP A 1 94  ? 1.482   6.482   -9.061  1.00 13.53 ? 818  TRP A CB  1 
ATOM   856  C CG  . TRP A 1 94  ? 1.928   7.045   -7.778  1.00 12.73 ? 818  TRP A CG  1 
ATOM   857  C CD1 . TRP A 1 94  ? 2.272   6.321   -6.653  1.00 12.61 ? 818  TRP A CD1 1 
ATOM   858  C CD2 . TRP A 1 94  ? 2.038   8.452   -7.410  1.00 11.62 ? 818  TRP A CD2 1 
ATOM   859  N NE1 . TRP A 1 94  ? 2.566   7.186   -5.634  1.00 12.86 ? 818  TRP A NE1 1 
ATOM   860  C CE2 . TRP A 1 94  ? 2.454   8.485   -6.047  1.00 12.36 ? 818  TRP A CE2 1 
ATOM   861  C CE3 . TRP A 1 94  ? 1.828   9.690   -8.074  1.00 14.61 ? 818  TRP A CE3 1 
ATOM   862  C CZ2 . TRP A 1 94  ? 2.658   9.682   -5.327  1.00 13.63 ? 818  TRP A CZ2 1 
ATOM   863  C CZ3 . TRP A 1 94  ? 2.074   10.895  -7.323  1.00 15.66 ? 818  TRP A CZ3 1 
ATOM   864  C CH2 . TRP A 1 94  ? 2.457   10.870  -5.987  1.00 13.92 ? 818  TRP A CH2 1 
ATOM   865  N N   . ASP A 1 95  ? -0.724  6.643   -11.392 1.00 12.32 ? 819  ASP A N   1 
ATOM   866  C CA  . ASP A 1 95  ? -0.921  6.306   -12.820 1.00 12.74 ? 819  ASP A CA  1 
ATOM   867  C C   . ASP A 1 95  ? 0.353   6.675   -13.550 1.00 12.43 ? 819  ASP A C   1 
ATOM   868  O O   . ASP A 1 95  ? 0.678   7.894   -13.606 1.00 14.07 ? 819  ASP A O   1 
ATOM   869  C CB  . ASP A 1 95  ? -2.088  7.140   -13.309 1.00 13.35 ? 819  ASP A CB  1 
ATOM   870  C CG  . ASP A 1 95  ? -2.507  6.823   -14.727 1.00 13.85 ? 819  ASP A CG  1 
ATOM   871  O OD1 . ASP A 1 95  ? -2.060  5.834   -15.329 1.00 13.37 ? 819  ASP A OD1 1 
ATOM   872  O OD2 . ASP A 1 95  ? -3.263  7.636   -15.320 1.00 13.69 ? 819  ASP A OD2 1 
ATOM   873  N N   A GLN A 1 96  ? 1.140   5.663   -13.948 0.50 12.92 ? 820  GLN A N   1 
ATOM   874  N N   B GLN A 1 96  ? 1.030   5.690   -14.139 0.50 14.58 ? 820  GLN A N   1 
ATOM   875  C CA  A GLN A 1 96  ? 2.460   5.863   -14.583 0.50 13.25 ? 820  GLN A CA  1 
ATOM   876  C CA  B GLN A 1 96  ? 2.180   5.954   -15.030 0.50 15.26 ? 820  GLN A CA  1 
ATOM   877  C C   A GLN A 1 96  ? 2.334   6.192   -16.084 0.50 13.58 ? 820  GLN A C   1 
ATOM   878  C C   B GLN A 1 96  ? 1.845   6.291   -16.509 0.50 15.01 ? 820  GLN A C   1 
ATOM   879  O O   A GLN A 1 96  ? 1.763   5.434   -16.862 0.50 12.67 ? 820  GLN A O   1 
ATOM   880  O O   B GLN A 1 96  ? 0.841   5.847   -17.083 0.50 14.53 ? 820  GLN A O   1 
ATOM   881  C CB  A GLN A 1 96  ? 3.339   4.608   -14.343 0.50 12.70 ? 820  GLN A CB  1 
ATOM   882  C CB  B GLN A 1 96  ? 3.107   4.733   -14.991 0.50 16.02 ? 820  GLN A CB  1 
ATOM   883  C CG  A GLN A 1 96  ? 4.814   4.739   -14.785 0.50 11.60 ? 820  GLN A CG  1 
ATOM   884  C CG  B GLN A 1 96  ? 4.562   5.000   -15.430 0.50 18.24 ? 820  GLN A CG  1 
ATOM   885  C CD  A GLN A 1 96  ? 5.734   3.659   -14.169 0.50 15.15 ? 820  GLN A CD  1 
ATOM   886  C CD  B GLN A 1 96  ? 5.481   5.460   -14.310 0.50 20.66 ? 820  GLN A CD  1 
ATOM   887  O OE1 A GLN A 1 96  ? 6.706   3.990   -13.449 0.50 22.34 ? 820  GLN A OE1 1 
ATOM   888  O OE1 B GLN A 1 96  ? 5.176   6.412   -13.593 0.50 25.73 ? 820  GLN A OE1 1 
ATOM   889  N NE2 A GLN A 1 96  ? 5.502   2.415   -14.509 0.50 14.81 ? 820  GLN A NE2 1 
ATOM   890  N NE2 B GLN A 1 96  ? 6.617   4.782   -14.162 0.50 22.23 ? 820  GLN A NE2 1 
ATOM   891  N N   . SER A 1 104 ? 2.992   11.878  -14.508 1.00 25.52 ? 828  SER A N   1 
ATOM   892  C CA  . SER A 1 104 ? 2.188   10.840  -13.836 1.00 24.10 ? 828  SER A CA  1 
ATOM   893  C C   . SER A 1 104 ? 1.018   11.451  -13.044 1.00 21.77 ? 828  SER A C   1 
ATOM   894  O O   . SER A 1 104 ? 0.864   12.687  -13.022 1.00 22.56 ? 828  SER A O   1 
ATOM   895  C CB  . SER A 1 104 ? 3.064   9.987   -12.936 1.00 25.35 ? 828  SER A CB  1 
ATOM   896  O OG  . SER A 1 104 ? 4.139   9.489   -13.722 1.00 31.68 ? 828  SER A OG  1 
ATOM   897  N N   . GLU A 1 105 ? 0.147   10.613  -12.468 1.00 17.45 ? 829  GLU A N   1 
ATOM   898  C CA  . GLU A 1 105 ? -0.941  11.196  -11.737 1.00 16.03 ? 829  GLU A CA  1 
ATOM   899  C C   . GLU A 1 105 ? -1.122  10.490  -10.403 1.00 14.32 ? 829  GLU A C   1 
ATOM   900  O O   . GLU A 1 105 ? -1.184  9.272   -10.343 1.00 14.48 ? 829  GLU A O   1 
ATOM   901  C CB  . GLU A 1 105 ? -2.256  11.173  -12.541 1.00 15.77 ? 829  GLU A CB  1 
ATOM   902  C CG  . GLU A 1 105 ? -3.361  11.909  -11.793 1.00 18.58 ? 829  GLU A CG  1 
ATOM   903  C CD  . GLU A 1 105 ? -4.685  12.037  -12.555 1.00 20.32 ? 829  GLU A CD  1 
ATOM   904  O OE1 . GLU A 1 105 ? -4.795  11.493  -13.668 1.00 22.23 ? 829  GLU A OE1 1 
ATOM   905  O OE2 . GLU A 1 105 ? -5.609  12.704  -12.032 1.00 26.42 ? 829  GLU A OE2 1 
ATOM   906  N N   . PHE A 1 106 ? -1.291  11.273  -9.366  1.00 13.37 ? 830  PHE A N   1 
ATOM   907  C CA  . PHE A 1 106 ? -1.557  10.782  -8.028  1.00 13.21 ? 830  PHE A CA  1 
ATOM   908  C C   . PHE A 1 106 ? -2.990  10.295  -7.993  1.00 12.67 ? 830  PHE A C   1 
ATOM   909  O O   . PHE A 1 106 ? -3.923  11.024  -8.387  1.00 14.32 ? 830  PHE A O   1 
ATOM   910  C CB  . PHE A 1 106 ? -1.411  11.965  -7.076  1.00 13.05 ? 830  PHE A CB  1 
ATOM   911  C CG  . PHE A 1 106 ? -1.775  11.643  -5.661  1.00 13.57 ? 830  PHE A CG  1 
ATOM   912  C CD1 . PHE A 1 106 ? -1.085  10.691  -4.899  1.00 13.17 ? 830  PHE A CD1 1 
ATOM   913  C CD2 . PHE A 1 106 ? -2.813  12.322  -5.042  1.00 16.56 ? 830  PHE A CD2 1 
ATOM   914  C CE1 . PHE A 1 106 ? -1.400  10.477  -3.565  1.00 14.27 ? 830  PHE A CE1 1 
ATOM   915  C CE2 . PHE A 1 106 ? -3.146  12.067  -3.700  1.00 16.70 ? 830  PHE A CE2 1 
ATOM   916  C CZ  . PHE A 1 106 ? -2.401  11.136  -2.960  1.00 14.50 ? 830  PHE A CZ  1 
ATOM   917  N N   . LEU A 1 107 ? -3.174  9.052   -7.509  1.00 12.59 ? 831  LEU A N   1 
ATOM   918  C CA  . LEU A 1 107 ? -4.535  8.474   -7.445  1.00 13.59 ? 831  LEU A CA  1 
ATOM   919  C C   . LEU A 1 107 ? -5.003  8.235   -6.010  1.00 14.78 ? 831  LEU A C   1 
ATOM   920  O O   . LEU A 1 107 ? -6.012  7.591   -5.781  1.00 16.95 ? 831  LEU A O   1 
ATOM   921  C CB  . LEU A 1 107 ? -4.630  7.159   -8.211  1.00 14.25 ? 831  LEU A CB  1 
ATOM   922  C CG  . LEU A 1 107 ? -4.400  7.246   -9.734  1.00 16.09 ? 831  LEU A CG  1 
ATOM   923  C CD1 . LEU A 1 107 ? -4.429  5.828   -10.378 1.00 17.35 ? 831  LEU A CD1 1 
ATOM   924  C CD2 . LEU A 1 107 ? -5.417  8.178   -10.361 1.00 18.83 ? 831  LEU A CD2 1 
ATOM   925  N N   . GLY A 1 108 ? -4.221  8.653   -5.013  1.00 12.46 ? 832  GLY A N   1 
ATOM   926  C CA  . GLY A 1 108 ? -4.723  8.585   -3.653  1.00 12.93 ? 832  GLY A CA  1 
ATOM   927  C C   . GLY A 1 108 ? -3.760  7.958   -2.679  1.00 13.03 ? 832  GLY A C   1 
ATOM   928  O O   . GLY A 1 108 ? -2.759  7.373   -3.071  1.00 11.87 ? 832  GLY A O   1 
ATOM   929  N N   . GLU A 1 109 ? -4.061  8.174   -1.402  1.00 11.88 ? 833  GLU A N   1 
ATOM   930  C CA  . GLU A 1 109 ? -3.166  7.785   -0.324  1.00 11.50 ? 833  GLU A CA  1 
ATOM   931  C C   . GLU A 1 109 ? -3.957  7.067   0.743   1.00 11.47 ? 833  GLU A C   1 
ATOM   932  O O   . GLU A 1 109 ? -5.109  7.443   1.039   1.00 13.75 ? 833  GLU A O   1 
ATOM   933  C CB  . GLU A 1 109 ? -2.510  9.076   0.296   1.00 12.16 ? 833  GLU A CB  1 
ATOM   934  C CG  . GLU A 1 109 ? -1.614  8.768   1.520   1.00 11.13 ? 833  GLU A CG  1 
ATOM   935  C CD  . GLU A 1 109 ? -0.817  9.920   1.964   1.00 11.86 ? 833  GLU A CD  1 
ATOM   936  O OE1 . GLU A 1 109 ? -0.573  10.784  1.153   1.00 14.81 ? 833  GLU A OE1 1 
ATOM   937  O OE2 . GLU A 1 109 ? -0.453  9.898   3.129   1.00 12.25 ? 833  GLU A OE2 1 
ATOM   938  N N   . ILE A 1 110 ? -3.349  6.050   1.317   1.00 10.81 ? 834  ILE A N   1 
ATOM   939  C CA  . ILE A 1 110 ? -3.836  5.422   2.542   1.00 11.72 ? 834  ILE A CA  1 
ATOM   940  C C   . ILE A 1 110 ? -2.680  5.513   3.546   1.00 10.81 ? 834  ILE A C   1 
ATOM   941  O O   . ILE A 1 110 ? -1.552  5.139   3.248   1.00 12.40 ? 834  ILE A O   1 
ATOM   942  C CB  . ILE A 1 110 ? -4.152  3.938   2.231   1.00 13.43 ? 834  ILE A CB  1 
ATOM   943  C CG1 . ILE A 1 110 ? -5.323  3.856   1.242   1.00 15.19 ? 834  ILE A CG1 1 
ATOM   944  C CG2 . ILE A 1 110 ? -4.411  3.113   3.515   1.00 15.16 ? 834  ILE A CG2 1 
ATOM   945  C CD1 . ILE A 1 110 ? -5.231  2.603   0.399   1.00 15.58 ? 834  ILE A CD1 1 
ATOM   946  N N   . LEU A 1 111 ? -2.917  6.039   4.717   1.00 10.82 ? 835  LEU A N   1 
ATOM   947  C CA  . LEU A 1 111 ? -1.857  6.270   5.739   1.00 11.14 ? 835  LEU A CA  1 
ATOM   948  C C   . LEU A 1 111 ? -2.244  5.440   6.955   1.00 11.80 ? 835  LEU A C   1 
ATOM   949  O O   . LEU A 1 111 ? -3.283  5.744   7.591   1.00 13.96 ? 835  LEU A O   1 
ATOM   950  C CB  . LEU A 1 111 ? -1.747  7.772   6.084   1.00 12.62 ? 835  LEU A CB  1 
ATOM   951  C CG  . LEU A 1 111 ? -0.592  8.145   6.960   1.00 11.04 ? 835  LEU A CG  1 
ATOM   952  C CD1 . LEU A 1 111 ? 0.761   7.850   6.268   1.00 13.22 ? 835  LEU A CD1 1 
ATOM   953  C CD2 . LEU A 1 111 ? -0.720  9.669   7.238   1.00 13.01 ? 835  LEU A CD2 1 
ATOM   954  N N   . ILE A 1 112 ? -1.466  4.414   7.267   1.00 11.44 ? 836  ILE A N   1 
ATOM   955  C CA  . ILE A 1 112 ? -1.864  3.480   8.339   1.00 12.14 ? 836  ILE A CA  1 
ATOM   956  C C   . ILE A 1 112 ? -0.907  3.638   9.489   1.00 11.26 ? 836  ILE A C   1 
ATOM   957  O O   . ILE A 1 112 ? 0.272   3.302   9.378   1.00 12.27 ? 836  ILE A O   1 
ATOM   958  C CB  . ILE A 1 112 ? -1.860  2.028   7.805   1.00 13.06 ? 836  ILE A CB  1 
ATOM   959  C CG1 . ILE A 1 112 ? -2.892  1.859   6.690   1.00 13.37 ? 836  ILE A CG1 1 
ATOM   960  C CG2 . ILE A 1 112 ? -2.144  1.016   8.976   1.00 13.64 ? 836  ILE A CG2 1 
ATOM   961  C CD1 . ILE A 1 112 ? -2.883  0.463   6.090   1.00 13.91 ? 836  ILE A CD1 1 
ATOM   962  N N   . GLU A 1 113 ? -1.377  4.126   10.601  1.00 11.95 ? 837  GLU A N   1 
ATOM   963  C CA  . GLU A 1 113 ? -0.603  4.172   11.859  1.00 11.98 ? 837  GLU A CA  1 
ATOM   964  C C   . GLU A 1 113 ? -0.399  2.754   12.391  1.00 11.19 ? 837  GLU A C   1 
ATOM   965  O O   . GLU A 1 113 ? -1.405  2.022   12.546  1.00 11.64 ? 837  GLU A O   1 
ATOM   966  C CB  . GLU A 1 113 ? -1.323  5.025   12.925  1.00 12.30 ? 837  GLU A CB  1 
ATOM   967  C CG  . GLU A 1 113 ? -1.347  6.501   12.528  1.00 13.90 ? 837  GLU A CG  1 
ATOM   968  C CD  . GLU A 1 113 ? -0.054  7.196   12.784  1.00 19.46 ? 837  GLU A CD  1 
ATOM   969  O OE1 . GLU A 1 113 ? 0.924   6.637   13.300  1.00 18.38 ? 837  GLU A OE1 1 
ATOM   970  O OE2 . GLU A 1 113 ? -0.016  8.384   12.420  1.00 24.35 ? 837  GLU A OE2 1 
ATOM   971  N N   A LEU A 1 114 ? 0.838   2.351   12.663  0.50 10.60 ? 838  LEU A N   1 
ATOM   972  N N   B LEU A 1 114 ? 0.823   2.327   12.677  0.50 11.45 ? 838  LEU A N   1 
ATOM   973  C CA  A LEU A 1 114 ? 1.055   0.974   13.125  0.50 10.71 ? 838  LEU A CA  1 
ATOM   974  C CA  B LEU A 1 114 ? 0.979   0.925   13.109  0.50 12.44 ? 838  LEU A CA  1 
ATOM   975  C C   A LEU A 1 114 ? 0.333   0.652   14.416  0.50 11.83 ? 838  LEU A C   1 
ATOM   976  C C   B LEU A 1 114 ? 0.416   0.620   14.507  0.50 12.81 ? 838  LEU A C   1 
ATOM   977  O O   A LEU A 1 114 ? -0.128  -0.494  14.558  0.50 11.29 ? 838  LEU A O   1 
ATOM   978  O O   B LEU A 1 114 ? 0.132   -0.523  14.835  0.50 12.24 ? 838  LEU A O   1 
ATOM   979  C CB  A LEU A 1 114 ? 2.542   0.641   13.275  0.50 11.71 ? 838  LEU A CB  1 
ATOM   980  C CB  B LEU A 1 114 ? 2.420   0.443   12.937  0.50 13.58 ? 838  LEU A CB  1 
ATOM   981  C CG  A LEU A 1 114 ? 3.188   -0.001  12.045  0.50 10.74 ? 838  LEU A CG  1 
ATOM   982  C CG  B LEU A 1 114 ? 2.635   0.141   11.442  0.50 19.26 ? 838  LEU A CG  1 
ATOM   983  C CD1 A LEU A 1 114 ? 2.561   -1.412  11.893  0.50 12.58 ? 838  LEU A CD1 1 
ATOM   984  C CD1 B LEU A 1 114 ? 4.059   0.246   11.028  0.50 22.33 ? 838  LEU A CD1 1 
ATOM   985  C CD2 A LEU A 1 114 ? 3.012   0.830   10.787  0.50 11.62 ? 838  LEU A CD2 1 
ATOM   986  C CD2 B LEU A 1 114 ? 2.057   -1.193  11.064  0.50 21.56 ? 838  LEU A CD2 1 
ATOM   987  N N   . GLU A 1 115 ? 0.208   1.618   15.337  1.00 12.28 ? 839  GLU A N   1 
ATOM   988  C CA  . GLU A 1 115 ? -0.285  1.294   16.676  1.00 13.15 ? 839  GLU A CA  1 
ATOM   989  C C   . GLU A 1 115 ? -1.703  0.771   16.636  1.00 13.93 ? 839  GLU A C   1 
ATOM   990  O O   . GLU A 1 115 ? -2.065  0.050   17.559  1.00 16.65 ? 839  GLU A O   1 
ATOM   991  C CB  . GLU A 1 115 ? -0.222  2.554   17.545  1.00 15.23 ? 839  GLU A CB  1 
ATOM   992  C CG  . GLU A 1 115 ? -0.673  2.379   19.006  1.00 19.82 ? 839  GLU A CG  1 
ATOM   993  C CD  . GLU A 1 115 ? 0.301   1.611   19.900  1.00 27.75 ? 839  GLU A CD  1 
ATOM   994  O OE1 . GLU A 1 115 ? 1.341   1.037   19.455  1.00 28.35 ? 839  GLU A OE1 1 
ATOM   995  O OE2 . GLU A 1 115 ? 0.028   1.589   21.135  1.00 35.03 ? 839  GLU A OE2 1 
ATOM   996  N N   . THR A 1 116 ? -2.486  1.133   15.643  1.00 12.55 ? 840  THR A N   1 
ATOM   997  C CA  . THR A 1 116 ? -3.819  0.586   15.588  1.00 13.93 ? 840  THR A CA  1 
ATOM   998  C C   . THR A 1 116 ? -4.098  -0.183  14.330  1.00 13.61 ? 840  THR A C   1 
ATOM   999  O O   . THR A 1 116 ? -5.256  -0.393  13.975  1.00 14.08 ? 840  THR A O   1 
ATOM   1000 C CB  . THR A 1 116 ? -4.876  1.711   15.772  1.00 16.03 ? 840  THR A CB  1 
ATOM   1001 O OG1 . THR A 1 116 ? -4.598  2.753   14.837  1.00 14.89 ? 840  THR A OG1 1 
ATOM   1002 C CG2 . THR A 1 116 ? -4.844  2.274   17.263  1.00 17.12 ? 840  THR A CG2 1 
ATOM   1003 N N   . ALA A 1 117 ? -3.069  -0.536  13.580  1.00 12.12 ? 841  ALA A N   1 
ATOM   1004 C CA  . ALA A 1 117 ? -3.241  -1.234  12.326  1.00 12.25 ? 841  ALA A CA  1 
ATOM   1005 C C   . ALA A 1 117 ? -3.849  -2.629  12.541  1.00 10.36 ? 841  ALA A C   1 
ATOM   1006 O O   . ALA A 1 117 ? -3.714  -3.265  13.607  1.00 12.11 ? 841  ALA A O   1 
ATOM   1007 C CB  . ALA A 1 117 ? -1.860  -1.427  11.675  1.00 12.36 ? 841  ALA A CB  1 
ATOM   1008 N N   . LEU A 1 118 ? -4.538  -3.073  11.521  1.00 12.22 ? 842  LEU A N   1 
ATOM   1009 C CA  . LEU A 1 118 ? -5.099  -4.436  11.465  1.00 12.15 ? 842  LEU A CA  1 
ATOM   1010 C C   . LEU A 1 118 ? -4.006  -5.471  11.156  1.00 11.80 ? 842  LEU A C   1 
ATOM   1011 O O   . LEU A 1 118 ? -3.863  -5.907  10.017  1.00 12.88 ? 842  LEU A O   1 
ATOM   1012 C CB  . LEU A 1 118 ? -6.217  -4.495  10.387  1.00 12.81 ? 842  LEU A CB  1 
ATOM   1013 C CG  . LEU A 1 118 ? -7.474  -3.697  10.736  1.00 14.11 ? 842  LEU A CG  1 
ATOM   1014 C CD1 . LEU A 1 118 ? -8.289  -3.403  9.493   1.00 17.98 ? 842  LEU A CD1 1 
ATOM   1015 C CD2 . LEU A 1 118 ? -8.333  -4.436  11.696  1.00 18.73 ? 842  LEU A CD2 1 
ATOM   1016 N N   . LEU A 1 119 ? -3.236  -5.825  12.163  1.00 10.61 ? 843  LEU A N   1 
ATOM   1017 C CA  . LEU A 1 119 ? -2.125  -6.767  11.980  1.00 11.37 ? 843  LEU A CA  1 
ATOM   1018 C C   . LEU A 1 119 ? -2.583  -8.200  12.160  1.00 12.02 ? 843  LEU A C   1 
ATOM   1019 O O   . LEU A 1 119 ? -1.980  -8.944  12.958  1.00 14.65 ? 843  LEU A O   1 
ATOM   1020 C CB  . LEU A 1 119 ? -1.019  -6.403  12.988  1.00 13.16 ? 843  LEU A CB  1 
ATOM   1021 C CG  . LEU A 1 119 ? -0.502  -4.970  12.785  1.00 11.86 ? 843  LEU A CG  1 
ATOM   1022 C CD1 . LEU A 1 119 ? 0.554   -4.647  13.839  1.00 15.98 ? 843  LEU A CD1 1 
ATOM   1023 C CD2 . LEU A 1 119 ? 0.109   -4.777  11.423  1.00 15.48 ? 843  LEU A CD2 1 
ATOM   1024 N N   . ASP A 1 120 ? -3.613  -8.575  11.439  1.00 10.78 ? 844  ASP A N   1 
ATOM   1025 C CA  . ASP A 1 120 ? -4.308  -9.842  11.640  1.00 11.06 ? 844  ASP A CA  1 
ATOM   1026 C C   . ASP A 1 120 ? -4.007  -10.812 10.517  1.00 11.29 ? 844  ASP A C   1 
ATOM   1027 O O   . ASP A 1 120 ? -4.551  -11.902 10.517  1.00 11.62 ? 844  ASP A O   1 
ATOM   1028 C CB  . ASP A 1 120 ? -5.804  -9.567  11.734  1.00 11.35 ? 844  ASP A CB  1 
ATOM   1029 C CG  . ASP A 1 120 ? -6.379  -8.894  10.482  1.00 11.20 ? 844  ASP A CG  1 
ATOM   1030 O OD1 . ASP A 1 120 ? -5.636  -8.710  9.481   1.00 11.72 ? 844  ASP A OD1 1 
ATOM   1031 O OD2 . ASP A 1 120 ? -7.606  -8.629  10.455  1.00 14.87 ? 844  ASP A OD2 1 
ATOM   1032 N N   . ASP A 1 121 ? -3.050  -10.494 9.643   1.00 11.13 ? 845  ASP A N   1 
ATOM   1033 C CA  . ASP A 1 121 ? -2.717  -11.368 8.497   1.00 10.07 ? 845  ASP A CA  1 
ATOM   1034 C C   . ASP A 1 121 ? -3.890  -11.679 7.598   1.00 10.38 ? 845  ASP A C   1 
ATOM   1035 O O   . ASP A 1 121 ? -3.847  -12.759 6.959   1.00 11.94 ? 845  ASP A O   1 
ATOM   1036 C CB  . ASP A 1 121 ? -2.008  -12.666 8.957   1.00 11.36 ? 845  ASP A CB  1 
ATOM   1037 C CG  . ASP A 1 121 ? -1.246  -13.287 7.846   1.00 12.15 ? 845  ASP A CG  1 
ATOM   1038 O OD1 . ASP A 1 121 ? -0.620  -12.571 7.049   1.00 12.15 ? 845  ASP A OD1 1 
ATOM   1039 O OD2 . ASP A 1 121 ? -1.275  -14.539 7.696   1.00 11.52 ? 845  ASP A OD2 1 
ATOM   1040 N N   . GLU A 1 122 ? -4.906  -10.833 7.583   1.00 10.08 ? 846  GLU A N   1 
ATOM   1041 C CA  . GLU A 1 122 ? -6.013  -10.966 6.655   1.00 10.36 ? 846  GLU A CA  1 
ATOM   1042 C C   . GLU A 1 122 ? -6.048  -9.836  5.648   1.00 11.70 ? 846  GLU A C   1 
ATOM   1043 O O   . GLU A 1 122 ? -5.706  -8.717  6.002   1.00 11.83 ? 846  GLU A O   1 
ATOM   1044 C CB  . GLU A 1 122 ? -7.361  -10.953 7.411   1.00 12.27 ? 846  GLU A CB  1 
ATOM   1045 C CG  . GLU A 1 122 ? -7.562  -12.190 8.331   1.00 15.40 ? 846  GLU A CG  1 
ATOM   1046 C CD  . GLU A 1 122 ? -7.915  -13.500 7.609   1.00 18.55 ? 846  GLU A CD  1 
ATOM   1047 O OE1 . GLU A 1 122 ? -7.917  -13.539 6.385   1.00 20.11 ? 846  GLU A OE1 1 
ATOM   1048 O OE2 . GLU A 1 122 ? -8.245  -14.515 8.334   1.00 21.87 ? 846  GLU A OE2 1 
ATOM   1049 N N   . PRO A 1 123 ? -6.544  -10.024 4.448   1.00 12.82 ? 847  PRO A N   1 
ATOM   1050 C CA  . PRO A 1 123 ? -6.743  -8.926  3.533   1.00 12.60 ? 847  PRO A CA  1 
ATOM   1051 C C   . PRO A 1 123 ? -7.921  -8.034  3.972   1.00 11.87 ? 847  PRO A C   1 
ATOM   1052 O O   . PRO A 1 123 ? -8.941  -8.546  4.462   1.00 13.60 ? 847  PRO A O   1 
ATOM   1053 C CB  . PRO A 1 123 ? -7.091  -9.628  2.187   1.00 14.99 ? 847  PRO A CB  1 
ATOM   1054 C CG  . PRO A 1 123 ? -7.673  -10.916 2.644   1.00 19.18 ? 847  PRO A CG  1 
ATOM   1055 C CD  . PRO A 1 123 ? -7.031  -11.321 3.930   1.00 14.94 ? 847  PRO A CD  1 
ATOM   1056 N N   . HIS A 1 124 ? -7.697  -6.721  3.796   1.00 11.90 ? 848  HIS A N   1 
ATOM   1057 C CA  . HIS A 1 124 ? -8.754  -5.758  4.030   1.00 12.91 ? 848  HIS A CA  1 
ATOM   1058 C C   . HIS A 1 124 ? -8.720  -4.713  2.932   1.00 13.47 ? 848  HIS A C   1 
ATOM   1059 O O   . HIS A 1 124 ? -7.658  -4.401  2.406   1.00 13.02 ? 848  HIS A O   1 
ATOM   1060 C CB  . HIS A 1 124 ? -8.511  -5.086  5.395   1.00 13.37 ? 848  HIS A CB  1 
ATOM   1061 C CG  . HIS A 1 124 ? -8.750  -6.003  6.545   1.00 12.99 ? 848  HIS A CG  1 
ATOM   1062 N ND1 . HIS A 1 124 ? -7.804  -6.541  7.389   1.00 14.70 ? 848  HIS A ND1 1 
ATOM   1063 C CD2 . HIS A 1 124 ? -9.934  -6.505  6.940   1.00 12.25 ? 848  HIS A CD2 1 
ATOM   1064 C CE1 . HIS A 1 124 ? -8.410  -7.331  8.275   1.00 10.56 ? 848  HIS A CE1 1 
ATOM   1065 N NE2 . HIS A 1 124 ? -9.690  -7.337  7.998   1.00 17.21 ? 848  HIS A NE2 1 
ATOM   1066 N N   . TRP A 1 125 ? -9.900  -4.142  2.662   1.00 13.75 ? 849  TRP A N   1 
ATOM   1067 C CA  . TRP A 1 125 ? -10.011 -3.055  1.680   1.00 12.51 ? 849  TRP A CA  1 
ATOM   1068 C C   . TRP A 1 125 ? -9.889  -1.698  2.366   1.00 13.97 ? 849  TRP A C   1 
ATOM   1069 O O   . TRP A 1 125 ? -10.442 -1.476  3.471   1.00 14.85 ? 849  TRP A O   1 
ATOM   1070 C CB  . TRP A 1 125 ? -11.393 -3.113  0.995   1.00 13.29 ? 849  TRP A CB  1 
ATOM   1071 C CG  . TRP A 1 125 ? -11.518 -4.260  0.010   1.00 14.37 ? 849  TRP A CG  1 
ATOM   1072 C CD1 . TRP A 1 125 ? -12.218 -5.436  0.168   1.00 18.26 ? 849  TRP A CD1 1 
ATOM   1073 C CD2 . TRP A 1 125 ? -10.916 -4.335  -1.278  1.00 14.84 ? 849  TRP A CD2 1 
ATOM   1074 N NE1 . TRP A 1 125 ? -12.104 -6.211  -0.963  1.00 16.25 ? 849  TRP A NE1 1 
ATOM   1075 C CE2 . TRP A 1 125 ? -11.291 -5.562  -1.858  1.00 16.28 ? 849  TRP A CE2 1 
ATOM   1076 C CE3 . TRP A 1 125 ? -10.113 -3.466  -2.017  1.00 14.35 ? 849  TRP A CE3 1 
ATOM   1077 C CZ2 . TRP A 1 125 ? -10.897 -5.933  -3.166  1.00 15.98 ? 849  TRP A CZ2 1 
ATOM   1078 C CZ3 . TRP A 1 125 ? -9.720  -3.841  -3.332  1.00 14.10 ? 849  TRP A CZ3 1 
ATOM   1079 C CH2 . TRP A 1 125 ? -10.074 -5.070  -3.850  1.00 15.09 ? 849  TRP A CH2 1 
ATOM   1080 N N   . TYR A 1 126 ? -9.169  -0.764  1.738   1.00 12.45 ? 850  TYR A N   1 
ATOM   1081 C CA  . TYR A 1 126 ? -8.996  0.604   2.207   1.00 12.98 ? 850  TYR A CA  1 
ATOM   1082 C C   . TYR A 1 126 ? -9.384  1.583   1.094   1.00 13.64 ? 850  TYR A C   1 
ATOM   1083 O O   . TYR A 1 126 ? -8.914  1.447   -0.040  1.00 13.83 ? 850  TYR A O   1 
ATOM   1084 C CB  . TYR A 1 126 ? -7.505  0.849   2.622   1.00 13.57 ? 850  TYR A CB  1 
ATOM   1085 C CG  . TYR A 1 126 ? -7.040  -0.032  3.774   1.00 12.73 ? 850  TYR A CG  1 
ATOM   1086 C CD1 . TYR A 1 126 ? -6.590  -1.334  3.551   1.00 12.97 ? 850  TYR A CD1 1 
ATOM   1087 C CD2 . TYR A 1 126 ? -7.085  0.454   5.066   1.00 13.55 ? 850  TYR A CD2 1 
ATOM   1088 C CE1 . TYR A 1 126 ? -6.196  -2.133  4.610   1.00 12.23 ? 850  TYR A CE1 1 
ATOM   1089 C CE2 . TYR A 1 126 ? -6.644  -0.347  6.147   1.00 14.15 ? 850  TYR A CE2 1 
ATOM   1090 C CZ  . TYR A 1 126 ? -6.202  -1.632  5.889   1.00 12.02 ? 850  TYR A CZ  1 
ATOM   1091 O OH  . TYR A 1 126 ? -5.757  -2.432  6.939   1.00 13.52 ? 850  TYR A OH  1 
ATOM   1092 N N   . LYS A 1 127 ? -10.104 2.625   1.504   1.00 15.70 ? 851  LYS A N   1 
ATOM   1093 C CA  . LYS A 1 127 ? -10.493 3.650   0.522   1.00 17.19 ? 851  LYS A CA  1 
ATOM   1094 C C   . LYS A 1 127 ? -9.320  4.543   0.227   1.00 16.92 ? 851  LYS A C   1 
ATOM   1095 O O   . LYS A 1 127 ? -8.648  5.029   1.110   1.00 17.46 ? 851  LYS A O   1 
ATOM   1096 C CB  . LYS A 1 127 ? -11.673 4.442   1.066   1.00 18.22 ? 851  LYS A CB  1 
ATOM   1097 C CG  . LYS A 1 127 ? -12.978 3.608   0.898   1.00 22.79 ? 851  LYS A CG  1 
ATOM   1098 C CD  . LYS A 1 127 ? -14.247 4.233   1.449   1.00 24.10 ? 851  LYS A CD  1 
ATOM   1099 C CE  . LYS A 1 127 ? -15.357 3.164   1.491   1.00 27.70 ? 851  LYS A CE  1 
ATOM   1100 N NZ  . LYS A 1 127 ? -16.704 3.736   1.872   1.00 33.26 ? 851  LYS A NZ  1 
ATOM   1101 N N   . LEU A 1 128 ? -9.063  4.757   -1.062  1.00 17.04 ? 852  LEU A N   1 
ATOM   1102 C CA  . LEU A 1 128 ? -8.039  5.748   -1.485  1.00 19.65 ? 852  LEU A CA  1 
ATOM   1103 C C   . LEU A 1 128 ? -8.543  7.169   -1.301  1.00 21.11 ? 852  LEU A C   1 
ATOM   1104 O O   . LEU A 1 128 ? -9.721  7.460   -1.544  1.00 20.02 ? 852  LEU A O   1 
ATOM   1105 C CB  . LEU A 1 128 ? -7.737  5.544   -2.963  1.00 19.85 ? 852  LEU A CB  1 
ATOM   1106 C CG  . LEU A 1 128 ? -6.923  4.286   -3.276  1.00 19.90 ? 852  LEU A CG  1 
ATOM   1107 C CD1 . LEU A 1 128 ? -7.089  3.860   -4.700  1.00 22.93 ? 852  LEU A CD1 1 
ATOM   1108 C CD2 . LEU A 1 128 ? -5.452  4.485   -2.859  1.00 20.19 ? 852  LEU A CD2 1 
ATOM   1109 N N   . GLN A 1 129 ? -7.676  8.046   -0.820  1.00 22.48 ? 853  GLN A N   1 
ATOM   1110 C CA  . GLN A 1 129 ? -8.082  9.427   -0.442  1.00 24.87 ? 853  GLN A CA  1 
ATOM   1111 C C   . GLN A 1 129 ? -7.238  10.332  -1.288  1.00 24.53 ? 853  GLN A C   1 
ATOM   1112 O O   . GLN A 1 129 ? -6.026  10.291  -1.151  1.00 20.85 ? 853  GLN A O   1 
ATOM   1113 C CB  . GLN A 1 129 ? -7.818  9.749   1.047   1.00 26.47 ? 853  GLN A CB  1 
ATOM   1114 C CG  . GLN A 1 129 ? -8.544  8.908   2.097   1.00 32.36 ? 853  GLN A CG  1 
ATOM   1115 C CD  . GLN A 1 129 ? -9.982  9.352   2.301   1.00 38.49 ? 853  GLN A CD  1 
ATOM   1116 O OE1 . GLN A 1 129 ? -10.353 9.761   3.401   1.00 41.07 ? 853  GLN A OE1 1 
ATOM   1117 N NE2 . GLN A 1 129 ? -10.795 9.282   1.240   1.00 39.95 ? 853  GLN A NE2 1 
ATOM   1118 O OXT . GLN A 1 129 ? -7.756  11.143  -2.106  1.00 28.89 ? 853  GLN A OXT 1 
HETATM 1119 S S   . SO4 B 2 .   ? 10.122  -5.305  20.830  1.00 36.96 ? 901  SO4 A S   1 
HETATM 1120 O O1  . SO4 B 2 .   ? 9.420   -4.016  21.070  1.00 25.58 ? 901  SO4 A O1  1 
HETATM 1121 O O2  . SO4 B 2 .   ? 9.661   -6.294  21.778  1.00 39.32 ? 901  SO4 A O2  1 
HETATM 1122 O O3  . SO4 B 2 .   ? 9.894   -5.823  19.486  1.00 28.56 ? 901  SO4 A O3  1 
HETATM 1123 O O4  . SO4 B 2 .   ? 11.570  -5.127  21.039  1.00 38.56 ? 901  SO4 A O4  1 
HETATM 1124 S S   . SO4 C 2 .   ? 11.927  1.652   25.610  1.00 20.31 ? 902  SO4 A S   1 
HETATM 1125 O O1  . SO4 C 2 .   ? 10.788  2.565   25.933  1.00 26.75 ? 902  SO4 A O1  1 
HETATM 1126 O O2  . SO4 C 2 .   ? 11.829  1.072   24.294  1.00 29.09 ? 902  SO4 A O2  1 
HETATM 1127 O O3  . SO4 C 2 .   ? 13.076  2.556   25.347  1.00 29.38 ? 902  SO4 A O3  1 
HETATM 1128 O O4  . SO4 C 2 .   ? 12.151  0.755   26.712  1.00 24.01 ? 902  SO4 A O4  1 
HETATM 1129 O O   . HOH D 3 .   ? 6.404   -8.284  20.961  1.00 35.72 ? 2001 HOH A O   1 
HETATM 1130 O O   . HOH D 3 .   ? -8.504  9.793   -8.020  1.00 38.54 ? 2002 HOH A O   1 
HETATM 1131 O O   . HOH D 3 .   ? -6.939  -8.600  -5.721  1.00 40.82 ? 2003 HOH A O   1 
HETATM 1132 O O   . HOH D 3 .   ? -10.399 -9.807  0.693   1.00 32.58 ? 2004 HOH A O   1 
HETATM 1133 O O   . HOH D 3 .   ? -13.435 -1.222  -12.759 1.00 25.57 ? 2005 HOH A O   1 
HETATM 1134 O O   . HOH D 3 .   ? -0.756  4.837   -22.003 1.00 44.89 ? 2006 HOH A O   1 
HETATM 1135 O O   . HOH D 3 .   ? -6.953  2.668   8.382   0.50 18.17 ? 2007 HOH A O   1 
HETATM 1136 O O   . HOH D 3 .   ? 5.206   8.493   12.192  1.00 43.30 ? 2008 HOH A O   1 
HETATM 1137 O O   . HOH D 3 .   ? -5.565  -11.367 15.099  1.00 37.09 ? 2009 HOH A O   1 
HETATM 1138 O O   . HOH D 3 .   ? -15.355 -8.462  0.302   1.00 79.69 ? 2010 HOH A O   1 
HETATM 1139 O O   . HOH D 3 .   ? -8.199  7.035   -7.436  1.00 23.30 ? 2011 HOH A O   1 
HETATM 1140 O O   . HOH D 3 .   ? -14.371 3.666   -4.357  0.50 24.40 ? 2012 HOH A O   1 
HETATM 1141 O O   . HOH D 3 .   ? -12.041 5.740   -2.353  1.00 33.09 ? 2013 HOH A O   1 
HETATM 1142 O O   . HOH D 3 .   ? -13.450 0.090   2.566   0.50 38.81 ? 2014 HOH A O   1 
HETATM 1143 O O   . HOH D 3 .   ? -14.885 2.267   -4.381  0.50 25.15 ? 2015 HOH A O   1 
HETATM 1144 O O   . HOH D 3 .   ? -8.061  -9.018  -2.386  1.00 35.58 ? 2017 HOH A O   1 
HETATM 1145 O O   . HOH D 3 .   ? -9.429  -7.039  0.954   1.00 20.42 ? 2018 HOH A O   1 
HETATM 1146 O O   . HOH D 3 .   ? 3.885   -11.980 15.721  1.00 20.50 ? 2019 HOH A O   1 
HETATM 1147 O O   . HOH D 3 .   ? 8.181   -13.516 9.350   1.00 26.97 ? 2020 HOH A O   1 
HETATM 1148 O O   . HOH D 3 .   ? 13.921  -13.012 18.697  1.00 31.82 ? 2021 HOH A O   1 
HETATM 1149 O O   . HOH D 3 .   ? 14.561  -11.647 15.803  1.00 23.81 ? 2022 HOH A O   1 
HETATM 1150 O O   . HOH D 3 .   ? 14.615  -11.833 11.649  1.00 28.47 ? 2023 HOH A O   1 
HETATM 1151 O O   . HOH D 3 .   ? 11.287  -8.478  21.117  1.00 28.24 ? 2024 HOH A O   1 
HETATM 1152 O O   . HOH D 3 .   ? 1.092   -9.822  4.564   1.00 16.57 ? 2025 HOH A O   1 
HETATM 1153 O O   . HOH D 3 .   ? -14.841 -3.065  -0.323  1.00 32.39 ? 2026 HOH A O   1 
HETATM 1154 O O   . HOH D 3 .   ? -13.049 -2.851  -10.399 1.00 29.36 ? 2027 HOH A O   1 
HETATM 1155 O O   . HOH D 3 .   ? -13.532 1.522   -12.127 1.00 22.90 ? 2028 HOH A O   1 
HETATM 1156 O O   . HOH D 3 .   ? -13.977 4.692   -14.552 1.00 29.85 ? 2029 HOH A O   1 
HETATM 1157 O O   . HOH D 3 .   ? -11.335 3.206   -18.815 1.00 22.20 ? 2030 HOH A O   1 
HETATM 1158 O O   . HOH D 3 .   ? -7.153  11.963  -16.205 0.50 20.42 ? 2031 HOH A O   1 
HETATM 1159 O O   . HOH D 3 .   ? -12.548 14.549  -20.993 1.00 21.02 ? 2032 HOH A O   1 
HETATM 1160 O O   . HOH D 3 .   ? -4.779  8.606   -21.838 1.00 21.38 ? 2033 HOH A O   1 
HETATM 1161 O O   . HOH D 3 .   ? -7.219  11.982  -20.040 1.00 25.39 ? 2034 HOH A O   1 
HETATM 1162 O O   . HOH D 3 .   ? -10.048 14.510  -21.385 1.00 41.40 ? 2035 HOH A O   1 
HETATM 1163 O O   . HOH D 3 .   ? -10.267 8.909   -25.721 1.00 12.85 ? 2036 HOH A O   1 
HETATM 1164 O O   . HOH D 3 .   ? -5.764  2.594   -23.461 1.00 38.29 ? 2037 HOH A O   1 
HETATM 1165 O O   . HOH D 3 .   ? -7.625  9.464   -26.002 1.00 29.98 ? 2038 HOH A O   1 
HETATM 1166 O O   A HOH D 3 .   ? -3.780  2.941   -19.771 0.50 17.79 ? 2039 HOH A O   1 
HETATM 1167 O O   B HOH D 3 .   ? -4.571  3.421   -21.049 0.50 23.58 ? 2040 HOH A O   1 
HETATM 1168 O O   . HOH D 3 .   ? -0.151  1.457   -21.368 1.00 35.20 ? 2041 HOH A O   1 
HETATM 1169 O O   . HOH D 3 .   ? 6.079   8.036   -7.563  1.00 41.78 ? 2042 HOH A O   1 
HETATM 1170 O O   . HOH D 3 .   ? 5.258   11.001  -3.382  1.00 27.97 ? 2043 HOH A O   1 
HETATM 1171 O O   . HOH D 3 .   ? 9.873   8.509   -3.681  0.50 28.09 ? 2044 HOH A O   1 
HETATM 1172 O O   . HOH D 3 .   ? 13.424  7.667   -1.054  1.00 41.42 ? 2045 HOH A O   1 
HETATM 1173 O O   . HOH D 3 .   ? 14.950  11.434  2.887   1.00 37.53 ? 2046 HOH A O   1 
HETATM 1174 O O   . HOH D 3 .   ? 6.914   10.710  2.508   1.00 29.10 ? 2047 HOH A O   1 
HETATM 1175 O O   . HOH D 3 .   ? 10.032  10.415  -4.150  0.50 26.59 ? 2048 HOH A O   1 
HETATM 1176 O O   . HOH D 3 .   ? 15.815  3.659   -5.205  1.00 39.32 ? 2049 HOH A O   1 
HETATM 1177 O O   . HOH D 3 .   ? 18.651  0.919   0.612   1.00 37.52 ? 2050 HOH A O   1 
HETATM 1178 O O   . HOH D 3 .   ? 12.681  -0.930  7.354   1.00 33.48 ? 2051 HOH A O   1 
HETATM 1179 O O   . HOH D 3 .   ? 13.300  3.486   9.735   1.00 48.05 ? 2052 HOH A O   1 
HETATM 1180 O O   . HOH D 3 .   ? 13.287  1.094   -2.586  1.00 31.34 ? 2053 HOH A O   1 
HETATM 1181 O O   . HOH D 3 .   ? 12.467  6.112   -5.059  1.00 46.97 ? 2054 HOH A O   1 
HETATM 1182 O O   . HOH D 3 .   ? 13.882  3.432   -6.667  1.00 35.27 ? 2055 HOH A O   1 
HETATM 1183 O O   . HOH D 3 .   ? 11.819  2.048   -5.646  1.00 34.91 ? 2056 HOH A O   1 
HETATM 1184 O O   . HOH D 3 .   ? 13.260  -2.898  5.608   1.00 20.27 ? 2057 HOH A O   1 
HETATM 1185 O O   . HOH D 3 .   ? 6.182   0.642   -10.741 1.00 25.93 ? 2058 HOH A O   1 
HETATM 1186 O O   . HOH D 3 .   ? 11.745  5.478   -9.996  1.00 29.43 ? 2059 HOH A O   1 
HETATM 1187 O O   . HOH D 3 .   ? 6.379   -2.459  -14.025 1.00 18.82 ? 2060 HOH A O   1 
HETATM 1188 O O   . HOH D 3 .   ? -10.076 -2.537  -16.086 1.00 22.33 ? 2061 HOH A O   1 
HETATM 1189 O O   . HOH D 3 .   ? -7.420  -7.562  -13.496 1.00 52.91 ? 2062 HOH A O   1 
HETATM 1190 O O   . HOH D 3 .   ? -3.780  -6.846  -13.102 1.00 21.32 ? 2063 HOH A O   1 
HETATM 1191 O O   . HOH D 3 .   ? 3.096   -7.769  -9.505  1.00 29.75 ? 2064 HOH A O   1 
HETATM 1192 O O   . HOH D 3 .   ? -5.149  -10.750 -6.722  1.00 20.02 ? 2065 HOH A O   1 
HETATM 1193 O O   . HOH D 3 .   ? 2.755   -12.306 -2.245  1.00 34.77 ? 2066 HOH A O   1 
HETATM 1194 O O   . HOH D 3 .   ? 8.311   -10.915 -1.232  1.00 28.02 ? 2067 HOH A O   1 
HETATM 1195 O O   . HOH D 3 .   ? 13.452  -6.852  4.134   1.00 26.80 ? 2068 HOH A O   1 
HETATM 1196 O O   . HOH D 3 .   ? 16.934  -7.165  9.175   1.00 37.83 ? 2069 HOH A O   1 
HETATM 1197 O O   . HOH D 3 .   ? 16.549  -2.870  15.103  1.00 22.18 ? 2070 HOH A O   1 
HETATM 1198 O O   . HOH D 3 .   ? 15.644  -7.134  19.629  1.00 16.11 ? 2071 HOH A O   1 
HETATM 1199 O O   . HOH D 3 .   ? 4.832   1.936   20.524  1.00 35.28 ? 2072 HOH A O   1 
HETATM 1200 O O   . HOH D 3 .   ? 11.110  0.052   12.637  1.00 30.33 ? 2073 HOH A O   1 
HETATM 1201 O O   . HOH D 3 .   ? 13.424  2.077   17.571  1.00 32.51 ? 2074 HOH A O   1 
HETATM 1202 O O   . HOH D 3 .   ? 1.269   4.455   15.072  1.00 14.46 ? 2075 HOH A O   1 
HETATM 1203 O O   . HOH D 3 .   ? 11.050  6.448   16.729  1.00 45.88 ? 2076 HOH A O   1 
HETATM 1204 O O   . HOH D 3 .   ? 5.578   10.676  -0.203  1.00 24.46 ? 2077 HOH A O   1 
HETATM 1205 O O   . HOH D 3 .   ? 3.902   6.337   -0.710  1.00 11.42 ? 2078 HOH A O   1 
HETATM 1206 O O   . HOH D 3 .   ? -1.705  9.881   -16.352 1.00 44.77 ? 2079 HOH A O   1 
HETATM 1207 O O   . HOH D 3 .   ? 7.400   6.971   -12.152 1.00 33.29 ? 2080 HOH A O   1 
HETATM 1208 O O   . HOH D 3 .   ? 7.269   0.287   -14.567 1.00 23.44 ? 2081 HOH A O   1 
HETATM 1209 O O   . HOH D 3 .   ? 3.928   14.123  -13.098 1.00 25.97 ? 2082 HOH A O   1 
HETATM 1210 O O   . HOH D 3 .   ? -7.801  12.442  -14.714 0.50 14.00 ? 2083 HOH A O   1 
HETATM 1211 O O   . HOH D 3 .   ? -3.712  7.992   9.215   1.00 22.55 ? 2084 HOH A O   1 
HETATM 1212 O O   . HOH D 3 .   ? -5.731  7.010   5.035   1.00 24.18 ? 2085 HOH A O   1 
HETATM 1213 O O   . HOH D 3 .   ? -6.126  4.571   7.709   0.50 25.96 ? 2086 HOH A O   1 
HETATM 1214 O O   . HOH D 3 .   ? -4.237  4.847   10.836  1.00 17.67 ? 2087 HOH A O   1 
HETATM 1215 O O   . HOH D 3 .   ? 3.229   7.687   13.814  1.00 37.92 ? 2088 HOH A O   1 
HETATM 1216 O O   . HOH D 3 .   ? -1.804  9.392   10.654  1.00 22.11 ? 2089 HOH A O   1 
HETATM 1217 O O   . HOH D 3 .   ? -0.596  5.882   16.533  1.00 30.58 ? 2090 HOH A O   1 
HETATM 1218 O O   . HOH D 3 .   ? -1.730  -2.539  15.510  0.50 19.28 ? 2091 HOH A O   1 
HETATM 1219 O O   . HOH D 3 .   ? -4.211  2.345   12.118  1.00 13.94 ? 2092 HOH A O   1 
HETATM 1220 O O   . HOH D 3 .   ? -3.291  4.872   15.892  1.00 26.20 ? 2093 HOH A O   1 
HETATM 1221 O O   . HOH D 3 .   ? -2.835  -3.041  16.260  0.50 16.18 ? 2094 HOH A O   1 
HETATM 1222 O O   . HOH D 3 .   ? -4.101  -6.397  15.015  1.00 29.18 ? 2095 HOH A O   1 
HETATM 1223 O O   . HOH D 3 .   ? 0.782   -9.168  13.833  1.00 16.01 ? 2096 HOH A O   1 
HETATM 1224 O O   . HOH D 3 .   ? -5.746  -12.944 12.724  1.00 21.66 ? 2097 HOH A O   1 
HETATM 1225 O O   . HOH D 3 .   ? -8.645  -7.833  12.933  0.50 22.01 ? 2098 HOH A O   1 
HETATM 1226 O O   . HOH D 3 .   ? -9.242  -9.412  12.355  0.50 25.84 ? 2099 HOH A O   1 
HETATM 1227 O O   . HOH D 3 .   ? 1.855   -11.778 6.200   1.00 23.95 ? 2100 HOH A O   1 
HETATM 1228 O O   . HOH D 3 .   ? -4.226  -7.024  7.519   1.00 9.14  ? 2101 HOH A O   1 
HETATM 1229 O O   . HOH D 3 .   ? -9.418  -15.989 6.337   1.00 32.38 ? 2102 HOH A O   1 
HETATM 1230 O O   . HOH D 3 .   ? -10.628 -10.488 5.561   1.00 36.68 ? 2103 HOH A O   1 
HETATM 1231 O O   . HOH D 3 .   ? -12.400 -6.816  10.190  1.00 46.15 ? 2104 HOH A O   1 
HETATM 1232 O O   . HOH D 3 .   ? -13.342 -8.884  -1.644  1.00 37.49 ? 2105 HOH A O   1 
HETATM 1233 O O   . HOH D 3 .   ? -4.879  -4.788  6.121   1.00 11.95 ? 2106 HOH A O   1 
HETATM 1234 O O   . HOH D 3 .   ? -4.806  -1.327  9.295   1.00 11.61 ? 2107 HOH A O   1 
HETATM 1235 O O   . HOH D 3 .   ? -10.473 2.811   4.518   1.00 24.81 ? 2108 HOH A O   1 
HETATM 1236 O O   . HOH D 3 .   ? -8.027  5.356   3.801   1.00 31.37 ? 2109 HOH A O   1 
HETATM 1237 O O   . HOH D 3 .   ? 8.357   -7.752  19.004  1.00 31.48 ? 2110 HOH A O   1 
HETATM 1238 O O   . HOH D 3 .   ? 9.706   0.669   28.076  1.00 35.57 ? 2111 HOH A O   1 
# 
loop_
_pdbx_poly_seq_scheme.asym_id 
_pdbx_poly_seq_scheme.entity_id 
_pdbx_poly_seq_scheme.seq_id 
_pdbx_poly_seq_scheme.mon_id 
_pdbx_poly_seq_scheme.ndb_seq_num 
_pdbx_poly_seq_scheme.pdb_seq_num 
_pdbx_poly_seq_scheme.auth_seq_num 
_pdbx_poly_seq_scheme.pdb_mon_id 
_pdbx_poly_seq_scheme.auth_mon_id 
_pdbx_poly_seq_scheme.pdb_strand_id 
_pdbx_poly_seq_scheme.pdb_ins_code 
_pdbx_poly_seq_scheme.hetero 
A 1 1   GLN 1   725 725 GLN GLN A . n 
A 1 2   PHE 2   726 726 PHE PHE A . n 
A 1 3   LEU 3   727 727 LEU LEU A . n 
A 1 4   SER 4   728 728 SER SER A . n 
A 1 5   GLY 5   729 729 GLY GLY A . n 
A 1 6   GLN 6   730 730 GLN GLN A . n 
A 1 7   LEU 7   731 731 LEU LEU A . n 
A 1 8   SER 8   732 732 SER SER A . n 
A 1 9   ILE 9   733 733 ILE ILE A . n 
A 1 10  LYS 10  734 734 LYS LYS A . n 
A 1 11  LEU 11  735 735 LEU LEU A . n 
A 1 12  TRP 12  736 736 TRP TRP A . n 
A 1 13  PHE 13  737 737 PHE PHE A . n 
A 1 14  ASP 14  738 738 ASP ASP A . n 
A 1 15  LYS 15  739 739 LYS LYS A . n 
A 1 16  VAL 16  740 740 VAL VAL A . n 
A 1 17  GLY 17  741 741 GLY GLY A . n 
A 1 18  HIS 18  742 742 HIS HIS A . n 
A 1 19  GLN 19  743 743 GLN GLN A . n 
A 1 20  LEU 20  744 744 LEU LEU A . n 
A 1 21  ILE 21  745 745 ILE ILE A . n 
A 1 22  VAL 22  746 746 VAL VAL A . n 
A 1 23  THR 23  747 747 THR THR A . n 
A 1 24  ILE 24  748 748 ILE ILE A . n 
A 1 25  LEU 25  749 749 LEU LEU A . n 
A 1 26  GLY 26  750 750 GLY GLY A . n 
A 1 27  ALA 27  751 751 ALA ALA A . n 
A 1 28  LYS 28  752 752 LYS LYS A . n 
A 1 29  ASP 29  753 753 ASP ASP A . n 
A 1 30  LEU 30  754 754 LEU LEU A . n 
A 1 31  PRO 31  755 755 PRO PRO A . n 
A 1 32  SER 32  756 756 SER SER A . n 
A 1 33  ARG 33  757 757 ARG ARG A . n 
A 1 34  GLU 34  758 758 GLU GLU A . n 
A 1 35  ASP 35  759 759 ASP ASP A . n 
A 1 36  GLY 36  760 760 GLY GLY A . n 
A 1 37  ARG 37  761 761 ARG ARG A . n 
A 1 38  PRO 38  762 762 PRO PRO A . n 
A 1 39  ARG 39  763 763 ARG ARG A . n 
A 1 40  ASN 40  764 764 ASN ASN A . n 
A 1 41  PRO 41  765 765 PRO PRO A . n 
A 1 42  TYR 42  766 766 TYR TYR A . n 
A 1 43  VAL 43  767 767 VAL VAL A . n 
A 1 44  LYS 44  768 768 LYS LYS A . n 
A 1 45  ILE 45  769 769 ILE ILE A . n 
A 1 46  TYR 46  770 770 TYR TYR A . n 
A 1 47  PHE 47  771 771 PHE PHE A . n 
A 1 48  LEU 48  772 772 LEU LEU A . n 
A 1 49  PRO 49  773 773 PRO PRO A . n 
A 1 50  ASP 50  774 774 ASP ASP A . n 
A 1 51  ARG 51  775 775 ARG ARG A . n 
A 1 52  SER 52  776 776 SER SER A . n 
A 1 53  ASP 53  777 777 ASP ASP A . n 
A 1 54  LYS 54  778 778 LYS LYS A . n 
A 1 55  ASN 55  779 779 ASN ASN A . n 
A 1 56  LYS 56  780 780 LYS LYS A . n 
A 1 57  ARG 57  781 781 ARG ARG A . n 
A 1 58  ARG 58  782 782 ARG ARG A . n 
A 1 59  THR 59  783 783 THR THR A . n 
A 1 60  LYS 60  784 784 LYS LYS A . n 
A 1 61  THR 61  785 785 THR THR A . n 
A 1 62  VAL 62  786 786 VAL VAL A . n 
A 1 63  LYS 63  787 787 LYS LYS A . n 
A 1 64  LYS 64  788 788 LYS LYS A . n 
A 1 65  THR 65  789 789 THR THR A . n 
A 1 66  LEU 66  790 790 LEU LEU A . n 
A 1 67  GLU 67  791 791 GLU GLU A . n 
A 1 68  PRO 68  792 792 PRO PRO A . n 
A 1 69  LYS 69  793 793 LYS LYS A . n 
A 1 70  TRP 70  794 794 TRP TRP A . n 
A 1 71  ASN 71  795 795 ASN ASN A . n 
A 1 72  GLN 72  796 796 GLN GLN A . n 
A 1 73  THR 73  797 797 THR THR A . n 
A 1 74  PHE 74  798 798 PHE PHE A . n 
A 1 75  ILE 75  799 799 ILE ILE A . n 
A 1 76  TYR 76  800 800 TYR TYR A . n 
A 1 77  SER 77  801 801 SER SER A . n 
A 1 78  PRO 78  802 802 PRO PRO A . n 
A 1 79  VAL 79  803 803 VAL VAL A . n 
A 1 80  HIS 80  804 804 HIS HIS A . n 
A 1 81  ARG 81  805 805 ARG ARG A . n 
A 1 82  ARG 82  806 806 ARG ARG A . n 
A 1 83  GLU 83  807 807 GLU GLU A . n 
A 1 84  PHE 84  808 808 PHE PHE A . n 
A 1 85  ARG 85  809 809 ARG ARG A . n 
A 1 86  GLU 86  810 810 GLU GLU A . n 
A 1 87  ARG 87  811 811 ARG ARG A . n 
A 1 88  MET 88  812 812 MET MET A . n 
A 1 89  LEU 89  813 813 LEU LEU A . n 
A 1 90  GLU 90  814 814 GLU GLU A . n 
A 1 91  ILE 91  815 815 ILE ILE A . n 
A 1 92  THR 92  816 816 THR THR A . n 
A 1 93  LEU 93  817 817 LEU LEU A . n 
A 1 94  TRP 94  818 818 TRP TRP A . n 
A 1 95  ASP 95  819 819 ASP ASP A . n 
A 1 96  GLN 96  820 820 GLN GLN A . n 
A 1 97  ALA 97  821 ?   ?   ?   A . n 
A 1 98  ARG 98  822 ?   ?   ?   A . n 
A 1 99  VAL 99  823 ?   ?   ?   A . n 
A 1 100 ARG 100 824 ?   ?   ?   A . n 
A 1 101 GLU 101 825 ?   ?   ?   A . n 
A 1 102 GLU 102 826 ?   ?   ?   A . n 
A 1 103 GLU 103 827 ?   ?   ?   A . n 
A 1 104 SER 104 828 828 SER SER A . n 
A 1 105 GLU 105 829 829 GLU GLU A . n 
A 1 106 PHE 106 830 830 PHE PHE A . n 
A 1 107 LEU 107 831 831 LEU LEU A . n 
A 1 108 GLY 108 832 832 GLY GLY A . n 
A 1 109 GLU 109 833 833 GLU GLU A . n 
A 1 110 ILE 110 834 834 ILE ILE A . n 
A 1 111 LEU 111 835 835 LEU LEU A . n 
A 1 112 ILE 112 836 836 ILE ILE A . n 
A 1 113 GLU 113 837 837 GLU GLU A . n 
A 1 114 LEU 114 838 838 LEU LEU A . n 
A 1 115 GLU 115 839 839 GLU GLU A . n 
A 1 116 THR 116 840 840 THR THR A . n 
A 1 117 ALA 117 841 841 ALA ALA A . n 
A 1 118 LEU 118 842 842 LEU LEU A . n 
A 1 119 LEU 119 843 843 LEU LEU A . n 
A 1 120 ASP 120 844 844 ASP ASP A . n 
A 1 121 ASP 121 845 845 ASP ASP A . n 
A 1 122 GLU 122 846 846 GLU GLU A . n 
A 1 123 PRO 123 847 847 PRO PRO A . n 
A 1 124 HIS 124 848 848 HIS HIS A . n 
A 1 125 TRP 125 849 849 TRP TRP A . n 
A 1 126 TYR 126 850 850 TYR TYR A . n 
A 1 127 LYS 127 851 851 LYS LYS A . n 
A 1 128 LEU 128 852 852 LEU LEU A . n 
A 1 129 GLN 129 853 853 GLN GLN A . n 
# 
loop_
_pdbx_nonpoly_scheme.asym_id 
_pdbx_nonpoly_scheme.entity_id 
_pdbx_nonpoly_scheme.mon_id 
_pdbx_nonpoly_scheme.ndb_seq_num 
_pdbx_nonpoly_scheme.pdb_seq_num 
_pdbx_nonpoly_scheme.auth_seq_num 
_pdbx_nonpoly_scheme.pdb_mon_id 
_pdbx_nonpoly_scheme.auth_mon_id 
_pdbx_nonpoly_scheme.pdb_strand_id 
_pdbx_nonpoly_scheme.pdb_ins_code 
B 2 SO4 1   901  901  SO4 SO4 A . 
C 2 SO4 1   902  902  SO4 SO4 A . 
D 3 HOH 1   2001 2001 HOH HOH A . 
D 3 HOH 2   2002 2002 HOH HOH A . 
D 3 HOH 3   2003 2003 HOH HOH A . 
D 3 HOH 4   2004 2004 HOH HOH A . 
D 3 HOH 5   2005 2005 HOH HOH A . 
D 3 HOH 6   2006 2006 HOH HOH A . 
D 3 HOH 7   2007 2007 HOH HOH A . 
D 3 HOH 8   2008 2008 HOH HOH A . 
D 3 HOH 9   2009 2009 HOH HOH A . 
D 3 HOH 10  2010 2010 HOH HOH A . 
D 3 HOH 11  2011 2011 HOH HOH A . 
D 3 HOH 12  2012 2012 HOH HOH A . 
D 3 HOH 13  2013 2013 HOH HOH A . 
D 3 HOH 14  2014 2014 HOH HOH A . 
D 3 HOH 15  2015 2015 HOH HOH A . 
D 3 HOH 16  2017 2017 HOH HOH A . 
D 3 HOH 17  2018 2018 HOH HOH A . 
D 3 HOH 18  2019 2019 HOH HOH A . 
D 3 HOH 19  2020 2020 HOH HOH A . 
D 3 HOH 20  2021 2021 HOH HOH A . 
D 3 HOH 21  2022 2022 HOH HOH A . 
D 3 HOH 22  2023 2023 HOH HOH A . 
D 3 HOH 23  2024 2024 HOH HOH A . 
D 3 HOH 24  2025 2025 HOH HOH A . 
D 3 HOH 25  2026 2026 HOH HOH A . 
D 3 HOH 26  2027 2027 HOH HOH A . 
D 3 HOH 27  2028 2028 HOH HOH A . 
D 3 HOH 28  2029 2029 HOH HOH A . 
D 3 HOH 29  2030 2030 HOH HOH A . 
D 3 HOH 30  2031 2031 HOH HOH A . 
D 3 HOH 31  2032 2032 HOH HOH A . 
D 3 HOH 32  2033 2033 HOH HOH A . 
D 3 HOH 33  2034 2034 HOH HOH A . 
D 3 HOH 34  2035 2035 HOH HOH A . 
D 3 HOH 35  2036 2036 HOH HOH A . 
D 3 HOH 36  2037 2037 HOH HOH A . 
D 3 HOH 37  2038 2038 HOH HOH A . 
D 3 HOH 38  2039 2039 HOH HOH A . 
D 3 HOH 39  2040 2040 HOH HOH A . 
D 3 HOH 40  2041 2041 HOH HOH A . 
D 3 HOH 41  2042 2042 HOH HOH A . 
D 3 HOH 42  2043 2043 HOH HOH A . 
D 3 HOH 43  2044 2044 HOH HOH A . 
D 3 HOH 44  2045 2045 HOH HOH A . 
D 3 HOH 45  2046 2046 HOH HOH A . 
D 3 HOH 46  2047 2047 HOH HOH A . 
D 3 HOH 47  2048 2048 HOH HOH A . 
D 3 HOH 48  2049 2049 HOH HOH A . 
D 3 HOH 49  2050 2050 HOH HOH A . 
D 3 HOH 50  2051 2051 HOH HOH A . 
D 3 HOH 51  2052 2052 HOH HOH A . 
D 3 HOH 52  2053 2053 HOH HOH A . 
D 3 HOH 53  2054 2054 HOH HOH A . 
D 3 HOH 54  2055 2055 HOH HOH A . 
D 3 HOH 55  2056 2056 HOH HOH A . 
D 3 HOH 56  2057 2057 HOH HOH A . 
D 3 HOH 57  2058 2058 HOH HOH A . 
D 3 HOH 58  2059 2059 HOH HOH A . 
D 3 HOH 59  2060 2060 HOH HOH A . 
D 3 HOH 60  2061 2061 HOH HOH A . 
D 3 HOH 61  2062 2062 HOH HOH A . 
D 3 HOH 62  2063 2063 HOH HOH A . 
D 3 HOH 63  2064 2064 HOH HOH A . 
D 3 HOH 64  2065 2065 HOH HOH A . 
D 3 HOH 65  2066 2066 HOH HOH A . 
D 3 HOH 66  2067 2067 HOH HOH A . 
D 3 HOH 67  2068 2068 HOH HOH A . 
D 3 HOH 68  2069 2069 HOH HOH A . 
D 3 HOH 69  2070 2070 HOH HOH A . 
D 3 HOH 70  2071 2071 HOH HOH A . 
D 3 HOH 71  2072 2072 HOH HOH A . 
D 3 HOH 72  2073 2073 HOH HOH A . 
D 3 HOH 73  2074 2074 HOH HOH A . 
D 3 HOH 74  2075 2075 HOH HOH A . 
D 3 HOH 75  2076 2076 HOH HOH A . 
D 3 HOH 76  2077 2077 HOH HOH A . 
D 3 HOH 77  2078 2078 HOH HOH A . 
D 3 HOH 78  2079 2079 HOH HOH A . 
D 3 HOH 79  2080 2080 HOH HOH A . 
D 3 HOH 80  2081 2081 HOH HOH A . 
D 3 HOH 81  2082 2082 HOH HOH A . 
D 3 HOH 82  2083 2083 HOH HOH A . 
D 3 HOH 83  2084 2084 HOH HOH A . 
D 3 HOH 84  2085 2085 HOH HOH A . 
D 3 HOH 85  2086 2086 HOH HOH A . 
D 3 HOH 86  2087 2087 HOH HOH A . 
D 3 HOH 87  2088 2088 HOH HOH A . 
D 3 HOH 88  2089 2089 HOH HOH A . 
D 3 HOH 89  2090 2090 HOH HOH A . 
D 3 HOH 90  2091 2091 HOH HOH A . 
D 3 HOH 91  2092 2092 HOH HOH A . 
D 3 HOH 92  2093 2093 HOH HOH A . 
D 3 HOH 93  2094 2094 HOH HOH A . 
D 3 HOH 94  2095 2095 HOH HOH A . 
D 3 HOH 95  2096 2096 HOH HOH A . 
D 3 HOH 96  2097 2097 HOH HOH A . 
D 3 HOH 97  2098 2098 HOH HOH A . 
D 3 HOH 98  2099 2099 HOH HOH A . 
D 3 HOH 99  2100 2100 HOH HOH A . 
D 3 HOH 100 2101 2101 HOH HOH A . 
D 3 HOH 101 2102 2102 HOH HOH A . 
D 3 HOH 102 2103 2103 HOH HOH A . 
D 3 HOH 103 2104 2104 HOH HOH A . 
D 3 HOH 104 2105 2105 HOH HOH A . 
D 3 HOH 105 2106 2106 HOH HOH A . 
D 3 HOH 106 2107 2107 HOH HOH A . 
D 3 HOH 107 2108 2108 HOH HOH A . 
D 3 HOH 108 2109 2109 HOH HOH A . 
D 3 HOH 109 2110 2110 HOH HOH A . 
D 3 HOH 110 2111 2111 HOH HOH A . 
# 
_pdbx_struct_assembly.id                   1 
_pdbx_struct_assembly.details              author_and_software_defined_assembly 
_pdbx_struct_assembly.method_details       PQS 
_pdbx_struct_assembly.oligomeric_details   monomeric 
_pdbx_struct_assembly.oligomeric_count     1 
# 
_pdbx_struct_assembly_gen.assembly_id       1 
_pdbx_struct_assembly_gen.oper_expression   1 
_pdbx_struct_assembly_gen.asym_id_list      A,B,C,D 
# 
_pdbx_struct_oper_list.id                   1 
_pdbx_struct_oper_list.type                 'identity operation' 
_pdbx_struct_oper_list.name                 1_555 
_pdbx_struct_oper_list.symmetry_operation   x,y,z 
_pdbx_struct_oper_list.matrix[1][1]         1.0000000000 
_pdbx_struct_oper_list.matrix[1][2]         0.0000000000 
_pdbx_struct_oper_list.matrix[1][3]         0.0000000000 
_pdbx_struct_oper_list.vector[1]            0.0000000000 
_pdbx_struct_oper_list.matrix[2][1]         0.0000000000 
_pdbx_struct_oper_list.matrix[2][2]         1.0000000000 
_pdbx_struct_oper_list.matrix[2][3]         0.0000000000 
_pdbx_struct_oper_list.vector[2]            0.0000000000 
_pdbx_struct_oper_list.matrix[3][1]         0.0000000000 
_pdbx_struct_oper_list.matrix[3][2]         0.0000000000 
_pdbx_struct_oper_list.matrix[3][3]         1.0000000000 
_pdbx_struct_oper_list.vector[3]            0.0000000000 
# 
loop_
_pdbx_audit_revision_history.ordinal 
_pdbx_audit_revision_history.data_content_type 
_pdbx_audit_revision_history.major_revision 
_pdbx_audit_revision_history.minor_revision 
_pdbx_audit_revision_history.revision_date 
1 'Structure model' 1 0 2005-10-20 
2 'Structure model' 1 1 2011-07-13 
3 'Structure model' 1 2 2019-05-08 
4 'Structure model' 1 3 2019-05-15 
5 'Structure model' 1 4 2023-12-13 
# 
_pdbx_audit_revision_details.ordinal             1 
_pdbx_audit_revision_details.revision_ordinal    1 
_pdbx_audit_revision_details.data_content_type   'Structure model' 
_pdbx_audit_revision_details.provider            repository 
_pdbx_audit_revision_details.type                'Initial release' 
_pdbx_audit_revision_details.description         ? 
_pdbx_audit_revision_details.details             ? 
# 
loop_
_pdbx_audit_revision_group.ordinal 
_pdbx_audit_revision_group.revision_ordinal 
_pdbx_audit_revision_group.data_content_type 
_pdbx_audit_revision_group.group 
1  2 'Structure model' Advisory                    
2  2 'Structure model' 'Version format compliance' 
3  3 'Structure model' 'Data collection'           
4  3 'Structure model' 'Experimental preparation'  
5  3 'Structure model' Other                       
6  4 'Structure model' 'Data collection'           
7  4 'Structure model' 'Experimental preparation'  
8  5 'Structure model' 'Data collection'           
9  5 'Structure model' 'Database references'       
10 5 'Structure model' 'Derived calculations'      
11 5 'Structure model' Other                       
12 5 'Structure model' 'Refinement description'    
# 
loop_
_pdbx_audit_revision_category.ordinal 
_pdbx_audit_revision_category.revision_ordinal 
_pdbx_audit_revision_category.data_content_type 
_pdbx_audit_revision_category.category 
1  3 'Structure model' exptl_crystal_grow            
2  3 'Structure model' pdbx_database_proc            
3  3 'Structure model' pdbx_database_status          
4  4 'Structure model' exptl_crystal_grow            
5  5 'Structure model' chem_comp_atom                
6  5 'Structure model' chem_comp_bond                
7  5 'Structure model' database_2                    
8  5 'Structure model' pdbx_database_status          
9  5 'Structure model' pdbx_initial_refinement_model 
10 5 'Structure model' struct_site                   
# 
loop_
_pdbx_audit_revision_item.ordinal 
_pdbx_audit_revision_item.revision_ordinal 
_pdbx_audit_revision_item.data_content_type 
_pdbx_audit_revision_item.item 
1 3 'Structure model' '_exptl_crystal_grow.temp'                    
2 3 'Structure model' '_pdbx_database_status.recvd_author_approval' 
3 4 'Structure model' '_exptl_crystal_grow.method'                  
4 5 'Structure model' '_database_2.pdbx_DOI'                        
5 5 'Structure model' '_database_2.pdbx_database_accession'         
6 5 'Structure model' '_pdbx_database_status.status_code_sf'        
7 5 'Structure model' '_struct_site.pdbx_auth_asym_id'              
8 5 'Structure model' '_struct_site.pdbx_auth_comp_id'              
9 5 'Structure model' '_struct_site.pdbx_auth_seq_id'               
# 
_pdbx_refine_tls.pdbx_refine_id   'X-RAY DIFFRACTION' 
_pdbx_refine_tls.id               1 
_pdbx_refine_tls.details          ? 
_pdbx_refine_tls.method           refined 
_pdbx_refine_tls.origin_x         0.3761 
_pdbx_refine_tls.origin_y         0.0626 
_pdbx_refine_tls.origin_z         0.2945 
_pdbx_refine_tls.T[1][1]          -0.0364 
_pdbx_refine_tls.T[2][2]          -0.0297 
_pdbx_refine_tls.T[3][3]          -0.0244 
_pdbx_refine_tls.T[1][2]          0.0048 
_pdbx_refine_tls.T[1][3]          -0.0031 
_pdbx_refine_tls.T[2][3]          -0.0021 
_pdbx_refine_tls.L[1][1]          0.6850 
_pdbx_refine_tls.L[2][2]          0.8411 
_pdbx_refine_tls.L[3][3]          1.2511 
_pdbx_refine_tls.L[1][2]          0.0865 
_pdbx_refine_tls.L[1][3]          0.2236 
_pdbx_refine_tls.L[2][3]          -0.3262 
_pdbx_refine_tls.S[1][1]          -0.0038 
_pdbx_refine_tls.S[1][2]          0.0828 
_pdbx_refine_tls.S[1][3]          -0.0190 
_pdbx_refine_tls.S[2][1]          -0.0593 
_pdbx_refine_tls.S[2][2]          -0.0042 
_pdbx_refine_tls.S[2][3]          -0.0495 
_pdbx_refine_tls.S[3][1]          -0.0472 
_pdbx_refine_tls.S[3][2]          0.0176 
_pdbx_refine_tls.S[3][3]          0.0079 
# 
_pdbx_refine_tls_group.pdbx_refine_id      'X-RAY DIFFRACTION' 
_pdbx_refine_tls_group.id                  1 
_pdbx_refine_tls_group.refine_tls_id       1 
_pdbx_refine_tls_group.beg_auth_asym_id    A 
_pdbx_refine_tls_group.beg_auth_seq_id     19 
_pdbx_refine_tls_group.beg_label_asym_id   ? 
_pdbx_refine_tls_group.beg_label_seq_id    ? 
_pdbx_refine_tls_group.end_auth_asym_id    A 
_pdbx_refine_tls_group.end_auth_seq_id     146 
_pdbx_refine_tls_group.end_label_asym_id   ? 
_pdbx_refine_tls_group.end_label_seq_id    ? 
_pdbx_refine_tls_group.selection           ? 
_pdbx_refine_tls_group.selection_details   ? 
# 
loop_
_software.name 
_software.classification 
_software.version 
_software.citation_id 
_software.pdbx_ordinal 
REFMAC   refinement       5.2.0003 ? 1 
HKL-2000 'data reduction' .        ? 2 
HKL-2000 'data scaling'   .        ? 3 
AMoRE    phasing          .        ? 4 
# 
loop_
_pdbx_validate_rmsd_angle.id 
_pdbx_validate_rmsd_angle.PDB_model_num 
_pdbx_validate_rmsd_angle.auth_atom_id_1 
_pdbx_validate_rmsd_angle.auth_asym_id_1 
_pdbx_validate_rmsd_angle.auth_comp_id_1 
_pdbx_validate_rmsd_angle.auth_seq_id_1 
_pdbx_validate_rmsd_angle.PDB_ins_code_1 
_pdbx_validate_rmsd_angle.label_alt_id_1 
_pdbx_validate_rmsd_angle.auth_atom_id_2 
_pdbx_validate_rmsd_angle.auth_asym_id_2 
_pdbx_validate_rmsd_angle.auth_comp_id_2 
_pdbx_validate_rmsd_angle.auth_seq_id_2 
_pdbx_validate_rmsd_angle.PDB_ins_code_2 
_pdbx_validate_rmsd_angle.label_alt_id_2 
_pdbx_validate_rmsd_angle.auth_atom_id_3 
_pdbx_validate_rmsd_angle.auth_asym_id_3 
_pdbx_validate_rmsd_angle.auth_comp_id_3 
_pdbx_validate_rmsd_angle.auth_seq_id_3 
_pdbx_validate_rmsd_angle.PDB_ins_code_3 
_pdbx_validate_rmsd_angle.label_alt_id_3 
_pdbx_validate_rmsd_angle.angle_value 
_pdbx_validate_rmsd_angle.angle_target_value 
_pdbx_validate_rmsd_angle.angle_deviation 
_pdbx_validate_rmsd_angle.angle_standard_deviation 
_pdbx_validate_rmsd_angle.linker_flag 
1 1 CB A ASP 759 ? ? CG A ASP 759 ? ? OD1 A ASP 759 ? ? 124.51 118.30 6.21 0.90 N 
2 1 CB A ASP 777 ? ? CG A ASP 777 ? ? OD2 A ASP 777 ? ? 124.13 118.30 5.83 0.90 N 
# 
loop_
_pdbx_validate_torsion.id 
_pdbx_validate_torsion.PDB_model_num 
_pdbx_validate_torsion.auth_comp_id 
_pdbx_validate_torsion.auth_asym_id 
_pdbx_validate_torsion.auth_seq_id 
_pdbx_validate_torsion.PDB_ins_code 
_pdbx_validate_torsion.label_alt_id 
_pdbx_validate_torsion.phi 
_pdbx_validate_torsion.psi 
1 1 LEU A 749 ? A -79.20  -72.43 
2 1 ASN A 764 ? ? -118.52 79.19  
3 1 ASP A 774 ? ? 55.74   94.72  
# 
loop_
_pdbx_unobs_or_zero_occ_residues.id 
_pdbx_unobs_or_zero_occ_residues.PDB_model_num 
_pdbx_unobs_or_zero_occ_residues.polymer_flag 
_pdbx_unobs_or_zero_occ_residues.occupancy_flag 
_pdbx_unobs_or_zero_occ_residues.auth_asym_id 
_pdbx_unobs_or_zero_occ_residues.auth_comp_id 
_pdbx_unobs_or_zero_occ_residues.auth_seq_id 
_pdbx_unobs_or_zero_occ_residues.PDB_ins_code 
_pdbx_unobs_or_zero_occ_residues.label_asym_id 
_pdbx_unobs_or_zero_occ_residues.label_comp_id 
_pdbx_unobs_or_zero_occ_residues.label_seq_id 
1 1 Y 1 A ALA 821 ? A ALA 97  
2 1 Y 1 A ARG 822 ? A ARG 98  
3 1 Y 1 A VAL 823 ? A VAL 99  
4 1 Y 1 A ARG 824 ? A ARG 100 
5 1 Y 1 A GLU 825 ? A GLU 101 
6 1 Y 1 A GLU 826 ? A GLU 102 
7 1 Y 1 A GLU 827 ? A GLU 103 
# 
loop_
_chem_comp_atom.comp_id 
_chem_comp_atom.atom_id 
_chem_comp_atom.type_symbol 
_chem_comp_atom.pdbx_aromatic_flag 
_chem_comp_atom.pdbx_stereo_config 
_chem_comp_atom.pdbx_ordinal 
ALA N    N N N 1   
ALA CA   C N S 2   
ALA C    C N N 3   
ALA O    O N N 4   
ALA CB   C N N 5   
ALA OXT  O N N 6   
ALA H    H N N 7   
ALA H2   H N N 8   
ALA HA   H N N 9   
ALA HB1  H N N 10  
ALA HB2  H N N 11  
ALA HB3  H N N 12  
ALA HXT  H N N 13  
ARG N    N N N 14  
ARG CA   C N S 15  
ARG C    C N N 16  
ARG O    O N N 17  
ARG CB   C N N 18  
ARG CG   C N N 19  
ARG CD   C N N 20  
ARG NE   N N N 21  
ARG CZ   C N N 22  
ARG NH1  N N N 23  
ARG NH2  N N N 24  
ARG OXT  O N N 25  
ARG H    H N N 26  
ARG H2   H N N 27  
ARG HA   H N N 28  
ARG HB2  H N N 29  
ARG HB3  H N N 30  
ARG HG2  H N N 31  
ARG HG3  H N N 32  
ARG HD2  H N N 33  
ARG HD3  H N N 34  
ARG HE   H N N 35  
ARG HH11 H N N 36  
ARG HH12 H N N 37  
ARG HH21 H N N 38  
ARG HH22 H N N 39  
ARG HXT  H N N 40  
ASN N    N N N 41  
ASN CA   C N S 42  
ASN C    C N N 43  
ASN O    O N N 44  
ASN CB   C N N 45  
ASN CG   C N N 46  
ASN OD1  O N N 47  
ASN ND2  N N N 48  
ASN OXT  O N N 49  
ASN H    H N N 50  
ASN H2   H N N 51  
ASN HA   H N N 52  
ASN HB2  H N N 53  
ASN HB3  H N N 54  
ASN HD21 H N N 55  
ASN HD22 H N N 56  
ASN HXT  H N N 57  
ASP N    N N N 58  
ASP CA   C N S 59  
ASP C    C N N 60  
ASP O    O N N 61  
ASP CB   C N N 62  
ASP CG   C N N 63  
ASP OD1  O N N 64  
ASP OD2  O N N 65  
ASP OXT  O N N 66  
ASP H    H N N 67  
ASP H2   H N N 68  
ASP HA   H N N 69  
ASP HB2  H N N 70  
ASP HB3  H N N 71  
ASP HD2  H N N 72  
ASP HXT  H N N 73  
GLN N    N N N 74  
GLN CA   C N S 75  
GLN C    C N N 76  
GLN O    O N N 77  
GLN CB   C N N 78  
GLN CG   C N N 79  
GLN CD   C N N 80  
GLN OE1  O N N 81  
GLN NE2  N N N 82  
GLN OXT  O N N 83  
GLN H    H N N 84  
GLN H2   H N N 85  
GLN HA   H N N 86  
GLN HB2  H N N 87  
GLN HB3  H N N 88  
GLN HG2  H N N 89  
GLN HG3  H N N 90  
GLN HE21 H N N 91  
GLN HE22 H N N 92  
GLN HXT  H N N 93  
GLU N    N N N 94  
GLU CA   C N S 95  
GLU C    C N N 96  
GLU O    O N N 97  
GLU CB   C N N 98  
GLU CG   C N N 99  
GLU CD   C N N 100 
GLU OE1  O N N 101 
GLU OE2  O N N 102 
GLU OXT  O N N 103 
GLU H    H N N 104 
GLU H2   H N N 105 
GLU HA   H N N 106 
GLU HB2  H N N 107 
GLU HB3  H N N 108 
GLU HG2  H N N 109 
GLU HG3  H N N 110 
GLU HE2  H N N 111 
GLU HXT  H N N 112 
GLY N    N N N 113 
GLY CA   C N N 114 
GLY C    C N N 115 
GLY O    O N N 116 
GLY OXT  O N N 117 
GLY H    H N N 118 
GLY H2   H N N 119 
GLY HA2  H N N 120 
GLY HA3  H N N 121 
GLY HXT  H N N 122 
HIS N    N N N 123 
HIS CA   C N S 124 
HIS C    C N N 125 
HIS O    O N N 126 
HIS CB   C N N 127 
HIS CG   C Y N 128 
HIS ND1  N Y N 129 
HIS CD2  C Y N 130 
HIS CE1  C Y N 131 
HIS NE2  N Y N 132 
HIS OXT  O N N 133 
HIS H    H N N 134 
HIS H2   H N N 135 
HIS HA   H N N 136 
HIS HB2  H N N 137 
HIS HB3  H N N 138 
HIS HD1  H N N 139 
HIS HD2  H N N 140 
HIS HE1  H N N 141 
HIS HE2  H N N 142 
HIS HXT  H N N 143 
HOH O    O N N 144 
HOH H1   H N N 145 
HOH H2   H N N 146 
ILE N    N N N 147 
ILE CA   C N S 148 
ILE C    C N N 149 
ILE O    O N N 150 
ILE CB   C N S 151 
ILE CG1  C N N 152 
ILE CG2  C N N 153 
ILE CD1  C N N 154 
ILE OXT  O N N 155 
ILE H    H N N 156 
ILE H2   H N N 157 
ILE HA   H N N 158 
ILE HB   H N N 159 
ILE HG12 H N N 160 
ILE HG13 H N N 161 
ILE HG21 H N N 162 
ILE HG22 H N N 163 
ILE HG23 H N N 164 
ILE HD11 H N N 165 
ILE HD12 H N N 166 
ILE HD13 H N N 167 
ILE HXT  H N N 168 
LEU N    N N N 169 
LEU CA   C N S 170 
LEU C    C N N 171 
LEU O    O N N 172 
LEU CB   C N N 173 
LEU CG   C N N 174 
LEU CD1  C N N 175 
LEU CD2  C N N 176 
LEU OXT  O N N 177 
LEU H    H N N 178 
LEU H2   H N N 179 
LEU HA   H N N 180 
LEU HB2  H N N 181 
LEU HB3  H N N 182 
LEU HG   H N N 183 
LEU HD11 H N N 184 
LEU HD12 H N N 185 
LEU HD13 H N N 186 
LEU HD21 H N N 187 
LEU HD22 H N N 188 
LEU HD23 H N N 189 
LEU HXT  H N N 190 
LYS N    N N N 191 
LYS CA   C N S 192 
LYS C    C N N 193 
LYS O    O N N 194 
LYS CB   C N N 195 
LYS CG   C N N 196 
LYS CD   C N N 197 
LYS CE   C N N 198 
LYS NZ   N N N 199 
LYS OXT  O N N 200 
LYS H    H N N 201 
LYS H2   H N N 202 
LYS HA   H N N 203 
LYS HB2  H N N 204 
LYS HB3  H N N 205 
LYS HG2  H N N 206 
LYS HG3  H N N 207 
LYS HD2  H N N 208 
LYS HD3  H N N 209 
LYS HE2  H N N 210 
LYS HE3  H N N 211 
LYS HZ1  H N N 212 
LYS HZ2  H N N 213 
LYS HZ3  H N N 214 
LYS HXT  H N N 215 
MET N    N N N 216 
MET CA   C N S 217 
MET C    C N N 218 
MET O    O N N 219 
MET CB   C N N 220 
MET CG   C N N 221 
MET SD   S N N 222 
MET CE   C N N 223 
MET OXT  O N N 224 
MET H    H N N 225 
MET H2   H N N 226 
MET HA   H N N 227 
MET HB2  H N N 228 
MET HB3  H N N 229 
MET HG2  H N N 230 
MET HG3  H N N 231 
MET HE1  H N N 232 
MET HE2  H N N 233 
MET HE3  H N N 234 
MET HXT  H N N 235 
PHE N    N N N 236 
PHE CA   C N S 237 
PHE C    C N N 238 
PHE O    O N N 239 
PHE CB   C N N 240 
PHE CG   C Y N 241 
PHE CD1  C Y N 242 
PHE CD2  C Y N 243 
PHE CE1  C Y N 244 
PHE CE2  C Y N 245 
PHE CZ   C Y N 246 
PHE OXT  O N N 247 
PHE H    H N N 248 
PHE H2   H N N 249 
PHE HA   H N N 250 
PHE HB2  H N N 251 
PHE HB3  H N N 252 
PHE HD1  H N N 253 
PHE HD2  H N N 254 
PHE HE1  H N N 255 
PHE HE2  H N N 256 
PHE HZ   H N N 257 
PHE HXT  H N N 258 
PRO N    N N N 259 
PRO CA   C N S 260 
PRO C    C N N 261 
PRO O    O N N 262 
PRO CB   C N N 263 
PRO CG   C N N 264 
PRO CD   C N N 265 
PRO OXT  O N N 266 
PRO H    H N N 267 
PRO HA   H N N 268 
PRO HB2  H N N 269 
PRO HB3  H N N 270 
PRO HG2  H N N 271 
PRO HG3  H N N 272 
PRO HD2  H N N 273 
PRO HD3  H N N 274 
PRO HXT  H N N 275 
SER N    N N N 276 
SER CA   C N S 277 
SER C    C N N 278 
SER O    O N N 279 
SER CB   C N N 280 
SER OG   O N N 281 
SER OXT  O N N 282 
SER H    H N N 283 
SER H2   H N N 284 
SER HA   H N N 285 
SER HB2  H N N 286 
SER HB3  H N N 287 
SER HG   H N N 288 
SER HXT  H N N 289 
SO4 S    S N N 290 
SO4 O1   O N N 291 
SO4 O2   O N N 292 
SO4 O3   O N N 293 
SO4 O4   O N N 294 
THR N    N N N 295 
THR CA   C N S 296 
THR C    C N N 297 
THR O    O N N 298 
THR CB   C N R 299 
THR OG1  O N N 300 
THR CG2  C N N 301 
THR OXT  O N N 302 
THR H    H N N 303 
THR H2   H N N 304 
THR HA   H N N 305 
THR HB   H N N 306 
THR HG1  H N N 307 
THR HG21 H N N 308 
THR HG22 H N N 309 
THR HG23 H N N 310 
THR HXT  H N N 311 
TRP N    N N N 312 
TRP CA   C N S 313 
TRP C    C N N 314 
TRP O    O N N 315 
TRP CB   C N N 316 
TRP CG   C Y N 317 
TRP CD1  C Y N 318 
TRP CD2  C Y N 319 
TRP NE1  N Y N 320 
TRP CE2  C Y N 321 
TRP CE3  C Y N 322 
TRP CZ2  C Y N 323 
TRP CZ3  C Y N 324 
TRP CH2  C Y N 325 
TRP OXT  O N N 326 
TRP H    H N N 327 
TRP H2   H N N 328 
TRP HA   H N N 329 
TRP HB2  H N N 330 
TRP HB3  H N N 331 
TRP HD1  H N N 332 
TRP HE1  H N N 333 
TRP HE3  H N N 334 
TRP HZ2  H N N 335 
TRP HZ3  H N N 336 
TRP HH2  H N N 337 
TRP HXT  H N N 338 
TYR N    N N N 339 
TYR CA   C N S 340 
TYR C    C N N 341 
TYR O    O N N 342 
TYR CB   C N N 343 
TYR CG   C Y N 344 
TYR CD1  C Y N 345 
TYR CD2  C Y N 346 
TYR CE1  C Y N 347 
TYR CE2  C Y N 348 
TYR CZ   C Y N 349 
TYR OH   O N N 350 
TYR OXT  O N N 351 
TYR H    H N N 352 
TYR H2   H N N 353 
TYR HA   H N N 354 
TYR HB2  H N N 355 
TYR HB3  H N N 356 
TYR HD1  H N N 357 
TYR HD2  H N N 358 
TYR HE1  H N N 359 
TYR HE2  H N N 360 
TYR HH   H N N 361 
TYR HXT  H N N 362 
VAL N    N N N 363 
VAL CA   C N S 364 
VAL C    C N N 365 
VAL O    O N N 366 
VAL CB   C N N 367 
VAL CG1  C N N 368 
VAL CG2  C N N 369 
VAL OXT  O N N 370 
VAL H    H N N 371 
VAL H2   H N N 372 
VAL HA   H N N 373 
VAL HB   H N N 374 
VAL HG11 H N N 375 
VAL HG12 H N N 376 
VAL HG13 H N N 377 
VAL HG21 H N N 378 
VAL HG22 H N N 379 
VAL HG23 H N N 380 
VAL HXT  H N N 381 
# 
loop_
_chem_comp_bond.comp_id 
_chem_comp_bond.atom_id_1 
_chem_comp_bond.atom_id_2 
_chem_comp_bond.value_order 
_chem_comp_bond.pdbx_aromatic_flag 
_chem_comp_bond.pdbx_stereo_config 
_chem_comp_bond.pdbx_ordinal 
ALA N   CA   sing N N 1   
ALA N   H    sing N N 2   
ALA N   H2   sing N N 3   
ALA CA  C    sing N N 4   
ALA CA  CB   sing N N 5   
ALA CA  HA   sing N N 6   
ALA C   O    doub N N 7   
ALA C   OXT  sing N N 8   
ALA CB  HB1  sing N N 9   
ALA CB  HB2  sing N N 10  
ALA CB  HB3  sing N N 11  
ALA OXT HXT  sing N N 12  
ARG N   CA   sing N N 13  
ARG N   H    sing N N 14  
ARG N   H2   sing N N 15  
ARG CA  C    sing N N 16  
ARG CA  CB   sing N N 17  
ARG CA  HA   sing N N 18  
ARG C   O    doub N N 19  
ARG C   OXT  sing N N 20  
ARG CB  CG   sing N N 21  
ARG CB  HB2  sing N N 22  
ARG CB  HB3  sing N N 23  
ARG CG  CD   sing N N 24  
ARG CG  HG2  sing N N 25  
ARG CG  HG3  sing N N 26  
ARG CD  NE   sing N N 27  
ARG CD  HD2  sing N N 28  
ARG CD  HD3  sing N N 29  
ARG NE  CZ   sing N N 30  
ARG NE  HE   sing N N 31  
ARG CZ  NH1  sing N N 32  
ARG CZ  NH2  doub N N 33  
ARG NH1 HH11 sing N N 34  
ARG NH1 HH12 sing N N 35  
ARG NH2 HH21 sing N N 36  
ARG NH2 HH22 sing N N 37  
ARG OXT HXT  sing N N 38  
ASN N   CA   sing N N 39  
ASN N   H    sing N N 40  
ASN N   H2   sing N N 41  
ASN CA  C    sing N N 42  
ASN CA  CB   sing N N 43  
ASN CA  HA   sing N N 44  
ASN C   O    doub N N 45  
ASN C   OXT  sing N N 46  
ASN CB  CG   sing N N 47  
ASN CB  HB2  sing N N 48  
ASN CB  HB3  sing N N 49  
ASN CG  OD1  doub N N 50  
ASN CG  ND2  sing N N 51  
ASN ND2 HD21 sing N N 52  
ASN ND2 HD22 sing N N 53  
ASN OXT HXT  sing N N 54  
ASP N   CA   sing N N 55  
ASP N   H    sing N N 56  
ASP N   H2   sing N N 57  
ASP CA  C    sing N N 58  
ASP CA  CB   sing N N 59  
ASP CA  HA   sing N N 60  
ASP C   O    doub N N 61  
ASP C   OXT  sing N N 62  
ASP CB  CG   sing N N 63  
ASP CB  HB2  sing N N 64  
ASP CB  HB3  sing N N 65  
ASP CG  OD1  doub N N 66  
ASP CG  OD2  sing N N 67  
ASP OD2 HD2  sing N N 68  
ASP OXT HXT  sing N N 69  
GLN N   CA   sing N N 70  
GLN N   H    sing N N 71  
GLN N   H2   sing N N 72  
GLN CA  C    sing N N 73  
GLN CA  CB   sing N N 74  
GLN CA  HA   sing N N 75  
GLN C   O    doub N N 76  
GLN C   OXT  sing N N 77  
GLN CB  CG   sing N N 78  
GLN CB  HB2  sing N N 79  
GLN CB  HB3  sing N N 80  
GLN CG  CD   sing N N 81  
GLN CG  HG2  sing N N 82  
GLN CG  HG3  sing N N 83  
GLN CD  OE1  doub N N 84  
GLN CD  NE2  sing N N 85  
GLN NE2 HE21 sing N N 86  
GLN NE2 HE22 sing N N 87  
GLN OXT HXT  sing N N 88  
GLU N   CA   sing N N 89  
GLU N   H    sing N N 90  
GLU N   H2   sing N N 91  
GLU CA  C    sing N N 92  
GLU CA  CB   sing N N 93  
GLU CA  HA   sing N N 94  
GLU C   O    doub N N 95  
GLU C   OXT  sing N N 96  
GLU CB  CG   sing N N 97  
GLU CB  HB2  sing N N 98  
GLU CB  HB3  sing N N 99  
GLU CG  CD   sing N N 100 
GLU CG  HG2  sing N N 101 
GLU CG  HG3  sing N N 102 
GLU CD  OE1  doub N N 103 
GLU CD  OE2  sing N N 104 
GLU OE2 HE2  sing N N 105 
GLU OXT HXT  sing N N 106 
GLY N   CA   sing N N 107 
GLY N   H    sing N N 108 
GLY N   H2   sing N N 109 
GLY CA  C    sing N N 110 
GLY CA  HA2  sing N N 111 
GLY CA  HA3  sing N N 112 
GLY C   O    doub N N 113 
GLY C   OXT  sing N N 114 
GLY OXT HXT  sing N N 115 
HIS N   CA   sing N N 116 
HIS N   H    sing N N 117 
HIS N   H2   sing N N 118 
HIS CA  C    sing N N 119 
HIS CA  CB   sing N N 120 
HIS CA  HA   sing N N 121 
HIS C   O    doub N N 122 
HIS C   OXT  sing N N 123 
HIS CB  CG   sing N N 124 
HIS CB  HB2  sing N N 125 
HIS CB  HB3  sing N N 126 
HIS CG  ND1  sing Y N 127 
HIS CG  CD2  doub Y N 128 
HIS ND1 CE1  doub Y N 129 
HIS ND1 HD1  sing N N 130 
HIS CD2 NE2  sing Y N 131 
HIS CD2 HD2  sing N N 132 
HIS CE1 NE2  sing Y N 133 
HIS CE1 HE1  sing N N 134 
HIS NE2 HE2  sing N N 135 
HIS OXT HXT  sing N N 136 
HOH O   H1   sing N N 137 
HOH O   H2   sing N N 138 
ILE N   CA   sing N N 139 
ILE N   H    sing N N 140 
ILE N   H2   sing N N 141 
ILE CA  C    sing N N 142 
ILE CA  CB   sing N N 143 
ILE CA  HA   sing N N 144 
ILE C   O    doub N N 145 
ILE C   OXT  sing N N 146 
ILE CB  CG1  sing N N 147 
ILE CB  CG2  sing N N 148 
ILE CB  HB   sing N N 149 
ILE CG1 CD1  sing N N 150 
ILE CG1 HG12 sing N N 151 
ILE CG1 HG13 sing N N 152 
ILE CG2 HG21 sing N N 153 
ILE CG2 HG22 sing N N 154 
ILE CG2 HG23 sing N N 155 
ILE CD1 HD11 sing N N 156 
ILE CD1 HD12 sing N N 157 
ILE CD1 HD13 sing N N 158 
ILE OXT HXT  sing N N 159 
LEU N   CA   sing N N 160 
LEU N   H    sing N N 161 
LEU N   H2   sing N N 162 
LEU CA  C    sing N N 163 
LEU CA  CB   sing N N 164 
LEU CA  HA   sing N N 165 
LEU C   O    doub N N 166 
LEU C   OXT  sing N N 167 
LEU CB  CG   sing N N 168 
LEU CB  HB2  sing N N 169 
LEU CB  HB3  sing N N 170 
LEU CG  CD1  sing N N 171 
LEU CG  CD2  sing N N 172 
LEU CG  HG   sing N N 173 
LEU CD1 HD11 sing N N 174 
LEU CD1 HD12 sing N N 175 
LEU CD1 HD13 sing N N 176 
LEU CD2 HD21 sing N N 177 
LEU CD2 HD22 sing N N 178 
LEU CD2 HD23 sing N N 179 
LEU OXT HXT  sing N N 180 
LYS N   CA   sing N N 181 
LYS N   H    sing N N 182 
LYS N   H2   sing N N 183 
LYS CA  C    sing N N 184 
LYS CA  CB   sing N N 185 
LYS CA  HA   sing N N 186 
LYS C   O    doub N N 187 
LYS C   OXT  sing N N 188 
LYS CB  CG   sing N N 189 
LYS CB  HB2  sing N N 190 
LYS CB  HB3  sing N N 191 
LYS CG  CD   sing N N 192 
LYS CG  HG2  sing N N 193 
LYS CG  HG3  sing N N 194 
LYS CD  CE   sing N N 195 
LYS CD  HD2  sing N N 196 
LYS CD  HD3  sing N N 197 
LYS CE  NZ   sing N N 198 
LYS CE  HE2  sing N N 199 
LYS CE  HE3  sing N N 200 
LYS NZ  HZ1  sing N N 201 
LYS NZ  HZ2  sing N N 202 
LYS NZ  HZ3  sing N N 203 
LYS OXT HXT  sing N N 204 
MET N   CA   sing N N 205 
MET N   H    sing N N 206 
MET N   H2   sing N N 207 
MET CA  C    sing N N 208 
MET CA  CB   sing N N 209 
MET CA  HA   sing N N 210 
MET C   O    doub N N 211 
MET C   OXT  sing N N 212 
MET CB  CG   sing N N 213 
MET CB  HB2  sing N N 214 
MET CB  HB3  sing N N 215 
MET CG  SD   sing N N 216 
MET CG  HG2  sing N N 217 
MET CG  HG3  sing N N 218 
MET SD  CE   sing N N 219 
MET CE  HE1  sing N N 220 
MET CE  HE2  sing N N 221 
MET CE  HE3  sing N N 222 
MET OXT HXT  sing N N 223 
PHE N   CA   sing N N 224 
PHE N   H    sing N N 225 
PHE N   H2   sing N N 226 
PHE CA  C    sing N N 227 
PHE CA  CB   sing N N 228 
PHE CA  HA   sing N N 229 
PHE C   O    doub N N 230 
PHE C   OXT  sing N N 231 
PHE CB  CG   sing N N 232 
PHE CB  HB2  sing N N 233 
PHE CB  HB3  sing N N 234 
PHE CG  CD1  doub Y N 235 
PHE CG  CD2  sing Y N 236 
PHE CD1 CE1  sing Y N 237 
PHE CD1 HD1  sing N N 238 
PHE CD2 CE2  doub Y N 239 
PHE CD2 HD2  sing N N 240 
PHE CE1 CZ   doub Y N 241 
PHE CE1 HE1  sing N N 242 
PHE CE2 CZ   sing Y N 243 
PHE CE2 HE2  sing N N 244 
PHE CZ  HZ   sing N N 245 
PHE OXT HXT  sing N N 246 
PRO N   CA   sing N N 247 
PRO N   CD   sing N N 248 
PRO N   H    sing N N 249 
PRO CA  C    sing N N 250 
PRO CA  CB   sing N N 251 
PRO CA  HA   sing N N 252 
PRO C   O    doub N N 253 
PRO C   OXT  sing N N 254 
PRO CB  CG   sing N N 255 
PRO CB  HB2  sing N N 256 
PRO CB  HB3  sing N N 257 
PRO CG  CD   sing N N 258 
PRO CG  HG2  sing N N 259 
PRO CG  HG3  sing N N 260 
PRO CD  HD2  sing N N 261 
PRO CD  HD3  sing N N 262 
PRO OXT HXT  sing N N 263 
SER N   CA   sing N N 264 
SER N   H    sing N N 265 
SER N   H2   sing N N 266 
SER CA  C    sing N N 267 
SER CA  CB   sing N N 268 
SER CA  HA   sing N N 269 
SER C   O    doub N N 270 
SER C   OXT  sing N N 271 
SER CB  OG   sing N N 272 
SER CB  HB2  sing N N 273 
SER CB  HB3  sing N N 274 
SER OG  HG   sing N N 275 
SER OXT HXT  sing N N 276 
SO4 S   O1   doub N N 277 
SO4 S   O2   doub N N 278 
SO4 S   O3   sing N N 279 
SO4 S   O4   sing N N 280 
THR N   CA   sing N N 281 
THR N   H    sing N N 282 
THR N   H2   sing N N 283 
THR CA  C    sing N N 284 
THR CA  CB   sing N N 285 
THR CA  HA   sing N N 286 
THR C   O    doub N N 287 
THR C   OXT  sing N N 288 
THR CB  OG1  sing N N 289 
THR CB  CG2  sing N N 290 
THR CB  HB   sing N N 291 
THR OG1 HG1  sing N N 292 
THR CG2 HG21 sing N N 293 
THR CG2 HG22 sing N N 294 
THR CG2 HG23 sing N N 295 
THR OXT HXT  sing N N 296 
TRP N   CA   sing N N 297 
TRP N   H    sing N N 298 
TRP N   H2   sing N N 299 
TRP CA  C    sing N N 300 
TRP CA  CB   sing N N 301 
TRP CA  HA   sing N N 302 
TRP C   O    doub N N 303 
TRP C   OXT  sing N N 304 
TRP CB  CG   sing N N 305 
TRP CB  HB2  sing N N 306 
TRP CB  HB3  sing N N 307 
TRP CG  CD1  doub Y N 308 
TRP CG  CD2  sing Y N 309 
TRP CD1 NE1  sing Y N 310 
TRP CD1 HD1  sing N N 311 
TRP CD2 CE2  doub Y N 312 
TRP CD2 CE3  sing Y N 313 
TRP NE1 CE2  sing Y N 314 
TRP NE1 HE1  sing N N 315 
TRP CE2 CZ2  sing Y N 316 
TRP CE3 CZ3  doub Y N 317 
TRP CE3 HE3  sing N N 318 
TRP CZ2 CH2  doub Y N 319 
TRP CZ2 HZ2  sing N N 320 
TRP CZ3 CH2  sing Y N 321 
TRP CZ3 HZ3  sing N N 322 
TRP CH2 HH2  sing N N 323 
TRP OXT HXT  sing N N 324 
TYR N   CA   sing N N 325 
TYR N   H    sing N N 326 
TYR N   H2   sing N N 327 
TYR CA  C    sing N N 328 
TYR CA  CB   sing N N 329 
TYR CA  HA   sing N N 330 
TYR C   O    doub N N 331 
TYR C   OXT  sing N N 332 
TYR CB  CG   sing N N 333 
TYR CB  HB2  sing N N 334 
TYR CB  HB3  sing N N 335 
TYR CG  CD1  doub Y N 336 
TYR CG  CD2  sing Y N 337 
TYR CD1 CE1  sing Y N 338 
TYR CD1 HD1  sing N N 339 
TYR CD2 CE2  doub Y N 340 
TYR CD2 HD2  sing N N 341 
TYR CE1 CZ   doub Y N 342 
TYR CE1 HE1  sing N N 343 
TYR CE2 CZ   sing Y N 344 
TYR CE2 HE2  sing N N 345 
TYR CZ  OH   sing N N 346 
TYR OH  HH   sing N N 347 
TYR OXT HXT  sing N N 348 
VAL N   CA   sing N N 349 
VAL N   H    sing N N 350 
VAL N   H2   sing N N 351 
VAL CA  C    sing N N 352 
VAL CA  CB   sing N N 353 
VAL CA  HA   sing N N 354 
VAL C   O    doub N N 355 
VAL C   OXT  sing N N 356 
VAL CB  CG1  sing N N 357 
VAL CB  CG2  sing N N 358 
VAL CB  HB   sing N N 359 
VAL CG1 HG11 sing N N 360 
VAL CG1 HG12 sing N N 361 
VAL CG1 HG13 sing N N 362 
VAL CG2 HG21 sing N N 363 
VAL CG2 HG22 sing N N 364 
VAL CG2 HG23 sing N N 365 
VAL OXT HXT  sing N N 366 
# 
loop_
_pdbx_entity_nonpoly.entity_id 
_pdbx_entity_nonpoly.name 
_pdbx_entity_nonpoly.comp_id 
2 'SULFATE ION' SO4 
3 water         HOH 
# 
_pdbx_initial_refinement_model.id               1 
_pdbx_initial_refinement_model.entity_id_list   ? 
_pdbx_initial_refinement_model.type             'experimental model' 
_pdbx_initial_refinement_model.source_name      PDB 
_pdbx_initial_refinement_model.accession_code   1V27 
_pdbx_initial_refinement_model.details          'PDB ENTRY 1V27' 
# 
